data_4FMC
#
_entry.id   4FMC
#
_cell.length_a   107.566
_cell.length_b   152.707
_cell.length_c   226.706
_cell.angle_alpha   90.00
_cell.angle_beta   90.00
_cell.angle_gamma   90.00
#
_symmetry.space_group_name_H-M   'I 2 2 2'
#
loop_
_entity.id
_entity.type
_entity.pdbx_description
1 polymer ROrf2
2 polymer 'Ras-related protein Rab-1A'
3 polymer 'Ras-related protein Rab-1A'
4 non-polymer 'TRIETHYLENE GLYCOL'
5 non-polymer 'ALUMINUM FLUORIDE'
6 non-polymer "GUANOSINE-5'-DIPHOSPHATE"
7 non-polymer 'MAGNESIUM ION'
8 water water
#
loop_
_entity_poly.entity_id
_entity_poly.type
_entity_poly.pdbx_seq_one_letter_code
_entity_poly.pdbx_strand_id
1 'polypeptide(L)'
;EMSCAEKLLKVLSFGLWNPTYSRSERQSFQELLTVLEPVYPLPNELGRVSARFSDGSSLRISVTNSESIEAEIRTPNNEK
ITVLLESNEQNRLLQSLPIDRHMPYIQVHRALSEMDLTDTTSMRNLLGFTSKLSTTLIPHNAQTDPLSGPTPFSSIFMDT
CRGLGNAKLSLNGVDIPANAQMLLRDALGLKDTHSSPTRNVIDHGISRHDAEQIARESSGSDKQKAEVVEFLCHPEAATA
ICSAFYQSFNVPALTLTHERISKASEYNAERSLDTPNACINISISQSSDGNIYVTSHTGVLIMAPEDRPNEMGMLTNRTS
YEVPQGVKCIIDEMVRALQPRYAASETYLQN
;
A,C,E
2 'polypeptide(L)'
;PEYDYLFKLLLIGDSGVGKSCLLLRFADDTYTESYISTIGVDFKIRTIELDGKTIKLQIWDTAGQERFRTITSSYYRGAH
GIIVVYDVTDQESFNNVKQWLQEIDRYASENVNKLLVGNKCDLTTKKVVDYTTAKEFADSLGIPFLETSAKNATNVEQSF
MTMAAEIKKRM
;
B,D
3 'polypeptide(L)'
;LLLIGDSGVGKSCLLLRFADDTYTESYISTIGVDFKIRTIELDGKTIKLQIWDTAGQERFRTITSSYYRGAHGIIVVYDV
TDQESFNNVKQWLQEIDRYASENVNKLLVGNKCDLTT
;
F
#
loop_
_chem_comp.id
_chem_comp.type
_chem_comp.name
_chem_comp.formula
AF3 non-polymer 'ALUMINUM FLUORIDE' 'Al F3'
GDP RNA linking GUANOSINE-5'-DIPHOSPHATE 'C10 H15 N5 O11 P2'
MG non-polymer 'MAGNESIUM ION' 'Mg 2'
PGE non-polymer 'TRIETHYLENE GLYCOL' 'C6 H14 O4'
#
# COMPACT_ATOMS: atom_id res chain seq x y z
N GLU A 1 -44.67 -25.13 -40.29
CA GLU A 1 -43.76 -24.14 -40.97
C GLU A 1 -43.09 -23.21 -39.94
N MET A 2 -42.00 -23.70 -39.34
CA MET A 2 -41.46 -23.10 -38.12
C MET A 2 -40.65 -21.80 -38.33
N SER A 3 -40.94 -20.84 -37.45
CA SER A 3 -40.38 -19.50 -37.49
C SER A 3 -38.92 -19.49 -37.05
N CYS A 4 -38.22 -18.40 -37.38
CA CYS A 4 -36.85 -18.15 -36.90
C CYS A 4 -36.78 -18.12 -35.39
N ALA A 5 -37.60 -17.31 -34.77
CA ALA A 5 -37.57 -17.18 -33.33
C ALA A 5 -37.84 -18.51 -32.65
N GLU A 6 -38.77 -19.28 -33.20
CA GLU A 6 -39.14 -20.56 -32.63
C GLU A 6 -37.95 -21.51 -32.69
N LYS A 7 -37.26 -21.48 -33.83
CA LYS A 7 -36.11 -22.33 -34.07
C LYS A 7 -35.05 -22.08 -33.04
N LEU A 8 -34.74 -20.81 -32.79
CA LEU A 8 -33.68 -20.46 -31.86
C LEU A 8 -34.03 -20.88 -30.46
N LEU A 9 -35.31 -20.77 -30.12
CA LEU A 9 -35.77 -21.09 -28.79
C LEU A 9 -35.67 -22.58 -28.56
N LYS A 10 -35.86 -23.36 -29.62
CA LYS A 10 -35.70 -24.79 -29.53
C LYS A 10 -34.28 -25.16 -29.25
N VAL A 11 -33.36 -24.52 -29.96
CA VAL A 11 -31.96 -24.82 -29.82
C VAL A 11 -31.49 -24.47 -28.42
N LEU A 12 -31.80 -23.26 -27.98
CA LEU A 12 -31.31 -22.75 -26.72
C LEU A 12 -31.78 -23.66 -25.60
N SER A 13 -32.91 -24.29 -25.85
CA SER A 13 -33.60 -25.07 -24.84
C SER A 13 -32.99 -26.47 -24.72
N PHE A 14 -32.79 -27.10 -25.88
CA PHE A 14 -32.18 -28.39 -25.98
C PHE A 14 -30.71 -28.29 -25.64
N GLY A 15 -30.10 -27.19 -26.06
CA GLY A 15 -28.70 -26.92 -25.80
C GLY A 15 -27.93 -26.58 -27.05
N LEU A 16 -27.42 -25.36 -27.12
CA LEU A 16 -26.60 -24.94 -28.24
C LEU A 16 -25.34 -25.81 -28.41
N TRP A 17 -24.83 -26.36 -27.32
CA TRP A 17 -23.64 -27.20 -27.41
C TRP A 17 -23.96 -28.69 -27.41
N ASN A 18 -25.20 -29.01 -27.71
CA ASN A 18 -25.61 -30.40 -27.64
C ASN A 18 -24.84 -31.30 -28.59
N PRO A 19 -24.29 -32.40 -28.06
CA PRO A 19 -23.49 -33.32 -28.87
C PRO A 19 -24.25 -34.05 -29.99
N THR A 20 -25.57 -33.96 -29.98
CA THR A 20 -26.38 -34.62 -31.00
C THR A 20 -26.70 -33.70 -32.17
N TYR A 21 -25.93 -32.65 -32.37
CA TYR A 21 -26.19 -31.73 -33.46
C TYR A 21 -25.16 -31.88 -34.56
N SER A 22 -25.67 -31.92 -35.79
CA SER A 22 -24.93 -32.44 -36.93
C SER A 22 -23.92 -31.47 -37.49
N ARG A 23 -23.58 -30.42 -36.76
CA ARG A 23 -22.50 -29.53 -37.21
C ARG A 23 -22.89 -28.61 -38.36
N SER A 24 -23.41 -29.18 -39.43
CA SER A 24 -24.09 -28.38 -40.43
C SER A 24 -25.24 -27.67 -39.75
N GLU A 25 -25.75 -28.27 -38.68
CA GLU A 25 -26.80 -27.68 -37.88
C GLU A 25 -26.28 -26.55 -37.00
N ARG A 26 -25.07 -26.68 -36.50
CA ARG A 26 -24.42 -25.62 -35.72
C ARG A 26 -24.21 -24.37 -36.54
N GLN A 27 -24.00 -24.53 -37.84
CA GLN A 27 -24.02 -23.45 -38.81
C GLN A 27 -25.31 -22.67 -38.63
N SER A 28 -26.43 -23.34 -38.89
CA SER A 28 -27.72 -22.72 -38.77
C SER A 28 -27.87 -21.88 -37.50
N PHE A 29 -27.48 -22.46 -36.36
CA PHE A 29 -27.64 -21.80 -35.06
C PHE A 29 -26.92 -20.47 -34.96
N GLN A 30 -25.69 -20.42 -35.48
CA GLN A 30 -24.94 -19.17 -35.52
C GLN A 30 -25.80 -18.07 -36.10
N GLU A 31 -26.22 -18.27 -37.35
CA GLU A 31 -27.02 -17.29 -38.05
C GLU A 31 -28.21 -16.79 -37.22
N LEU A 32 -28.85 -17.67 -36.46
CA LEU A 32 -29.95 -17.29 -35.59
C LEU A 32 -29.42 -16.56 -34.39
N LEU A 33 -28.50 -17.19 -33.68
CA LEU A 33 -27.92 -16.66 -32.44
C LEU A 33 -27.39 -15.24 -32.55
N THR A 34 -26.87 -14.86 -33.69
CA THR A 34 -26.25 -13.55 -33.76
C THR A 34 -27.25 -12.44 -34.00
N VAL A 35 -28.53 -12.78 -34.07
CA VAL A 35 -29.57 -11.78 -34.11
C VAL A 35 -29.87 -11.31 -32.69
N LEU A 36 -29.58 -12.16 -31.71
CA LEU A 36 -29.71 -11.83 -30.30
C LEU A 36 -28.97 -10.55 -29.92
N GLU A 37 -29.61 -9.71 -29.13
CA GLU A 37 -29.07 -8.40 -28.83
C GLU A 37 -29.36 -8.09 -27.39
N PRO A 38 -28.35 -7.60 -26.65
CA PRO A 38 -28.64 -7.12 -25.33
C PRO A 38 -29.39 -5.80 -25.44
N VAL A 39 -30.30 -5.55 -24.50
CA VAL A 39 -31.04 -4.31 -24.48
C VAL A 39 -31.28 -3.92 -23.04
N TYR A 40 -31.86 -2.74 -22.82
CA TYR A 40 -32.08 -2.22 -21.48
C TYR A 40 -32.92 -3.20 -20.65
N PRO A 41 -32.37 -3.66 -19.51
CA PRO A 41 -33.10 -4.52 -18.58
C PRO A 41 -33.96 -3.73 -17.61
N LEU A 42 -35.10 -4.28 -17.21
CA LEU A 42 -35.94 -3.64 -16.20
C LEU A 42 -35.32 -3.82 -14.81
N PRO A 43 -35.91 -3.18 -13.77
CA PRO A 43 -35.31 -3.07 -12.43
C PRO A 43 -34.95 -4.38 -11.72
N ASN A 44 -35.74 -5.43 -11.89
CA ASN A 44 -35.38 -6.70 -11.28
C ASN A 44 -34.81 -7.72 -12.28
N GLU A 45 -34.24 -7.21 -13.37
CA GLU A 45 -33.66 -8.07 -14.37
C GLU A 45 -32.14 -7.92 -14.42
N LEU A 46 -31.49 -9.06 -14.53
CA LEU A 46 -30.05 -9.19 -14.57
C LEU A 46 -29.58 -8.94 -15.99
N GLY A 47 -30.47 -9.15 -16.93
CA GLY A 47 -30.15 -9.05 -18.31
C GLY A 47 -31.41 -9.30 -19.10
N ARG A 48 -31.53 -8.61 -20.22
CA ARG A 48 -32.66 -8.73 -21.09
C ARG A 48 -32.10 -8.81 -22.49
N VAL A 49 -32.64 -9.71 -23.28
CA VAL A 49 -32.11 -9.99 -24.60
C VAL A 49 -33.24 -9.96 -25.61
N SER A 50 -32.94 -9.46 -26.82
CA SER A 50 -33.95 -9.32 -27.89
C SER A 50 -33.39 -9.67 -29.25
N ALA A 51 -34.20 -10.30 -30.08
CA ALA A 51 -33.83 -10.73 -31.42
C ALA A 51 -35.01 -10.56 -32.34
N ARG A 52 -34.85 -9.72 -33.37
CA ARG A 52 -35.89 -9.50 -34.37
C ARG A 52 -35.44 -10.02 -35.72
N PHE A 53 -36.10 -11.06 -36.21
CA PHE A 53 -35.67 -11.78 -37.42
C PHE A 53 -36.28 -11.28 -38.72
N SER A 54 -35.65 -11.63 -39.84
CA SER A 54 -36.10 -11.10 -41.14
C SER A 54 -37.38 -11.76 -41.67
N ASP A 55 -37.89 -12.78 -40.98
CA ASP A 55 -39.20 -13.34 -41.30
C ASP A 55 -40.28 -12.66 -40.47
N GLY A 56 -39.89 -11.63 -39.74
CA GLY A 56 -40.81 -10.86 -38.93
C GLY A 56 -41.22 -11.51 -37.61
N SER A 57 -40.57 -12.62 -37.25
CA SER A 57 -40.70 -13.12 -35.89
C SER A 57 -39.67 -12.46 -34.98
N SER A 58 -40.02 -12.29 -33.71
CA SER A 58 -39.07 -11.75 -32.75
C SER A 58 -39.08 -12.65 -31.53
N LEU A 59 -38.06 -12.51 -30.69
CA LEU A 59 -37.92 -13.30 -29.48
C LEU A 59 -37.42 -12.36 -28.39
N ARG A 60 -37.82 -12.60 -27.15
CA ARG A 60 -37.35 -11.79 -26.04
C ARG A 60 -37.15 -12.67 -24.83
N ILE A 61 -35.94 -12.68 -24.29
CA ILE A 61 -35.65 -13.47 -23.11
C ILE A 61 -35.33 -12.53 -21.98
N SER A 62 -35.94 -12.78 -20.82
CA SER A 62 -35.61 -12.07 -19.59
C SER A 62 -34.90 -13.01 -18.64
N VAL A 63 -33.94 -12.47 -17.90
CA VAL A 63 -33.33 -13.22 -16.82
C VAL A 63 -33.40 -12.36 -15.59
N THR A 64 -34.20 -12.80 -14.62
CA THR A 64 -34.37 -12.05 -13.38
C THR A 64 -33.06 -12.10 -12.59
N ASN A 65 -32.89 -11.20 -11.62
CA ASN A 65 -31.73 -11.29 -10.75
C ASN A 65 -31.63 -12.66 -10.07
N SER A 66 -32.78 -13.29 -9.82
CA SER A 66 -32.83 -14.66 -9.30
C SER A 66 -32.57 -15.76 -10.35
N GLU A 67 -32.33 -15.36 -11.59
CA GLU A 67 -31.96 -16.29 -12.70
C GLU A 67 -33.09 -17.18 -13.21
N SER A 68 -34.31 -16.68 -13.03
CA SER A 68 -35.52 -17.22 -13.62
C SER A 68 -35.67 -16.67 -15.06
N ILE A 69 -35.90 -17.57 -16.01
CA ILE A 69 -35.78 -17.19 -17.40
C ILE A 69 -37.09 -17.35 -18.15
N GLU A 70 -37.60 -16.25 -18.69
CA GLU A 70 -38.73 -16.35 -19.60
C GLU A 70 -38.49 -15.77 -21.00
N ALA A 71 -39.01 -16.49 -21.99
CA ALA A 71 -38.95 -16.07 -23.37
C ALA A 71 -40.31 -15.56 -23.81
N GLU A 72 -40.32 -14.57 -24.69
CA GLU A 72 -41.55 -14.20 -25.36
C GLU A 72 -41.37 -14.27 -26.85
N ILE A 73 -42.17 -15.08 -27.51
CA ILE A 73 -42.11 -15.24 -28.95
C ILE A 73 -43.24 -14.49 -29.62
N ARG A 74 -42.91 -13.73 -30.65
CA ARG A 74 -43.90 -13.16 -31.52
C ARG A 74 -43.69 -13.78 -32.88
N THR A 75 -44.69 -14.51 -33.33
CA THR A 75 -44.66 -15.09 -34.65
C THR A 75 -44.93 -13.97 -35.65
N PRO A 76 -44.60 -14.21 -36.93
CA PRO A 76 -44.79 -13.13 -37.90
C PRO A 76 -46.23 -12.60 -37.88
N ASN A 77 -47.20 -13.51 -37.75
CA ASN A 77 -48.64 -13.18 -37.56
C ASN A 77 -48.96 -12.33 -36.32
N ASN A 78 -47.93 -11.92 -35.58
CA ASN A 78 -48.06 -11.20 -34.30
C ASN A 78 -48.77 -11.91 -33.12
N GLU A 79 -48.90 -13.24 -33.16
CA GLU A 79 -49.32 -14.00 -31.98
C GLU A 79 -48.18 -13.94 -30.96
N LYS A 80 -48.54 -13.87 -29.69
CA LYS A 80 -47.60 -13.88 -28.58
C LYS A 80 -47.79 -15.16 -27.76
N ILE A 81 -46.73 -15.97 -27.63
CA ILE A 81 -46.69 -16.98 -26.57
C ILE A 81 -45.53 -16.67 -25.63
N THR A 82 -45.72 -16.96 -24.34
CA THR A 82 -44.71 -16.69 -23.34
C THR A 82 -44.24 -18.01 -22.78
N VAL A 83 -42.94 -18.28 -22.90
CA VAL A 83 -42.41 -19.57 -22.53
C VAL A 83 -41.52 -19.42 -21.29
N LEU A 84 -41.67 -20.35 -20.36
CA LEU A 84 -40.85 -20.41 -19.17
C LEU A 84 -39.78 -21.48 -19.36
N LEU A 85 -38.52 -21.06 -19.32
CA LEU A 85 -37.37 -21.90 -19.67
C LEU A 85 -36.57 -22.29 -18.45
N GLU A 86 -35.89 -23.42 -18.53
CA GLU A 86 -34.98 -23.81 -17.44
C GLU A 86 -33.57 -23.98 -17.94
N SER A 87 -32.60 -23.47 -17.20
CA SER A 87 -31.21 -23.71 -17.53
C SER A 87 -30.59 -24.72 -16.59
N ASN A 88 -29.94 -25.71 -17.18
CA ASN A 88 -29.31 -26.79 -16.43
C ASN A 88 -28.01 -27.23 -17.13
N GLU A 89 -27.36 -28.26 -16.62
CA GLU A 89 -26.06 -28.66 -17.14
C GLU A 89 -26.06 -29.29 -18.53
N GLN A 90 -27.23 -29.70 -19.03
CA GLN A 90 -27.34 -30.29 -20.39
C GLN A 90 -27.55 -29.27 -21.52
N ASN A 91 -28.32 -28.23 -21.27
CA ASN A 91 -28.56 -27.23 -22.30
C ASN A 91 -27.59 -26.09 -22.23
N ARG A 92 -27.20 -25.75 -20.99
CA ARG A 92 -26.35 -24.60 -20.71
C ARG A 92 -27.00 -23.34 -21.31
N LEU A 93 -28.22 -23.04 -20.87
CA LEU A 93 -29.02 -22.03 -21.53
C LEU A 93 -28.45 -20.71 -21.16
N LEU A 94 -28.20 -20.57 -19.86
CA LEU A 94 -27.75 -19.32 -19.34
C LEU A 94 -26.34 -18.99 -19.84
N GLN A 95 -25.49 -19.99 -20.07
CA GLN A 95 -24.20 -19.75 -20.70
C GLN A 95 -24.36 -19.19 -22.11
N SER A 96 -25.51 -19.41 -22.75
CA SER A 96 -25.56 -19.07 -24.16
C SER A 96 -26.42 -17.88 -24.51
N LEU A 97 -26.45 -16.88 -23.65
CA LEU A 97 -27.14 -15.63 -23.92
C LEU A 97 -26.14 -14.52 -23.57
N PRO A 98 -26.18 -13.36 -24.25
CA PRO A 98 -25.38 -12.20 -23.86
C PRO A 98 -25.75 -11.59 -22.49
N ILE A 99 -25.42 -12.30 -21.42
CA ILE A 99 -25.77 -11.86 -20.09
C ILE A 99 -24.58 -11.95 -19.17
N ASP A 100 -24.51 -11.02 -18.23
CA ASP A 100 -23.49 -11.05 -17.20
C ASP A 100 -24.09 -11.70 -16.01
N ARG A 101 -23.32 -12.56 -15.37
CA ARG A 101 -23.79 -13.22 -14.17
C ARG A 101 -22.80 -13.06 -13.01
N HIS A 102 -23.32 -13.17 -11.78
CA HIS A 102 -22.53 -13.11 -10.56
C HIS A 102 -22.02 -14.49 -10.17
N MET A 103 -21.23 -15.11 -11.02
CA MET A 103 -20.58 -16.41 -10.77
C MET A 103 -19.26 -16.28 -9.98
N PRO A 104 -18.84 -17.34 -9.24
CA PRO A 104 -17.58 -17.36 -8.53
C PRO A 104 -16.39 -17.65 -9.45
N TYR A 105 -16.69 -17.89 -10.73
CA TYR A 105 -15.64 -18.12 -11.71
C TYR A 105 -15.88 -17.45 -13.06
N ILE A 106 -14.78 -17.04 -13.70
CA ILE A 106 -14.85 -16.53 -15.05
C ILE A 106 -15.38 -17.65 -15.93
N GLN A 107 -16.33 -17.37 -16.80
CA GLN A 107 -16.93 -18.42 -17.58
C GLN A 107 -16.10 -18.83 -18.76
N VAL A 108 -16.00 -20.13 -19.00
CA VAL A 108 -15.32 -20.68 -20.16
C VAL A 108 -16.28 -21.28 -21.16
N HIS A 109 -16.15 -20.90 -22.42
CA HIS A 109 -16.90 -21.54 -23.49
C HIS A 109 -16.03 -22.26 -24.53
N ARG A 110 -16.68 -23.10 -25.32
CA ARG A 110 -16.00 -23.74 -26.43
C ARG A 110 -16.57 -23.25 -27.73
N ALA A 111 -15.72 -22.67 -28.56
CA ALA A 111 -16.12 -22.14 -29.87
C ALA A 111 -16.60 -23.32 -30.64
N LEU A 112 -17.77 -23.17 -31.29
CA LEU A 112 -18.34 -24.25 -32.08
C LEU A 112 -18.07 -24.05 -33.57
N SER A 113 -17.22 -24.88 -34.14
CA SER A 113 -16.88 -24.80 -35.55
C SER A 113 -15.36 -24.78 -35.75
N GLU A 114 -14.94 -24.75 -37.01
CA GLU A 114 -13.53 -24.72 -37.35
C GLU A 114 -12.95 -23.31 -37.24
N MET A 115 -13.57 -22.49 -36.41
CA MET A 115 -13.13 -21.10 -36.21
C MET A 115 -11.66 -21.21 -35.81
N ASP A 116 -10.78 -21.11 -36.80
CA ASP A 116 -9.34 -21.01 -36.53
C ASP A 116 -8.96 -19.66 -35.90
N LEU A 117 -7.65 -19.40 -35.70
CA LEU A 117 -7.18 -18.04 -35.28
C LEU A 117 -5.94 -17.50 -36.02
N THR A 118 -5.98 -17.58 -37.35
CA THR A 118 -4.86 -17.19 -38.20
C THR A 118 -4.81 -15.69 -38.43
N ASP A 119 -5.97 -15.04 -38.60
CA ASP A 119 -5.98 -13.64 -39.08
C ASP A 119 -7.08 -12.74 -38.51
N THR A 120 -7.22 -11.57 -39.13
CA THR A 120 -8.18 -10.56 -38.73
C THR A 120 -9.61 -11.06 -38.82
N THR A 121 -9.91 -11.79 -39.89
CA THR A 121 -11.27 -12.23 -40.13
C THR A 121 -11.67 -13.24 -39.08
N SER A 122 -10.82 -14.23 -38.84
CA SER A 122 -11.16 -15.27 -37.89
C SER A 122 -11.39 -14.71 -36.49
N MET A 123 -10.51 -13.80 -36.08
CA MET A 123 -10.66 -13.15 -34.81
C MET A 123 -11.98 -12.39 -34.69
N ARG A 124 -12.28 -11.52 -35.66
CA ARG A 124 -13.57 -10.81 -35.61
C ARG A 124 -14.68 -11.84 -35.49
N ASN A 125 -14.59 -12.90 -36.31
CA ASN A 125 -15.61 -13.93 -36.35
C ASN A 125 -15.74 -14.60 -35.00
N LEU A 126 -14.62 -14.78 -34.31
CA LEU A 126 -14.69 -15.34 -32.99
C LEU A 126 -15.45 -14.37 -32.06
N LEU A 127 -15.01 -13.13 -31.99
CA LEU A 127 -15.66 -12.17 -31.09
C LEU A 127 -17.15 -12.08 -31.43
N GLY A 128 -17.46 -12.23 -32.72
CA GLY A 128 -18.82 -12.20 -33.20
C GLY A 128 -19.69 -13.28 -32.58
N PHE A 129 -19.06 -14.37 -32.13
CA PHE A 129 -19.75 -15.47 -31.49
C PHE A 129 -19.74 -15.28 -29.96
N THR A 130 -18.56 -14.98 -29.41
CA THR A 130 -18.43 -14.94 -27.98
C THR A 130 -19.26 -13.83 -27.44
N SER A 131 -19.39 -12.74 -28.17
CA SER A 131 -20.19 -11.66 -27.60
C SER A 131 -21.70 -11.96 -27.62
N LYS A 132 -22.10 -13.18 -27.98
CA LYS A 132 -23.47 -13.62 -27.74
C LYS A 132 -23.57 -14.61 -26.53
N LEU A 133 -22.42 -14.98 -25.96
CA LEU A 133 -22.38 -15.90 -24.86
C LEU A 133 -22.23 -15.13 -23.57
N SER A 134 -22.40 -15.80 -22.41
CA SER A 134 -22.42 -15.14 -21.12
C SER A 134 -21.03 -14.78 -20.64
N THR A 135 -21.01 -13.90 -19.63
CA THR A 135 -19.77 -13.42 -19.06
C THR A 135 -19.95 -13.30 -17.55
N THR A 136 -18.84 -13.35 -16.80
CA THR A 136 -18.83 -13.31 -15.35
C THR A 136 -18.39 -11.94 -14.89
N LEU A 137 -19.21 -11.27 -14.06
CA LEU A 137 -18.89 -9.90 -13.57
C LEU A 137 -17.64 -9.87 -12.71
N ILE A 138 -16.86 -8.80 -12.84
CA ILE A 138 -15.61 -8.64 -12.13
C ILE A 138 -15.67 -7.32 -11.43
N PRO A 139 -15.32 -7.29 -10.15
CA PRO A 139 -15.36 -6.01 -9.46
C PRO A 139 -14.07 -5.28 -9.70
N HIS A 140 -14.05 -3.99 -9.37
CA HIS A 140 -12.84 -3.22 -9.43
C HIS A 140 -12.60 -2.62 -8.07
N ASN A 141 -11.41 -2.08 -7.85
CA ASN A 141 -11.19 -1.13 -6.79
C ASN A 141 -10.68 0.18 -7.35
N ALA A 142 -10.32 1.14 -6.51
CA ALA A 142 -9.98 2.45 -7.02
C ALA A 142 -8.80 2.43 -8.01
N GLN A 143 -7.94 1.42 -7.93
CA GLN A 143 -6.78 1.34 -8.78
C GLN A 143 -7.17 0.80 -10.18
N THR A 144 -8.04 -0.20 -10.24
CA THR A 144 -8.48 -0.74 -11.54
C THR A 144 -9.74 -0.12 -12.12
N ASP A 145 -10.47 0.68 -11.35
CA ASP A 145 -11.76 1.25 -11.77
C ASP A 145 -11.60 2.17 -12.95
N PRO A 146 -12.05 1.75 -14.15
CA PRO A 146 -11.76 2.53 -15.37
C PRO A 146 -12.18 3.99 -15.34
N LEU A 147 -13.13 4.34 -14.46
CA LEU A 147 -13.59 5.74 -14.28
C LEU A 147 -12.98 6.53 -13.09
N SER A 148 -12.07 5.93 -12.35
CA SER A 148 -11.39 6.66 -11.31
C SER A 148 -9.99 7.10 -11.82
N GLY A 149 -9.17 7.69 -10.97
CA GLY A 149 -7.88 8.24 -11.38
C GLY A 149 -7.93 9.69 -11.84
N PRO A 150 -6.78 10.28 -12.23
CA PRO A 150 -6.75 11.72 -12.54
C PRO A 150 -7.41 12.08 -13.86
N THR A 151 -7.46 11.14 -14.81
CA THR A 151 -8.01 11.47 -16.13
C THR A 151 -8.86 10.36 -16.70
N PRO A 152 -10.03 10.12 -16.11
CA PRO A 152 -10.97 9.15 -16.66
C PRO A 152 -11.45 9.61 -18.03
N PHE A 153 -11.55 8.70 -18.98
CA PHE A 153 -12.07 9.00 -20.34
C PHE A 153 -11.21 9.92 -21.26
N SER A 154 -9.96 10.18 -20.89
CA SER A 154 -9.17 11.12 -21.66
C SER A 154 -9.10 10.70 -23.12
N SER A 155 -9.18 9.40 -23.35
CA SER A 155 -8.83 8.86 -24.65
C SER A 155 -10.00 8.57 -25.58
N ILE A 156 -11.23 8.75 -25.11
CA ILE A 156 -12.41 8.36 -25.90
C ILE A 156 -12.50 8.83 -27.34
N PHE A 157 -12.13 10.08 -27.60
CA PHE A 157 -12.33 10.60 -28.95
C PHE A 157 -11.31 10.01 -29.88
N MET A 158 -10.12 9.75 -29.35
CA MET A 158 -9.10 9.03 -30.06
C MET A 158 -9.57 7.59 -30.23
N ASP A 159 -10.08 7.03 -29.15
CA ASP A 159 -10.58 5.68 -29.17
C ASP A 159 -11.70 5.53 -30.17
N THR A 160 -12.49 6.58 -30.36
CA THR A 160 -13.59 6.50 -31.28
C THR A 160 -13.18 6.59 -32.75
N CYS A 161 -12.22 7.46 -33.03
CA CYS A 161 -11.64 7.61 -34.36
C CYS A 161 -10.98 6.33 -34.86
N ARG A 162 -10.25 5.68 -33.97
CA ARG A 162 -9.60 4.46 -34.35
C ARG A 162 -10.59 3.30 -34.38
N GLY A 163 -11.70 3.40 -33.66
CA GLY A 163 -12.63 2.27 -33.57
C GLY A 163 -13.63 2.21 -34.70
N LEU A 164 -14.28 3.34 -34.97
CA LEU A 164 -15.19 3.47 -36.10
C LEU A 164 -14.53 3.12 -37.43
N GLY A 165 -15.21 2.30 -38.22
CA GLY A 165 -14.65 1.75 -39.45
C GLY A 165 -13.82 0.49 -39.23
N ASN A 166 -13.47 0.20 -37.98
CA ASN A 166 -12.77 -1.02 -37.67
C ASN A 166 -13.56 -1.89 -36.70
N ALA A 167 -14.81 -1.52 -36.44
CA ALA A 167 -15.60 -2.26 -35.47
C ALA A 167 -16.72 -3.07 -36.11
N LYS A 168 -17.30 -3.96 -35.31
CA LYS A 168 -18.62 -4.50 -35.58
C LYS A 168 -19.53 -3.65 -34.71
N LEU A 169 -20.47 -2.94 -35.34
CA LEU A 169 -21.38 -2.05 -34.63
C LEU A 169 -22.84 -2.30 -34.98
N SER A 170 -23.69 -2.28 -33.96
CA SER A 170 -25.06 -2.58 -34.17
C SER A 170 -25.89 -1.57 -33.41
N LEU A 171 -26.78 -0.89 -34.12
CA LEU A 171 -27.72 0.04 -33.50
C LEU A 171 -29.18 -0.37 -33.63
N ASN A 172 -29.84 -0.66 -32.51
CA ASN A 172 -31.11 -1.39 -32.54
C ASN A 172 -31.07 -2.64 -33.44
N GLY A 173 -30.03 -3.46 -33.34
CA GLY A 173 -29.98 -4.70 -34.14
C GLY A 173 -29.68 -4.49 -35.61
N VAL A 174 -29.43 -3.24 -35.98
CA VAL A 174 -29.13 -2.86 -37.35
C VAL A 174 -27.63 -2.72 -37.50
N ASP A 175 -27.07 -3.45 -38.46
CA ASP A 175 -25.65 -3.56 -38.62
C ASP A 175 -25.13 -2.31 -39.30
N ILE A 176 -24.12 -1.67 -38.72
CA ILE A 176 -23.59 -0.45 -39.30
C ILE A 176 -22.23 -0.73 -39.91
N PRO A 177 -22.18 -1.06 -41.22
CA PRO A 177 -20.92 -1.44 -41.86
C PRO A 177 -19.88 -0.33 -41.84
N ALA A 178 -18.66 -0.70 -42.17
CA ALA A 178 -17.51 0.20 -42.21
C ALA A 178 -17.77 1.53 -42.94
N ASN A 179 -18.37 1.51 -44.14
CA ASN A 179 -18.69 2.76 -44.88
C ASN A 179 -19.51 3.68 -44.02
N ALA A 180 -20.59 3.11 -43.48
CA ALA A 180 -21.56 3.85 -42.68
C ALA A 180 -20.92 4.28 -41.37
N GLN A 181 -20.03 3.46 -40.82
CA GLN A 181 -19.26 3.85 -39.66
C GLN A 181 -18.44 5.10 -39.93
N MET A 182 -17.93 5.23 -41.15
CA MET A 182 -17.06 6.34 -41.53
C MET A 182 -17.88 7.61 -41.62
N LEU A 183 -19.07 7.48 -42.19
CA LEU A 183 -19.99 8.60 -42.24
C LEU A 183 -20.27 9.06 -40.82
N LEU A 184 -20.41 8.10 -39.90
CA LEU A 184 -20.70 8.38 -38.51
C LEU A 184 -19.54 9.11 -37.86
N ARG A 185 -18.32 8.66 -38.14
CA ARG A 185 -17.12 9.37 -37.73
C ARG A 185 -17.17 10.84 -38.16
N ASP A 186 -17.46 11.08 -39.44
CA ASP A 186 -17.67 12.45 -39.92
C ASP A 186 -18.80 13.19 -39.22
N ALA A 187 -19.98 12.58 -39.17
CA ALA A 187 -21.15 13.21 -38.60
C ALA A 187 -20.97 13.68 -37.15
N LEU A 188 -20.06 13.04 -36.42
CA LEU A 188 -19.80 13.44 -35.04
C LEU A 188 -18.79 14.59 -35.01
N GLY A 189 -18.21 14.86 -36.17
CA GLY A 189 -17.20 15.88 -36.28
C GLY A 189 -15.83 15.37 -35.90
N LEU A 190 -15.67 14.06 -35.82
CA LEU A 190 -14.36 13.48 -35.56
C LEU A 190 -13.64 13.14 -36.85
N LYS A 191 -13.57 14.11 -37.75
CA LYS A 191 -12.86 13.94 -39.03
C LYS A 191 -11.42 13.50 -38.80
N ASP A 192 -10.72 14.16 -37.88
CA ASP A 192 -9.37 13.73 -37.51
C ASP A 192 -9.27 13.37 -36.04
N THR A 193 -8.24 12.57 -35.74
CA THR A 193 -8.02 11.96 -34.44
C THR A 193 -7.72 12.92 -33.27
N HIS A 194 -7.65 14.22 -33.53
CA HIS A 194 -7.29 15.17 -32.48
C HIS A 194 -8.46 16.01 -32.00
N SER A 195 -9.52 16.06 -32.79
CA SER A 195 -10.64 16.93 -32.48
C SER A 195 -11.67 16.29 -31.56
N SER A 196 -12.50 17.11 -30.94
CA SER A 196 -13.64 16.67 -30.14
C SER A 196 -14.90 16.76 -31.03
N PRO A 197 -16.06 16.28 -30.55
CA PRO A 197 -17.25 16.46 -31.39
C PRO A 197 -17.64 17.92 -31.54
N THR A 198 -18.34 18.22 -32.63
CA THR A 198 -18.81 19.57 -32.91
C THR A 198 -19.75 20.04 -31.81
N ARG A 199 -19.63 21.31 -31.44
CA ARG A 199 -20.50 21.93 -30.44
C ARG A 199 -21.98 21.68 -30.73
N ASN A 200 -22.32 21.62 -32.01
CA ASN A 200 -23.70 21.38 -32.43
C ASN A 200 -24.22 19.96 -32.14
N VAL A 201 -23.42 18.95 -32.51
CA VAL A 201 -23.74 17.55 -32.23
C VAL A 201 -23.80 17.30 -30.73
N ILE A 202 -22.85 17.88 -29.98
CA ILE A 202 -22.86 17.79 -28.52
C ILE A 202 -24.20 18.21 -27.93
N ASP A 203 -24.84 19.23 -28.50
CA ASP A 203 -26.12 19.71 -27.97
C ASP A 203 -27.36 19.22 -28.72
N HIS A 204 -27.27 18.98 -30.02
CA HIS A 204 -28.46 18.58 -30.80
C HIS A 204 -28.35 17.23 -31.51
N GLY A 205 -27.20 16.59 -31.36
CA GLY A 205 -26.90 15.32 -32.00
C GLY A 205 -26.63 15.46 -33.48
N ILE A 206 -26.57 14.31 -34.15
CA ILE A 206 -26.32 14.23 -35.58
C ILE A 206 -27.48 14.89 -36.34
N SER A 207 -27.15 15.65 -37.37
CA SER A 207 -28.17 16.22 -38.26
C SER A 207 -29.02 15.11 -38.84
N ARG A 208 -30.32 15.35 -38.98
CA ARG A 208 -31.20 14.33 -39.55
C ARG A 208 -30.69 13.83 -40.89
N HIS A 209 -30.08 14.74 -41.66
CA HIS A 209 -29.58 14.45 -42.99
C HIS A 209 -28.47 13.38 -42.98
N ASP A 210 -27.46 13.58 -42.12
CA ASP A 210 -26.41 12.57 -41.91
C ASP A 210 -27.03 11.28 -41.39
N ALA A 211 -27.86 11.42 -40.37
CA ALA A 211 -28.53 10.31 -39.75
C ALA A 211 -29.22 9.49 -40.83
N GLU A 212 -29.92 10.15 -41.73
CA GLU A 212 -30.62 9.47 -42.81
C GLU A 212 -29.69 8.74 -43.77
N GLN A 213 -28.62 9.41 -44.16
CA GLN A 213 -27.59 8.83 -45.02
C GLN A 213 -26.94 7.60 -44.40
N ILE A 214 -26.58 7.70 -43.11
CA ILE A 214 -25.96 6.58 -42.38
C ILE A 214 -26.80 5.31 -42.45
N ALA A 215 -28.09 5.45 -42.19
CA ALA A 215 -29.03 4.32 -42.20
C ALA A 215 -29.27 3.73 -43.60
N ARG A 216 -29.19 4.56 -44.63
CA ARG A 216 -29.35 4.07 -45.98
C ARG A 216 -28.23 3.12 -46.39
N GLU A 217 -27.02 3.37 -45.90
CA GLU A 217 -25.89 2.50 -46.22
C GLU A 217 -25.83 1.26 -45.30
N SER A 218 -26.67 1.23 -44.27
CA SER A 218 -26.66 0.19 -43.25
C SER A 218 -27.59 -0.98 -43.58
N SER A 219 -27.45 -2.09 -42.86
CA SER A 219 -28.22 -3.32 -43.12
C SER A 219 -29.29 -3.58 -42.08
N GLY A 220 -30.35 -4.29 -42.50
CA GLY A 220 -31.52 -4.53 -41.66
C GLY A 220 -32.80 -3.98 -42.29
N SER A 221 -33.93 -4.25 -41.66
CA SER A 221 -35.24 -3.85 -42.20
C SER A 221 -35.54 -2.34 -42.19
N ASP A 222 -36.47 -1.93 -43.06
CA ASP A 222 -36.86 -0.52 -43.22
C ASP A 222 -37.47 0.11 -41.96
N LYS A 223 -38.22 -0.70 -41.22
CA LYS A 223 -38.78 -0.32 -39.92
C LYS A 223 -37.66 -0.10 -38.91
N GLN A 224 -36.64 -0.93 -38.98
CA GLN A 224 -35.49 -0.83 -38.08
C GLN A 224 -34.62 0.36 -38.45
N LYS A 225 -34.30 0.49 -39.73
CA LYS A 225 -33.56 1.65 -40.22
C LYS A 225 -34.19 2.97 -39.75
N ALA A 226 -35.50 2.95 -39.51
CA ALA A 226 -36.21 4.15 -39.05
C ALA A 226 -35.82 4.53 -37.62
N GLU A 227 -35.69 3.52 -36.76
CA GLU A 227 -35.36 3.75 -35.34
C GLU A 227 -33.93 4.21 -35.18
N VAL A 228 -33.10 3.88 -36.17
CA VAL A 228 -31.69 4.25 -36.15
C VAL A 228 -31.55 5.76 -36.33
N VAL A 229 -32.26 6.28 -37.33
CA VAL A 229 -32.29 7.71 -37.59
C VAL A 229 -32.81 8.40 -36.34
N GLU A 230 -33.93 7.93 -35.81
CA GLU A 230 -34.49 8.53 -34.60
C GLU A 230 -33.52 8.44 -33.45
N PHE A 231 -32.70 7.40 -33.46
CA PHE A 231 -31.79 7.22 -32.38
C PHE A 231 -30.62 8.20 -32.50
N LEU A 232 -30.03 8.33 -33.68
CA LEU A 232 -28.85 9.19 -33.85
C LEU A 232 -29.15 10.68 -33.67
N CYS A 233 -30.41 11.05 -33.82
CA CYS A 233 -30.79 12.45 -33.66
C CYS A 233 -30.78 12.92 -32.22
N HIS A 234 -30.71 12.00 -31.26
CA HIS A 234 -30.58 12.34 -29.85
C HIS A 234 -29.15 12.77 -29.54
N PRO A 235 -28.97 13.76 -28.65
CA PRO A 235 -27.63 14.15 -28.19
C PRO A 235 -26.96 12.99 -27.47
N GLU A 236 -27.76 12.10 -26.92
CA GLU A 236 -27.28 11.00 -26.12
C GLU A 236 -26.61 9.91 -26.96
N ALA A 237 -27.08 9.76 -28.21
CA ALA A 237 -26.48 8.86 -29.18
C ALA A 237 -24.99 9.13 -29.38
N ALA A 238 -24.60 10.39 -29.40
CA ALA A 238 -23.21 10.72 -29.52
C ALA A 238 -22.45 10.13 -28.32
N THR A 239 -23.01 10.34 -27.13
CA THR A 239 -22.43 9.87 -25.87
C THR A 239 -22.28 8.34 -25.78
N ALA A 240 -23.24 7.63 -26.35
CA ALA A 240 -23.24 6.21 -26.27
C ALA A 240 -22.20 5.70 -27.21
N ILE A 241 -22.10 6.32 -28.38
CA ILE A 241 -21.23 5.81 -29.44
C ILE A 241 -19.76 5.92 -29.08
N CYS A 242 -19.38 7.09 -28.56
CA CYS A 242 -17.97 7.37 -28.27
C CYS A 242 -17.56 6.67 -27.02
N SER A 243 -18.43 6.67 -26.02
CA SER A 243 -18.07 6.09 -24.73
C SER A 243 -17.82 4.61 -24.96
N ALA A 244 -18.62 4.02 -25.84
CA ALA A 244 -18.51 2.61 -26.16
C ALA A 244 -17.08 2.15 -26.44
N PHE A 245 -16.20 3.04 -26.89
CA PHE A 245 -14.85 2.66 -27.36
C PHE A 245 -13.75 2.91 -26.36
N TYR A 246 -14.07 3.39 -25.16
CA TYR A 246 -13.04 3.68 -24.18
C TYR A 246 -12.20 2.42 -23.97
N GLN A 247 -10.90 2.52 -24.22
CA GLN A 247 -9.95 1.42 -24.07
C GLN A 247 -9.81 0.87 -22.65
N SER A 248 -9.93 1.74 -21.65
CA SER A 248 -9.63 1.32 -20.28
C SER A 248 -10.76 0.52 -19.60
N PHE A 249 -11.95 0.49 -20.20
CA PHE A 249 -12.95 -0.48 -19.80
C PHE A 249 -12.29 -1.83 -19.55
N ASN A 250 -11.21 -2.13 -20.29
CA ASN A 250 -10.57 -3.45 -20.26
C ASN A 250 -9.60 -3.75 -19.09
N VAL A 251 -9.42 -2.76 -18.22
CA VAL A 251 -8.41 -2.88 -17.18
C VAL A 251 -8.77 -3.89 -16.07
N PRO A 252 -10.01 -3.84 -15.54
CA PRO A 252 -10.36 -4.90 -14.59
C PRO A 252 -9.98 -6.28 -15.10
N ALA A 253 -10.38 -6.61 -16.34
CA ALA A 253 -10.17 -7.97 -16.87
C ALA A 253 -8.71 -8.25 -17.14
N LEU A 254 -7.98 -7.27 -17.69
CA LEU A 254 -6.58 -7.57 -17.92
C LEU A 254 -5.82 -7.68 -16.62
N THR A 255 -6.22 -6.91 -15.60
CA THR A 255 -5.58 -6.96 -14.31
C THR A 255 -5.55 -8.39 -13.84
N LEU A 256 -6.45 -9.19 -14.40
CA LEU A 256 -6.56 -10.60 -14.09
C LEU A 256 -5.84 -11.58 -15.07
N THR A 257 -5.44 -11.09 -16.25
CA THR A 257 -5.14 -11.99 -17.39
C THR A 257 -4.01 -11.60 -18.32
N HIS A 258 -3.55 -10.36 -18.21
CA HIS A 258 -2.68 -9.78 -19.20
C HIS A 258 -1.43 -10.57 -19.56
N GLU A 259 -0.81 -11.23 -18.58
CA GLU A 259 0.41 -12.02 -18.86
C GLU A 259 0.12 -13.11 -19.86
N ARG A 260 -1.08 -13.68 -19.75
CA ARG A 260 -1.53 -14.74 -20.63
C ARG A 260 -1.89 -14.21 -21.99
N ILE A 261 -2.22 -12.92 -22.06
CA ILE A 261 -2.55 -12.28 -23.31
C ILE A 261 -1.24 -11.95 -24.04
N SER A 262 -0.32 -11.29 -23.36
CA SER A 262 1.00 -11.09 -23.88
C SER A 262 1.62 -12.39 -24.35
N LYS A 263 1.64 -13.41 -23.51
CA LYS A 263 2.14 -14.70 -23.98
C LYS A 263 1.58 -15.05 -25.37
N ALA A 264 0.26 -14.89 -25.57
CA ALA A 264 -0.35 -15.20 -26.87
C ALA A 264 0.13 -14.28 -27.97
N SER A 265 0.34 -13.02 -27.63
CA SER A 265 0.88 -12.02 -28.57
C SER A 265 2.21 -12.42 -29.17
N GLU A 266 3.08 -12.94 -28.31
CA GLU A 266 4.43 -13.33 -28.66
C GLU A 266 4.42 -14.63 -29.42
N TYR A 267 3.60 -15.58 -28.97
CA TYR A 267 3.43 -16.82 -29.71
C TYR A 267 3.14 -16.48 -31.16
N ASN A 268 2.25 -15.51 -31.36
CA ASN A 268 1.83 -15.16 -32.70
C ASN A 268 2.80 -14.32 -33.49
N ALA A 269 3.51 -13.41 -32.83
CA ALA A 269 4.50 -12.63 -33.51
C ALA A 269 5.69 -13.49 -33.97
N GLU A 270 6.01 -14.53 -33.20
CA GLU A 270 7.08 -15.45 -33.53
C GLU A 270 6.77 -16.36 -34.72
N ARG A 271 5.52 -16.38 -35.16
CA ARG A 271 5.08 -17.19 -36.30
C ARG A 271 4.61 -16.40 -37.51
N SER A 272 4.84 -15.08 -37.50
CA SER A 272 4.35 -14.20 -38.57
C SER A 272 2.82 -14.17 -38.70
N LEU A 273 2.12 -14.53 -37.63
CA LEU A 273 0.65 -14.49 -37.59
C LEU A 273 0.11 -13.06 -37.51
N ASP A 274 -0.55 -12.63 -38.58
CA ASP A 274 -0.99 -11.26 -38.72
C ASP A 274 -2.30 -11.06 -37.97
N THR A 275 -2.25 -11.18 -36.66
CA THR A 275 -3.46 -11.01 -35.87
C THR A 275 -3.60 -9.63 -35.21
N PRO A 276 -4.79 -9.03 -35.27
CA PRO A 276 -4.84 -7.73 -34.59
C PRO A 276 -4.63 -7.88 -33.08
N ASN A 277 -4.16 -6.82 -32.43
CA ASN A 277 -4.02 -6.79 -30.97
C ASN A 277 -5.36 -7.01 -30.30
N ALA A 278 -6.42 -6.41 -30.84
CA ALA A 278 -7.74 -6.41 -30.23
C ALA A 278 -8.82 -6.19 -31.27
N CYS A 279 -10.04 -6.63 -30.95
CA CYS A 279 -11.22 -6.43 -31.79
C CYS A 279 -12.37 -5.88 -30.98
N ILE A 280 -13.23 -5.07 -31.59
CA ILE A 280 -14.38 -4.50 -30.87
C ILE A 280 -15.69 -4.89 -31.53
N ASN A 281 -16.72 -5.11 -30.70
CA ASN A 281 -18.05 -5.43 -31.19
C ASN A 281 -19.07 -4.83 -30.23
N ILE A 282 -19.78 -3.77 -30.69
CA ILE A 282 -20.70 -2.97 -29.88
C ILE A 282 -22.15 -3.13 -30.30
N SER A 283 -23.05 -3.13 -29.33
CA SER A 283 -24.47 -3.23 -29.55
C SER A 283 -25.05 -2.17 -28.71
N ILE A 284 -25.79 -1.26 -29.34
CA ILE A 284 -26.43 -0.15 -28.66
C ILE A 284 -27.91 -0.22 -29.01
N SER A 285 -28.78 -0.07 -28.02
CA SER A 285 -30.20 -0.08 -28.27
C SER A 285 -30.92 0.98 -27.49
N GLN A 286 -32.00 1.49 -28.10
CA GLN A 286 -32.93 2.35 -27.44
C GLN A 286 -34.28 1.69 -27.49
N SER A 287 -34.83 1.40 -26.32
CA SER A 287 -36.14 0.77 -26.19
C SER A 287 -37.25 1.69 -26.68
N SER A 288 -38.45 1.14 -26.87
CA SER A 288 -39.57 1.97 -27.29
C SER A 288 -39.96 2.98 -26.22
N ASP A 289 -39.40 2.86 -25.01
CA ASP A 289 -39.50 3.94 -23.99
C ASP A 289 -38.40 4.99 -24.08
N GLY A 290 -37.45 4.81 -24.99
CA GLY A 290 -36.37 5.78 -25.18
C GLY A 290 -35.15 5.52 -24.29
N ASN A 291 -35.16 4.38 -23.59
CA ASN A 291 -34.00 3.96 -22.80
C ASN A 291 -32.83 3.49 -23.66
N ILE A 292 -31.67 4.08 -23.43
CA ILE A 292 -30.45 3.80 -24.19
C ILE A 292 -29.45 2.91 -23.43
N TYR A 293 -29.19 1.71 -23.94
CA TYR A 293 -28.24 0.80 -23.32
C TYR A 293 -27.11 0.49 -24.25
N VAL A 294 -25.88 0.50 -23.72
CA VAL A 294 -24.69 0.11 -24.49
C VAL A 294 -24.12 -1.19 -23.96
N THR A 295 -23.69 -2.05 -24.88
CA THR A 295 -22.94 -3.23 -24.56
C THR A 295 -21.77 -3.27 -25.51
N SER A 296 -20.55 -3.16 -24.96
CA SER A 296 -19.34 -3.13 -25.76
C SER A 296 -18.46 -4.31 -25.42
N HIS A 297 -17.86 -4.93 -26.43
CA HIS A 297 -17.05 -6.11 -26.22
C HIS A 297 -15.71 -5.91 -26.83
N THR A 298 -14.68 -6.33 -26.13
CA THR A 298 -13.34 -6.35 -26.64
C THR A 298 -12.89 -7.79 -26.60
N GLY A 299 -12.38 -8.27 -27.71
CA GLY A 299 -11.87 -9.64 -27.78
C GLY A 299 -10.40 -9.53 -28.03
N VAL A 300 -9.64 -10.45 -27.45
CA VAL A 300 -8.20 -10.35 -27.30
C VAL A 300 -7.70 -11.79 -27.16
N LEU A 301 -6.59 -12.12 -27.81
CA LEU A 301 -6.15 -13.49 -27.79
C LEU A 301 -5.48 -13.80 -26.46
N ILE A 302 -5.64 -15.05 -26.02
CA ILE A 302 -5.16 -15.45 -24.72
C ILE A 302 -4.83 -16.93 -24.70
N MET A 303 -3.75 -17.25 -24.00
CA MET A 303 -3.27 -18.59 -23.88
C MET A 303 -4.03 -19.28 -22.77
N ALA A 304 -4.34 -20.56 -22.96
CA ALA A 304 -4.88 -21.38 -21.89
C ALA A 304 -3.93 -21.33 -20.69
N PRO A 305 -4.42 -21.68 -19.50
CA PRO A 305 -3.56 -21.77 -18.33
C PRO A 305 -2.47 -22.78 -18.54
N GLU A 306 -1.44 -22.73 -17.70
CA GLU A 306 -0.20 -23.49 -17.93
C GLU A 306 -0.41 -24.97 -18.28
N ASP A 307 -1.38 -25.62 -17.65
CA ASP A 307 -1.59 -27.05 -17.85
C ASP A 307 -1.82 -27.52 -19.31
N ARG A 308 -2.21 -26.60 -20.21
CA ARG A 308 -2.58 -26.94 -21.61
C ARG A 308 -1.79 -26.12 -22.67
N PRO A 309 -0.49 -26.42 -22.85
CA PRO A 309 0.43 -25.51 -23.56
C PRO A 309 0.17 -25.40 -25.07
N ASN A 310 0.54 -24.25 -25.64
CA ASN A 310 0.41 -23.95 -27.08
C ASN A 310 -1.04 -23.84 -27.63
N GLU A 311 -2.04 -24.04 -26.74
CA GLU A 311 -3.48 -23.82 -27.01
C GLU A 311 -3.87 -22.33 -26.85
N MET A 312 -4.76 -21.85 -27.71
CA MET A 312 -5.04 -20.44 -27.72
C MET A 312 -6.51 -20.15 -27.76
N GLY A 313 -6.92 -19.09 -27.07
CA GLY A 313 -8.30 -18.71 -27.05
C GLY A 313 -8.55 -17.22 -27.09
N MET A 314 -9.79 -16.83 -26.86
CA MET A 314 -10.13 -15.43 -26.78
C MET A 314 -10.72 -15.11 -25.42
N LEU A 315 -10.31 -13.98 -24.87
CA LEU A 315 -10.89 -13.40 -23.69
C LEU A 315 -11.82 -12.32 -24.20
N THR A 316 -13.08 -12.31 -23.79
CA THR A 316 -14.00 -11.30 -24.22
C THR A 316 -14.33 -10.49 -23.00
N ASN A 317 -14.08 -9.18 -23.08
CA ASN A 317 -14.53 -8.33 -22.00
C ASN A 317 -15.77 -7.55 -22.39
N ARG A 318 -16.80 -7.66 -21.56
CA ARG A 318 -18.10 -7.01 -21.83
C ARG A 318 -18.31 -5.85 -20.86
N THR A 319 -18.73 -4.71 -21.41
CA THR A 319 -19.03 -3.52 -20.63
C THR A 319 -20.44 -3.08 -20.94
N SER A 320 -21.29 -3.05 -19.93
CA SER A 320 -22.69 -2.64 -20.08
C SER A 320 -22.99 -1.40 -19.24
N TYR A 321 -23.89 -0.55 -19.73
CA TYR A 321 -24.29 0.67 -19.05
C TYR A 321 -25.42 1.36 -19.78
N GLU A 322 -26.29 1.99 -19.01
CA GLU A 322 -27.34 2.81 -19.56
C GLU A 322 -26.70 4.15 -19.79
N VAL A 323 -27.09 4.82 -20.87
CA VAL A 323 -26.86 6.25 -20.99
C VAL A 323 -28.15 6.94 -20.60
N PRO A 324 -28.17 7.62 -19.43
CA PRO A 324 -29.38 8.31 -19.01
C PRO A 324 -29.62 9.52 -19.90
N GLN A 325 -30.86 9.98 -20.01
CA GLN A 325 -31.13 11.22 -20.76
C GLN A 325 -30.48 12.44 -20.14
N GLY A 326 -30.01 13.34 -21.02
CA GLY A 326 -29.38 14.57 -20.59
C GLY A 326 -27.88 14.49 -20.51
N VAL A 327 -27.33 13.30 -20.72
CA VAL A 327 -25.89 13.09 -20.64
C VAL A 327 -25.24 13.24 -22.02
N LYS A 328 -24.47 14.30 -22.17
CA LYS A 328 -24.02 14.72 -23.50
C LYS A 328 -22.59 14.29 -23.78
N CYS A 329 -22.24 14.28 -25.05
CA CYS A 329 -20.94 13.81 -25.47
C CYS A 329 -19.83 14.74 -25.02
N ILE A 330 -19.62 14.83 -23.71
CA ILE A 330 -18.39 15.41 -23.18
C ILE A 330 -17.71 14.49 -22.16
N ILE A 331 -16.38 14.51 -22.19
CA ILE A 331 -15.56 13.76 -21.26
C ILE A 331 -16.03 13.98 -19.82
N ASP A 332 -16.17 15.26 -19.44
CA ASP A 332 -16.48 15.66 -18.07
C ASP A 332 -17.81 15.13 -17.61
N GLU A 333 -18.73 14.97 -18.55
CA GLU A 333 -20.10 14.58 -18.22
C GLU A 333 -20.26 13.09 -18.28
N MET A 334 -19.49 12.46 -19.16
CA MET A 334 -19.44 11.01 -19.23
C MET A 334 -18.97 10.42 -17.89
N VAL A 335 -18.06 11.11 -17.23
CA VAL A 335 -17.42 10.61 -16.02
C VAL A 335 -18.38 10.50 -14.84
N ARG A 336 -19.04 11.58 -14.51
CA ARG A 336 -19.79 11.56 -13.28
C ARG A 336 -21.21 11.03 -13.46
N ALA A 337 -21.59 10.76 -14.72
CA ALA A 337 -22.93 10.22 -15.04
C ALA A 337 -22.98 8.73 -15.37
N LEU A 338 -22.02 8.22 -16.13
CA LEU A 338 -22.12 6.84 -16.57
C LEU A 338 -21.67 5.86 -15.46
N GLN A 339 -22.36 4.71 -15.37
CA GLN A 339 -21.99 3.67 -14.39
C GLN A 339 -21.86 2.23 -14.94
N PRO A 340 -20.69 1.89 -15.51
CA PRO A 340 -20.52 0.60 -16.17
C PRO A 340 -20.32 -0.60 -15.24
N ARG A 341 -20.80 -1.77 -15.69
CA ARG A 341 -20.40 -3.06 -15.13
C ARG A 341 -19.41 -3.71 -16.11
N TYR A 342 -18.46 -4.49 -15.57
CA TYR A 342 -17.49 -5.19 -16.40
C TYR A 342 -17.60 -6.67 -16.16
N ALA A 343 -17.42 -7.46 -17.22
CA ALA A 343 -17.58 -8.91 -17.15
C ALA A 343 -16.66 -9.55 -18.18
N ALA A 344 -16.28 -10.80 -17.96
CA ALA A 344 -15.36 -11.45 -18.89
C ALA A 344 -15.63 -12.93 -19.03
N SER A 345 -15.19 -13.51 -20.12
CA SER A 345 -15.22 -14.95 -20.32
C SER A 345 -14.01 -15.33 -21.13
N GLU A 346 -13.74 -16.62 -21.24
CA GLU A 346 -12.61 -17.11 -21.99
C GLU A 346 -13.18 -18.19 -22.92
N THR A 347 -12.84 -18.10 -24.19
CA THR A 347 -13.40 -19.06 -25.12
C THR A 347 -12.27 -19.76 -25.80
N TYR A 348 -12.44 -21.06 -25.99
CA TYR A 348 -11.41 -21.85 -26.59
C TYR A 348 -11.89 -22.59 -27.82
N LEU A 349 -10.95 -22.81 -28.72
CA LEU A 349 -11.22 -23.30 -30.09
C LEU A 349 -11.53 -24.77 -30.11
N GLN A 350 -12.05 -25.22 -31.24
CA GLN A 350 -12.31 -26.64 -31.42
C GLN A 350 -11.18 -27.33 -32.25
N ASN A 351 -10.06 -26.63 -32.45
CA ASN A 351 -8.84 -27.24 -33.02
C ASN A 351 -8.44 -28.49 -32.24
N PRO B 1 21.69 -19.61 -32.81
CA PRO B 1 22.74 -18.85 -33.50
C PRO B 1 22.26 -18.20 -34.82
N GLU B 2 20.98 -17.78 -34.85
CA GLU B 2 20.39 -17.15 -36.02
C GLU B 2 20.30 -15.63 -35.85
N TYR B 3 20.80 -15.17 -34.71
CA TYR B 3 20.94 -13.75 -34.43
C TYR B 3 22.10 -13.55 -33.45
N ASP B 4 22.75 -12.41 -33.55
CA ASP B 4 23.94 -12.13 -32.73
C ASP B 4 23.58 -11.47 -31.38
N TYR B 5 22.53 -10.66 -31.39
CA TYR B 5 22.03 -10.04 -30.18
C TYR B 5 20.51 -10.02 -30.17
N LEU B 6 19.94 -10.03 -28.96
CA LEU B 6 18.51 -10.07 -28.76
C LEU B 6 18.15 -9.01 -27.73
N PHE B 7 17.66 -7.86 -28.20
CA PHE B 7 17.30 -6.75 -27.30
C PHE B 7 15.82 -6.62 -27.17
N LYS B 8 15.37 -6.41 -25.93
CA LYS B 8 13.98 -6.06 -25.66
C LYS B 8 13.80 -4.55 -25.70
N LEU B 9 12.82 -4.09 -26.46
CA LEU B 9 12.48 -2.69 -26.51
C LEU B 9 11.07 -2.41 -26.00
N LEU B 10 10.91 -1.28 -25.32
CA LEU B 10 9.60 -0.89 -24.87
C LEU B 10 9.25 0.50 -25.39
N LEU B 11 8.03 0.66 -25.90
CA LEU B 11 7.50 1.97 -26.35
C LEU B 11 6.46 2.49 -25.37
N ILE B 12 6.81 3.55 -24.64
CA ILE B 12 5.87 4.14 -23.70
C ILE B 12 5.64 5.55 -24.13
N GLY B 13 4.55 6.12 -23.66
CA GLY B 13 4.18 7.48 -23.97
C GLY B 13 2.68 7.57 -24.00
N ASP B 14 2.17 8.80 -23.93
CA ASP B 14 0.74 9.05 -23.92
C ASP B 14 -0.04 8.29 -24.99
N SER B 15 -1.32 8.08 -24.71
CA SER B 15 -2.26 7.57 -25.69
C SER B 15 -2.39 8.60 -26.82
N GLY B 16 -2.42 8.14 -28.05
CA GLY B 16 -2.68 9.03 -29.17
C GLY B 16 -1.46 9.48 -29.94
N VAL B 17 -0.29 9.32 -29.36
CA VAL B 17 0.88 9.97 -29.88
C VAL B 17 1.51 9.28 -31.09
N GLY B 18 1.16 8.02 -31.35
CA GLY B 18 1.61 7.32 -32.56
C GLY B 18 2.55 6.15 -32.30
N LYS B 19 2.53 5.62 -31.07
CA LYS B 19 3.38 4.48 -30.71
C LYS B 19 3.12 3.28 -31.61
N SER B 20 1.88 2.92 -31.81
CA SER B 20 1.62 1.78 -32.65
C SER B 20 2.01 2.09 -34.08
N CYS B 21 1.74 3.30 -34.53
CA CYS B 21 2.09 3.66 -35.86
C CYS B 21 3.59 3.63 -36.07
N LEU B 22 4.39 4.10 -35.11
CA LEU B 22 5.83 3.99 -35.25
C LEU B 22 6.26 2.54 -35.39
N LEU B 23 5.78 1.70 -34.47
CA LEU B 23 6.11 0.29 -34.50
C LEU B 23 5.68 -0.37 -35.82
N LEU B 24 4.49 -0.03 -36.32
CA LEU B 24 4.02 -0.61 -37.56
C LEU B 24 4.88 -0.20 -38.77
N ARG B 25 5.40 1.02 -38.72
CA ARG B 25 6.22 1.53 -39.79
C ARG B 25 7.59 0.84 -39.72
N PHE B 26 8.13 0.69 -38.50
CA PHE B 26 9.39 -0.03 -38.34
C PHE B 26 9.27 -1.52 -38.74
N ALA B 27 8.26 -2.23 -38.26
CA ALA B 27 8.13 -3.66 -38.57
C ALA B 27 7.75 -4.00 -40.01
N ASP B 28 6.88 -3.20 -40.64
CA ASP B 28 6.31 -3.57 -41.94
C ASP B 28 6.42 -2.51 -43.02
N ASP B 29 7.05 -1.39 -42.68
CA ASP B 29 7.03 -0.25 -43.57
C ASP B 29 5.63 -0.06 -44.18
N THR B 30 4.61 0.02 -43.31
CA THR B 30 3.25 0.40 -43.70
C THR B 30 2.64 1.37 -42.68
N TYR B 31 1.72 2.19 -43.15
CA TYR B 31 0.94 3.07 -42.30
C TYR B 31 -0.48 3.10 -42.83
N THR B 32 -1.42 2.68 -41.98
CA THR B 32 -2.84 2.79 -42.25
C THR B 32 -3.52 3.22 -40.97
N GLU B 33 -4.84 3.26 -40.99
CA GLU B 33 -5.63 3.75 -39.85
C GLU B 33 -6.75 2.76 -39.49
N SER B 34 -6.62 1.56 -40.04
CA SER B 34 -7.53 0.47 -39.86
C SER B 34 -7.32 -0.28 -38.54
N TYR B 35 -6.64 0.35 -37.59
CA TYR B 35 -6.44 -0.35 -36.33
C TYR B 35 -7.14 0.35 -35.20
N ILE B 36 -7.84 -0.44 -34.39
CA ILE B 36 -8.42 0.04 -33.16
C ILE B 36 -7.29 0.24 -32.16
N SER B 37 -7.57 0.89 -31.02
CA SER B 37 -6.54 1.23 -30.02
C SER B 37 -5.81 0.02 -29.48
N THR B 38 -4.64 0.26 -28.90
CA THR B 38 -3.91 -0.82 -28.29
C THR B 38 -4.51 -1.10 -26.95
N ILE B 39 -4.86 -2.35 -26.71
CA ILE B 39 -5.48 -2.75 -25.46
C ILE B 39 -4.42 -3.49 -24.66
N GLY B 40 -3.88 -2.85 -23.63
CA GLY B 40 -2.88 -3.54 -22.84
C GLY B 40 -1.51 -3.44 -23.46
N VAL B 41 -0.95 -4.55 -23.89
CA VAL B 41 0.37 -4.52 -24.55
C VAL B 41 0.35 -5.20 -25.91
N ASP B 42 1.00 -4.59 -26.88
CA ASP B 42 1.18 -5.23 -28.17
C ASP B 42 2.64 -5.58 -28.37
N PHE B 43 2.92 -6.52 -29.26
CA PHE B 43 4.27 -7.01 -29.44
C PHE B 43 4.57 -7.23 -30.93
N LYS B 44 5.77 -6.81 -31.34
CA LYS B 44 6.26 -7.07 -32.68
C LYS B 44 7.76 -7.43 -32.67
N ILE B 45 8.25 -8.00 -33.79
CA ILE B 45 9.63 -8.44 -33.94
C ILE B 45 10.24 -7.90 -35.24
N ARG B 46 11.43 -7.30 -35.17
CA ARG B 46 12.11 -6.99 -36.41
C ARG B 46 13.58 -7.21 -36.22
N THR B 47 14.19 -7.90 -37.18
CA THR B 47 15.66 -8.09 -37.19
C THR B 47 16.35 -7.02 -38.01
N ILE B 48 17.40 -6.44 -37.45
CA ILE B 48 18.16 -5.45 -38.18
C ILE B 48 19.60 -5.90 -38.35
N GLU B 49 20.37 -5.14 -39.13
CA GLU B 49 21.80 -5.37 -39.26
C GLU B 49 22.52 -4.12 -38.81
N LEU B 50 23.55 -4.32 -37.99
CA LEU B 50 24.31 -3.22 -37.43
C LEU B 50 25.78 -3.63 -37.19
N ASP B 51 26.68 -3.05 -37.97
CA ASP B 51 28.09 -3.47 -38.01
C ASP B 51 28.22 -4.96 -38.27
N GLY B 52 27.63 -5.43 -39.36
CA GLY B 52 27.72 -6.85 -39.73
C GLY B 52 27.05 -7.78 -38.73
N LYS B 53 26.50 -7.20 -37.66
CA LYS B 53 25.82 -7.96 -36.62
C LYS B 53 24.31 -8.00 -36.82
N THR B 54 23.75 -9.21 -36.71
CA THR B 54 22.31 -9.46 -36.79
C THR B 54 21.64 -9.22 -35.42
N ILE B 55 20.75 -8.24 -35.34
CA ILE B 55 20.14 -7.93 -34.07
C ILE B 55 18.66 -8.22 -34.12
N LYS B 56 18.21 -9.16 -33.29
CA LYS B 56 16.79 -9.44 -33.16
C LYS B 56 16.21 -8.47 -32.14
N LEU B 57 15.21 -7.70 -32.56
CA LEU B 57 14.56 -6.76 -31.67
C LEU B 57 13.16 -7.24 -31.28
N GLN B 58 12.91 -7.30 -29.98
CA GLN B 58 11.57 -7.66 -29.48
C GLN B 58 11.03 -6.41 -28.89
N ILE B 59 10.00 -5.89 -29.53
CA ILE B 59 9.48 -4.60 -29.17
C ILE B 59 8.06 -4.69 -28.62
N TRP B 60 7.83 -4.01 -27.49
CA TRP B 60 6.54 -4.01 -26.83
C TRP B 60 5.98 -2.62 -26.90
N ASP B 61 4.72 -2.55 -27.27
CA ASP B 61 4.00 -1.32 -27.52
C ASP B 61 2.92 -1.32 -26.47
N THR B 62 2.99 -0.36 -25.56
CA THR B 62 2.04 -0.28 -24.45
C THR B 62 0.87 0.62 -24.77
N ALA B 63 -0.20 0.50 -23.96
CA ALA B 63 -1.29 1.47 -23.95
C ALA B 63 -0.94 2.58 -22.98
N GLY B 64 -1.18 3.83 -23.35
CA GLY B 64 -0.74 4.97 -22.52
C GLY B 64 -1.82 5.73 -21.76
N GLN B 65 -3.04 5.23 -21.78
CA GLN B 65 -4.08 5.82 -20.97
C GLN B 65 -3.81 5.53 -19.49
N GLU B 66 -3.92 6.57 -18.68
CA GLU B 66 -3.58 6.47 -17.25
C GLU B 66 -3.95 5.15 -16.55
N ARG B 67 -5.16 4.63 -16.74
CA ARG B 67 -5.62 3.44 -16.00
C ARG B 67 -4.79 2.20 -16.31
N PHE B 68 -4.07 2.23 -17.43
CA PHE B 68 -3.23 1.12 -17.86
C PHE B 68 -1.85 1.12 -17.28
N ARG B 69 -1.46 2.22 -16.62
CA ARG B 69 -0.09 2.42 -16.15
C ARG B 69 0.45 1.27 -15.32
N THR B 70 -0.32 0.81 -14.34
CA THR B 70 0.10 -0.24 -13.42
C THR B 70 0.52 -1.55 -14.09
N ILE B 71 -0.36 -2.09 -14.92
CA ILE B 71 -0.12 -3.36 -15.55
C ILE B 71 0.99 -3.19 -16.56
N THR B 72 0.94 -2.07 -17.25
CA THR B 72 1.95 -1.67 -18.20
C THR B 72 3.36 -1.58 -17.59
N SER B 73 3.44 -1.17 -16.35
CA SER B 73 4.72 -0.96 -15.68
C SER B 73 5.45 -2.26 -15.37
N SER B 74 4.71 -3.37 -15.30
CA SER B 74 5.33 -4.69 -15.22
C SER B 74 6.18 -5.06 -16.48
N TYR B 75 6.01 -4.35 -17.58
CA TYR B 75 6.86 -4.63 -18.75
C TYR B 75 8.17 -3.87 -18.80
N TYR B 76 8.43 -2.97 -17.84
CA TYR B 76 9.64 -2.15 -17.88
C TYR B 76 10.90 -2.95 -17.56
N ARG B 77 10.82 -3.76 -16.52
CA ARG B 77 12.00 -4.34 -15.88
C ARG B 77 12.87 -5.23 -16.77
N GLY B 78 12.26 -5.92 -17.73
CA GLY B 78 13.03 -6.74 -18.66
C GLY B 78 13.68 -5.96 -19.80
N ALA B 79 13.19 -4.77 -20.09
CA ALA B 79 13.64 -4.02 -21.26
C ALA B 79 15.09 -3.57 -21.26
N HIS B 80 15.70 -3.67 -22.43
CA HIS B 80 17.02 -3.16 -22.71
C HIS B 80 16.95 -1.69 -23.04
N GLY B 81 15.88 -1.28 -23.73
CA GLY B 81 15.76 0.09 -24.16
C GLY B 81 14.34 0.56 -24.11
N ILE B 82 14.14 1.82 -23.73
CA ILE B 82 12.81 2.37 -23.63
C ILE B 82 12.69 3.66 -24.41
N ILE B 83 11.73 3.69 -25.33
CA ILE B 83 11.52 4.87 -26.14
C ILE B 83 10.31 5.61 -25.60
N VAL B 84 10.50 6.89 -25.30
CA VAL B 84 9.41 7.73 -24.84
C VAL B 84 8.91 8.58 -26.01
N VAL B 85 7.63 8.40 -26.34
CA VAL B 85 7.05 9.13 -27.48
C VAL B 85 6.12 10.21 -27.00
N TYR B 86 6.17 11.38 -27.62
CA TYR B 86 5.14 12.41 -27.46
C TYR B 86 4.73 12.91 -28.86
N ASP B 87 3.67 13.71 -28.92
CA ASP B 87 3.12 14.19 -30.18
C ASP B 87 3.46 15.66 -30.28
N VAL B 88 4.18 16.02 -31.34
CA VAL B 88 4.73 17.35 -31.50
C VAL B 88 3.66 18.43 -31.67
N THR B 89 2.42 17.99 -31.89
CA THR B 89 1.29 18.90 -31.93
C THR B 89 0.54 18.98 -30.61
N ASP B 90 0.97 18.20 -29.63
CA ASP B 90 0.23 18.12 -28.38
C ASP B 90 1.11 18.42 -27.18
N GLN B 91 1.07 19.69 -26.77
CA GLN B 91 1.83 20.16 -25.62
C GLN B 91 1.69 19.27 -24.39
N GLU B 92 0.46 18.87 -24.08
CA GLU B 92 0.25 18.02 -22.93
C GLU B 92 1.08 16.73 -23.00
N SER B 93 1.17 16.10 -24.17
CA SER B 93 2.01 14.91 -24.33
C SER B 93 3.46 15.19 -24.00
N PHE B 94 3.96 16.37 -24.35
CA PHE B 94 5.35 16.65 -24.06
C PHE B 94 5.58 16.93 -22.57
N ASN B 95 4.75 17.76 -21.97
CA ASN B 95 4.77 17.93 -20.51
C ASN B 95 4.85 16.61 -19.76
N ASN B 96 4.11 15.60 -20.21
CA ASN B 96 4.08 14.29 -19.53
C ASN B 96 5.33 13.44 -19.68
N VAL B 97 6.18 13.79 -20.63
CA VAL B 97 7.44 13.09 -20.75
C VAL B 97 8.11 12.97 -19.36
N LYS B 98 8.08 14.07 -18.60
CA LYS B 98 8.64 14.07 -17.26
C LYS B 98 8.16 12.91 -16.35
N GLN B 99 6.87 12.59 -16.41
CA GLN B 99 6.26 11.48 -15.67
C GLN B 99 6.70 10.12 -16.18
N TRP B 100 6.67 9.95 -17.50
CA TRP B 100 7.16 8.73 -18.12
C TRP B 100 8.61 8.38 -17.73
N LEU B 101 9.50 9.38 -17.63
CA LEU B 101 10.86 9.12 -17.15
C LEU B 101 10.91 8.69 -15.69
N GLN B 102 9.99 9.18 -14.89
CA GLN B 102 9.89 8.72 -13.52
C GLN B 102 9.44 7.26 -13.44
N GLU B 103 8.50 6.88 -14.31
CA GLU B 103 8.06 5.49 -14.38
C GLU B 103 9.24 4.61 -14.72
N ILE B 104 10.07 5.09 -15.67
CA ILE B 104 11.29 4.40 -16.03
C ILE B 104 12.20 4.28 -14.81
N ASP B 105 12.47 5.42 -14.17
CA ASP B 105 13.23 5.45 -12.93
C ASP B 105 12.70 4.46 -11.91
N ARG B 106 11.39 4.26 -11.91
CA ARG B 106 10.75 3.50 -10.87
C ARG B 106 10.77 2.02 -11.19
N TYR B 107 10.61 1.68 -12.47
CA TYR B 107 10.35 0.29 -12.85
C TYR B 107 11.40 -0.31 -13.79
N ALA B 108 12.12 0.52 -14.54
CA ALA B 108 13.10 0.01 -15.50
C ALA B 108 14.32 -0.48 -14.77
N SER B 109 15.21 -1.17 -15.49
CA SER B 109 16.51 -1.52 -14.95
C SER B 109 17.31 -0.22 -14.75
N GLU B 110 18.24 -0.25 -13.81
CA GLU B 110 19.00 0.96 -13.44
C GLU B 110 19.79 1.58 -14.61
N ASN B 111 20.27 0.74 -15.52
CA ASN B 111 21.12 1.22 -16.60
C ASN B 111 20.50 1.00 -17.98
N VAL B 112 19.17 0.91 -17.99
CA VAL B 112 18.38 0.88 -19.21
C VAL B 112 18.73 2.06 -20.11
N ASN B 113 18.59 1.86 -21.40
CA ASN B 113 18.80 2.90 -22.38
C ASN B 113 17.52 3.66 -22.68
N LYS B 114 17.63 4.99 -22.80
CA LYS B 114 16.48 5.83 -23.10
C LYS B 114 16.61 6.49 -24.47
N LEU B 115 15.47 6.80 -25.10
CA LEU B 115 15.41 7.62 -26.30
C LEU B 115 14.13 8.46 -26.31
N LEU B 116 14.24 9.72 -26.65
CA LEU B 116 13.08 10.56 -26.74
C LEU B 116 12.75 10.80 -28.20
N VAL B 117 11.48 10.61 -28.56
CA VAL B 117 10.99 10.71 -29.96
C VAL B 117 9.77 11.63 -30.03
N GLY B 118 9.79 12.59 -30.93
CA GLY B 118 8.66 13.50 -31.03
C GLY B 118 7.98 13.22 -32.33
N ASN B 119 6.84 12.53 -32.27
CA ASN B 119 6.26 11.97 -33.46
C ASN B 119 5.31 12.94 -34.11
N LYS B 120 4.90 12.60 -35.33
CA LYS B 120 3.94 13.38 -36.12
C LYS B 120 4.55 14.66 -36.70
N CYS B 121 5.87 14.70 -36.83
CA CYS B 121 6.58 15.88 -37.30
C CYS B 121 6.22 16.29 -38.74
N ASP B 122 5.24 15.64 -39.34
CA ASP B 122 4.79 16.07 -40.65
C ASP B 122 3.68 17.09 -40.47
N LEU B 123 3.01 17.07 -39.33
CA LEU B 123 1.98 18.07 -39.07
C LEU B 123 2.62 19.44 -38.75
N THR B 124 3.20 20.06 -39.77
CA THR B 124 3.96 21.27 -39.55
C THR B 124 3.06 22.44 -39.11
N THR B 125 1.85 22.52 -39.65
CA THR B 125 0.98 23.69 -39.40
C THR B 125 0.41 23.64 -37.98
N LYS B 126 0.53 22.48 -37.37
CA LYS B 126 -0.07 22.21 -36.07
C LYS B 126 0.99 22.03 -34.98
N LYS B 127 2.26 22.00 -35.37
CA LYS B 127 3.35 21.70 -34.46
C LYS B 127 3.37 22.73 -33.34
N VAL B 128 3.44 22.31 -32.08
CA VAL B 128 3.47 23.27 -30.94
C VAL B 128 4.63 23.08 -29.96
N VAL B 129 5.36 21.98 -30.10
CA VAL B 129 6.60 21.76 -29.35
C VAL B 129 7.81 21.90 -30.29
N ASP B 130 8.66 22.91 -30.07
CA ASP B 130 9.78 23.15 -30.98
C ASP B 130 10.87 22.14 -30.76
N TYR B 131 11.58 21.80 -31.83
CA TYR B 131 12.73 20.90 -31.79
C TYR B 131 13.72 21.37 -30.73
N THR B 132 14.07 22.66 -30.76
CA THR B 132 15.03 23.19 -29.80
C THR B 132 14.61 22.98 -28.32
N THR B 133 13.32 23.15 -28.02
CA THR B 133 12.75 22.86 -26.68
C THR B 133 12.96 21.42 -26.26
N ALA B 134 12.44 20.51 -27.06
CA ALA B 134 12.54 19.11 -26.77
C ALA B 134 14.00 18.66 -26.72
N LYS B 135 14.81 19.20 -27.63
CA LYS B 135 16.21 18.80 -27.73
C LYS B 135 17.01 19.27 -26.51
N GLU B 136 16.72 20.48 -26.02
CA GLU B 136 17.34 20.97 -24.80
C GLU B 136 17.00 20.09 -23.60
N PHE B 137 15.76 19.62 -23.55
CA PHE B 137 15.33 18.76 -22.47
C PHE B 137 16.05 17.42 -22.44
N ALA B 138 16.01 16.72 -23.58
CA ALA B 138 16.71 15.46 -23.76
C ALA B 138 18.21 15.61 -23.42
N ASP B 139 18.80 16.73 -23.83
CA ASP B 139 20.16 17.08 -23.43
C ASP B 139 20.40 17.10 -21.92
N SER B 140 19.61 17.88 -21.19
CA SER B 140 19.80 18.00 -19.73
C SER B 140 19.79 16.62 -19.08
N LEU B 141 19.13 15.68 -19.74
CA LEU B 141 19.06 14.31 -19.24
C LEU B 141 20.09 13.40 -19.89
N GLY B 142 20.79 13.89 -20.90
CA GLY B 142 21.79 13.08 -21.59
C GLY B 142 21.18 11.92 -22.37
N ILE B 143 19.99 12.17 -22.91
CA ILE B 143 19.21 11.22 -23.69
C ILE B 143 19.21 11.66 -25.16
N PRO B 144 19.36 10.69 -26.10
CA PRO B 144 19.24 11.05 -27.51
C PRO B 144 17.80 11.39 -27.93
N PHE B 145 17.67 12.24 -28.96
CA PHE B 145 16.39 12.77 -29.39
C PHE B 145 16.20 12.77 -30.90
N LEU B 146 15.00 12.42 -31.36
CA LEU B 146 14.64 12.65 -32.77
C LEU B 146 13.18 13.00 -32.86
N GLU B 147 12.84 13.77 -33.88
CA GLU B 147 11.46 13.95 -34.30
C GLU B 147 11.23 13.03 -35.47
N THR B 148 10.04 12.47 -35.57
CA THR B 148 9.77 11.42 -36.54
C THR B 148 8.36 11.60 -37.13
N SER B 149 8.08 10.80 -38.17
CA SER B 149 6.76 10.65 -38.76
C SER B 149 6.55 9.24 -39.24
N ALA B 150 5.90 8.46 -38.40
CA ALA B 150 5.27 7.21 -38.81
C ALA B 150 4.55 7.30 -40.18
N LYS B 151 3.84 8.41 -40.41
CA LYS B 151 3.17 8.70 -41.68
C LYS B 151 4.09 8.79 -42.93
N ASN B 152 5.09 9.68 -42.92
CA ASN B 152 6.07 9.80 -44.05
C ASN B 152 7.24 8.83 -43.96
N ALA B 153 7.36 8.14 -42.83
CA ALA B 153 8.57 7.38 -42.50
C ALA B 153 9.74 8.21 -41.97
N THR B 154 9.61 9.53 -41.89
CA THR B 154 10.71 10.37 -41.40
C THR B 154 11.30 9.85 -40.09
N ASN B 155 12.59 9.52 -40.13
CA ASN B 155 13.38 9.15 -38.95
C ASN B 155 12.92 7.95 -38.11
N VAL B 156 11.99 7.15 -38.63
CA VAL B 156 11.49 5.98 -37.88
C VAL B 156 12.61 4.97 -37.75
N GLU B 157 13.20 4.62 -38.89
CA GLU B 157 14.30 3.66 -38.91
C GLU B 157 15.48 4.16 -38.08
N GLN B 158 15.89 5.42 -38.26
CA GLN B 158 16.95 6.04 -37.42
C GLN B 158 16.67 5.75 -35.94
N SER B 159 15.50 6.16 -35.47
CA SER B 159 15.07 5.94 -34.10
C SER B 159 15.48 4.58 -33.51
N PHE B 160 15.06 3.50 -34.18
CA PHE B 160 15.32 2.18 -33.67
C PHE B 160 16.78 1.77 -33.82
N MET B 161 17.37 2.03 -34.98
CA MET B 161 18.81 1.87 -35.16
C MET B 161 19.60 2.55 -34.05
N THR B 162 19.33 3.82 -33.81
CA THR B 162 20.00 4.58 -32.75
C THR B 162 19.91 3.85 -31.41
N MET B 163 18.71 3.39 -31.08
CA MET B 163 18.46 2.73 -29.80
C MET B 163 19.28 1.44 -29.79
N ALA B 164 19.29 0.74 -30.92
CA ALA B 164 19.99 -0.52 -31.02
C ALA B 164 21.50 -0.36 -30.88
N ALA B 165 22.07 0.67 -31.53
CA ALA B 165 23.48 1.04 -31.38
C ALA B 165 23.84 1.35 -29.93
N GLU B 166 22.94 2.07 -29.27
CA GLU B 166 23.06 2.49 -27.87
C GLU B 166 23.20 1.28 -26.98
N ILE B 167 22.31 0.31 -27.17
CA ILE B 167 22.36 -0.94 -26.41
C ILE B 167 23.56 -1.77 -26.81
N LYS B 168 23.86 -1.82 -28.10
CA LYS B 168 24.99 -2.63 -28.56
C LYS B 168 26.26 -2.21 -27.82
N LYS B 169 26.46 -0.90 -27.70
CA LYS B 169 27.62 -0.32 -27.02
C LYS B 169 27.68 -0.71 -25.55
N ARG B 170 26.55 -0.64 -24.86
CA ARG B 170 26.46 -1.08 -23.47
C ARG B 170 26.85 -2.55 -23.25
N MET B 171 26.86 -3.34 -24.34
CA MET B 171 27.11 -4.77 -24.27
C MET B 171 28.11 -5.21 -25.32
N MET C 2 -31.78 -2.87 28.63
CA MET C 2 -32.35 -3.95 27.77
C MET C 2 -31.32 -5.06 27.51
N SER C 3 -31.75 -6.05 26.73
CA SER C 3 -30.93 -7.21 26.40
C SER C 3 -29.66 -6.79 25.67
N CYS C 4 -28.65 -7.68 25.66
CA CYS C 4 -27.46 -7.48 24.83
C CYS C 4 -27.83 -7.62 23.36
N ALA C 5 -28.58 -8.66 23.04
CA ALA C 5 -29.02 -8.90 21.68
C ALA C 5 -29.78 -7.70 21.13
N GLU C 6 -30.63 -7.10 21.96
CA GLU C 6 -31.40 -5.93 21.57
C GLU C 6 -30.54 -4.68 21.44
N LYS C 7 -29.40 -4.69 22.13
CA LYS C 7 -28.50 -3.54 22.14
C LYS C 7 -27.85 -3.46 20.77
N LEU C 8 -27.07 -4.48 20.42
CA LEU C 8 -26.41 -4.58 19.12
C LEU C 8 -27.36 -4.29 17.95
N LEU C 9 -28.60 -4.76 18.04
CA LEU C 9 -29.58 -4.56 16.98
C LEU C 9 -29.84 -3.09 16.68
N LYS C 10 -30.08 -2.31 17.73
CA LYS C 10 -30.36 -0.89 17.54
C LYS C 10 -29.07 -0.11 17.27
N VAL C 11 -27.94 -0.70 17.62
CA VAL C 11 -26.64 -0.14 17.25
C VAL C 11 -26.43 -0.25 15.73
N LEU C 12 -26.62 -1.47 15.21
CA LEU C 12 -26.44 -1.74 13.80
C LEU C 12 -27.42 -0.98 12.94
N SER C 13 -28.54 -0.58 13.53
CA SER C 13 -29.63 0.04 12.79
C SER C 13 -29.54 1.57 12.72
N PHE C 14 -28.88 2.18 13.70
CA PHE C 14 -28.71 3.63 13.70
C PHE C 14 -27.68 4.00 12.63
N GLY C 15 -26.56 3.30 12.63
CA GLY C 15 -25.45 3.60 11.74
C GLY C 15 -24.19 3.49 12.56
N LEU C 16 -23.55 2.34 12.49
CA LEU C 16 -22.35 2.05 13.28
C LEU C 16 -21.31 3.16 13.16
N TRP C 17 -21.15 3.69 11.95
CA TRP C 17 -20.09 4.69 11.70
C TRP C 17 -20.90 5.98 11.78
N ASN C 18 -21.90 6.01 12.66
CA ASN C 18 -22.67 7.22 12.86
C ASN C 18 -21.87 8.19 13.73
N PRO C 19 -21.71 9.44 13.24
CA PRO C 19 -20.92 10.49 13.91
C PRO C 19 -21.33 10.88 15.33
N THR C 20 -22.64 10.88 15.61
CA THR C 20 -23.19 11.37 16.89
C THR C 20 -22.86 10.48 18.10
N TYR C 21 -21.89 9.59 17.96
CA TYR C 21 -21.52 8.68 19.05
C TYR C 21 -20.39 9.24 19.90
N SER C 22 -20.50 8.98 21.20
CA SER C 22 -19.68 9.65 22.21
C SER C 22 -18.21 9.25 22.20
N ARG C 23 -17.90 8.14 21.54
CA ARG C 23 -16.55 7.59 21.48
C ARG C 23 -16.17 6.75 22.70
N SER C 24 -16.99 6.82 23.75
CA SER C 24 -16.84 5.93 24.91
C SER C 24 -17.79 4.79 24.58
N GLU C 25 -18.86 5.12 23.87
CA GLU C 25 -19.83 4.13 23.44
C GLU C 25 -19.28 3.27 22.31
N ARG C 26 -18.29 3.79 21.57
CA ARG C 26 -17.57 3.03 20.54
C ARG C 26 -16.99 1.72 21.09
N GLN C 27 -16.54 1.76 22.35
CA GLN C 27 -16.00 0.59 23.06
C GLN C 27 -17.06 -0.48 23.30
N SER C 28 -18.28 -0.01 23.59
CA SER C 28 -19.41 -0.90 23.84
C SER C 28 -19.74 -1.72 22.59
N PHE C 29 -19.58 -1.09 21.43
CA PHE C 29 -19.84 -1.75 20.15
C PHE C 29 -18.83 -2.88 19.95
N GLN C 30 -17.55 -2.54 20.12
CA GLN C 30 -16.44 -3.49 19.95
C GLN C 30 -16.67 -4.82 20.68
N GLU C 31 -17.05 -4.75 21.94
CA GLU C 31 -17.28 -5.94 22.74
C GLU C 31 -18.46 -6.76 22.22
N LEU C 32 -19.46 -6.06 21.70
CA LEU C 32 -20.68 -6.73 21.23
C LEU C 32 -20.56 -7.22 19.79
N LEU C 33 -20.10 -6.33 18.90
CA LEU C 33 -19.93 -6.66 17.48
C LEU C 33 -19.15 -7.96 17.27
N THR C 34 -18.34 -8.37 18.24
CA THR C 34 -17.49 -9.55 18.07
C THR C 34 -18.18 -10.91 18.31
N VAL C 35 -19.45 -10.89 18.67
CA VAL C 35 -20.18 -12.14 18.90
C VAL C 35 -20.92 -12.56 17.63
N LEU C 36 -20.98 -11.63 16.68
CA LEU C 36 -21.53 -11.88 15.35
C LEU C 36 -20.71 -12.98 14.69
N GLU C 37 -21.35 -14.10 14.38
CA GLU C 37 -20.66 -15.22 13.75
C GLU C 37 -21.37 -15.66 12.49
N PRO C 38 -20.65 -15.67 11.36
CA PRO C 38 -21.21 -16.16 10.08
C PRO C 38 -21.52 -17.65 10.12
N VAL C 39 -22.81 -17.98 10.03
CA VAL C 39 -23.28 -19.36 10.11
C VAL C 39 -23.78 -19.81 8.73
N TYR C 40 -24.13 -21.09 8.61
CA TYR C 40 -24.61 -21.67 7.35
C TYR C 40 -25.83 -20.95 6.80
N PRO C 41 -25.70 -20.31 5.61
CA PRO C 41 -26.84 -19.63 5.02
C PRO C 41 -27.83 -20.61 4.39
N LEU C 42 -29.13 -20.34 4.57
CA LEU C 42 -30.17 -21.08 3.84
C LEU C 42 -30.06 -20.82 2.32
N PRO C 43 -30.65 -21.71 1.50
CA PRO C 43 -30.65 -21.71 0.03
C PRO C 43 -30.95 -20.39 -0.66
N ASN C 44 -31.86 -19.57 -0.10
CA ASN C 44 -32.13 -18.28 -0.72
C ASN C 44 -31.41 -17.11 -0.02
N GLU C 45 -30.49 -17.45 0.87
CA GLU C 45 -29.82 -16.46 1.70
C GLU C 45 -28.44 -16.07 1.19
N LEU C 46 -28.17 -14.77 1.16
CA LEU C 46 -26.85 -14.24 0.84
C LEU C 46 -25.84 -14.71 1.89
N GLY C 47 -26.10 -14.34 3.14
CA GLY C 47 -25.42 -14.91 4.30
C GLY C 47 -26.38 -14.97 5.48
N ARG C 48 -25.91 -15.55 6.59
CA ARG C 48 -26.69 -15.58 7.82
C ARG C 48 -25.74 -15.33 8.99
N VAL C 49 -26.21 -14.58 9.99
CA VAL C 49 -25.38 -14.16 11.10
C VAL C 49 -26.04 -14.41 12.47
N SER C 50 -25.39 -15.17 13.34
CA SER C 50 -25.98 -15.57 14.63
C SER C 50 -25.08 -15.22 15.80
N ALA C 51 -25.61 -14.41 16.72
CA ALA C 51 -24.84 -13.90 17.87
C ALA C 51 -25.49 -14.20 19.22
N ARG C 52 -24.97 -15.21 19.89
CA ARG C 52 -25.46 -15.67 21.18
C ARG C 52 -24.62 -15.14 22.34
N PHE C 53 -25.24 -14.31 23.18
CA PHE C 53 -24.51 -13.58 24.21
C PHE C 53 -24.39 -14.32 25.54
N SER C 54 -23.43 -13.87 26.34
CA SER C 54 -23.22 -14.38 27.70
C SER C 54 -24.49 -14.30 28.57
N ASP C 55 -25.28 -13.24 28.36
CA ASP C 55 -26.51 -13.01 29.12
C ASP C 55 -27.65 -13.94 28.70
N GLY C 56 -27.33 -14.96 27.90
CA GLY C 56 -28.32 -15.92 27.46
C GLY C 56 -29.32 -15.41 26.44
N SER C 57 -28.98 -14.34 25.73
CA SER C 57 -29.82 -13.81 24.65
C SER C 57 -29.13 -13.91 23.29
N SER C 58 -29.90 -14.21 22.25
CA SER C 58 -29.37 -14.41 20.91
C SER C 58 -29.95 -13.42 19.89
N LEU C 59 -29.23 -13.23 18.79
CA LEU C 59 -29.69 -12.47 17.63
C LEU C 59 -29.30 -13.25 16.38
N ARG C 60 -30.19 -13.29 15.41
CA ARG C 60 -29.88 -13.89 14.12
C ARG C 60 -30.38 -12.99 13.03
N ILE C 61 -29.51 -12.75 12.05
CA ILE C 61 -29.82 -11.86 10.94
C ILE C 61 -29.68 -12.62 9.65
N SER C 62 -30.67 -12.42 8.77
CA SER C 62 -30.75 -13.06 7.48
C SER C 62 -30.70 -12.01 6.39
N VAL C 63 -29.84 -12.21 5.41
CA VAL C 63 -29.80 -11.36 4.23
C VAL C 63 -30.12 -12.24 3.05
N THR C 64 -31.25 -11.95 2.41
CA THR C 64 -31.71 -12.71 1.23
C THR C 64 -30.88 -12.34 0.02
N ASN C 65 -30.96 -13.17 -1.02
CA ASN C 65 -30.25 -12.90 -2.26
C ASN C 65 -30.68 -11.60 -2.95
N SER C 66 -31.88 -11.10 -2.60
CA SER C 66 -32.34 -9.77 -3.03
C SER C 66 -31.84 -8.60 -2.13
N GLU C 67 -30.97 -8.91 -1.17
CA GLU C 67 -30.48 -7.95 -0.12
C GLU C 67 -31.59 -7.42 0.79
N SER C 68 -32.60 -8.26 1.00
CA SER C 68 -33.66 -8.02 1.97
C SER C 68 -33.25 -8.61 3.32
N ILE C 69 -33.43 -7.83 4.39
CA ILE C 69 -32.84 -8.18 5.68
C ILE C 69 -33.89 -8.45 6.75
N GLU C 70 -33.72 -9.55 7.49
CA GLU C 70 -34.53 -9.77 8.69
C GLU C 70 -33.72 -10.25 9.90
N ALA C 71 -34.08 -9.75 11.08
CA ALA C 71 -33.42 -10.15 12.31
C ALA C 71 -34.39 -10.81 13.31
N GLU C 72 -33.85 -11.73 14.12
CA GLU C 72 -34.64 -12.49 15.11
C GLU C 72 -33.95 -12.52 16.49
N ILE C 73 -34.47 -11.71 17.42
CA ILE C 73 -33.90 -11.58 18.75
C ILE C 73 -34.57 -12.52 19.73
N ARG C 74 -33.78 -13.14 20.61
CA ARG C 74 -34.29 -14.05 21.61
C ARG C 74 -33.83 -13.61 22.99
N THR C 75 -34.73 -13.03 23.78
CA THR C 75 -34.42 -12.68 25.16
C THR C 75 -34.35 -13.93 26.02
N PRO C 76 -33.62 -13.88 27.15
CA PRO C 76 -33.51 -15.00 28.10
C PRO C 76 -34.84 -15.75 28.31
N ASN C 77 -35.91 -15.00 28.54
CA ASN C 77 -37.26 -15.56 28.74
C ASN C 77 -37.85 -16.25 27.51
N ASN C 78 -37.03 -16.42 26.48
CA ASN C 78 -37.41 -16.99 25.16
C ASN C 78 -38.26 -16.09 24.25
N GLU C 79 -38.83 -15.02 24.81
CA GLU C 79 -39.54 -13.98 24.02
C GLU C 79 -38.79 -13.71 22.70
N LYS C 80 -39.46 -14.06 21.59
CA LYS C 80 -38.83 -14.24 20.26
C LYS C 80 -39.45 -13.37 19.15
N ILE C 81 -38.85 -12.21 18.89
CA ILE C 81 -39.40 -11.26 17.92
C ILE C 81 -38.59 -11.16 16.62
N THR C 82 -39.30 -11.03 15.50
CA THR C 82 -38.68 -10.95 14.19
C THR C 82 -38.86 -9.54 13.62
N VAL C 83 -37.76 -8.92 13.19
CA VAL C 83 -37.80 -7.53 12.73
C VAL C 83 -37.38 -7.43 11.26
N LEU C 84 -37.82 -6.36 10.59
CA LEU C 84 -37.53 -6.10 9.18
C LEU C 84 -36.65 -4.87 8.98
N LEU C 85 -35.40 -5.10 8.57
CA LEU C 85 -34.39 -4.04 8.58
C LEU C 85 -34.18 -3.28 7.26
N GLU C 86 -33.75 -2.04 7.39
CA GLU C 86 -33.42 -1.22 6.24
C GLU C 86 -31.97 -0.78 6.30
N SER C 87 -31.27 -0.97 5.20
CA SER C 87 -29.91 -0.47 5.09
C SER C 87 -29.93 0.73 4.15
N ASN C 88 -29.25 1.79 4.54
CA ASN C 88 -29.22 3.00 3.73
C ASN C 88 -27.88 3.70 3.90
N GLU C 89 -27.82 4.99 3.55
CA GLU C 89 -26.53 5.70 3.55
C GLU C 89 -26.13 6.31 4.89
N GLN C 90 -27.02 6.28 5.88
CA GLN C 90 -26.70 6.80 7.22
C GLN C 90 -26.21 5.68 8.12
N ASN C 91 -26.95 4.58 8.16
CA ASN C 91 -26.62 3.46 9.06
C ASN C 91 -25.61 2.44 8.52
N ARG C 92 -25.48 2.39 7.19
CA ARG C 92 -24.60 1.46 6.48
C ARG C 92 -24.67 0.05 7.05
N LEU C 93 -25.90 -0.45 7.16
CA LEU C 93 -26.19 -1.70 7.85
C LEU C 93 -25.54 -2.88 7.15
N LEU C 94 -25.82 -3.04 5.86
CA LEU C 94 -25.25 -4.12 5.08
C LEU C 94 -23.75 -4.15 5.18
N GLN C 95 -23.11 -2.99 5.20
CA GLN C 95 -21.65 -2.95 5.28
C GLN C 95 -21.10 -3.56 6.55
N SER C 96 -21.92 -3.56 7.61
CA SER C 96 -21.43 -3.81 8.97
C SER C 96 -21.70 -5.20 9.50
N LEU C 97 -21.72 -6.16 8.58
CA LEU C 97 -21.97 -7.57 8.89
C LEU C 97 -20.95 -8.47 8.19
N PRO C 98 -20.71 -9.68 8.72
CA PRO C 98 -19.82 -10.60 8.00
C PRO C 98 -20.51 -11.26 6.77
N ILE C 99 -20.83 -10.47 5.75
CA ILE C 99 -21.51 -11.04 4.59
C ILE C 99 -20.72 -10.72 3.35
N ASP C 100 -20.74 -11.64 2.38
CA ASP C 100 -20.16 -11.38 1.06
C ASP C 100 -21.25 -10.83 0.15
N ARG C 101 -21.00 -9.69 -0.46
CA ARG C 101 -21.98 -9.17 -1.38
C ARG C 101 -21.44 -9.28 -2.81
N HIS C 102 -22.34 -9.17 -3.79
CA HIS C 102 -21.98 -9.10 -5.21
C HIS C 102 -21.95 -7.64 -5.69
N MET C 103 -21.14 -6.79 -5.07
CA MET C 103 -21.01 -5.42 -5.58
C MET C 103 -20.11 -5.39 -6.81
N PRO C 104 -20.27 -4.38 -7.70
CA PRO C 104 -19.29 -4.09 -8.75
C PRO C 104 -17.95 -3.43 -8.26
N TYR C 105 -17.80 -3.16 -6.97
CA TYR C 105 -16.55 -2.61 -6.44
C TYR C 105 -16.17 -3.32 -5.16
N ILE C 106 -14.88 -3.44 -4.91
CA ILE C 106 -14.43 -3.96 -3.63
C ILE C 106 -14.75 -2.94 -2.54
N GLN C 107 -15.40 -3.41 -1.48
CA GLN C 107 -15.87 -2.58 -0.38
C GLN C 107 -14.75 -1.93 0.41
N VAL C 108 -14.88 -0.64 0.67
CA VAL C 108 -13.91 0.07 1.50
C VAL C 108 -14.55 0.44 2.82
N HIS C 109 -13.88 0.06 3.91
CA HIS C 109 -14.32 0.48 5.24
C HIS C 109 -13.38 1.48 5.90
N ARG C 110 -13.88 2.10 6.97
CA ARG C 110 -13.05 2.91 7.84
C ARG C 110 -12.88 2.20 9.15
N ALA C 111 -11.71 2.35 9.76
CA ALA C 111 -11.46 1.80 11.08
C ALA C 111 -12.12 2.71 12.09
N LEU C 112 -12.08 2.32 13.35
CA LEU C 112 -12.69 3.13 14.39
C LEU C 112 -11.69 4.03 15.09
N SER C 113 -12.18 4.70 16.13
CA SER C 113 -11.45 5.65 16.97
C SER C 113 -9.96 5.55 17.36
N GLU C 114 -9.52 4.38 17.84
CA GLU C 114 -8.19 4.24 18.44
C GLU C 114 -7.33 3.33 17.59
N MET C 115 -7.95 2.65 16.64
CA MET C 115 -7.29 1.58 15.87
C MET C 115 -6.07 2.08 15.13
N ASP C 116 -5.01 1.28 15.15
CA ASP C 116 -3.74 1.68 14.56
C ASP C 116 -2.93 0.50 14.03
N LEU C 117 -1.75 0.81 13.48
CA LEU C 117 -0.80 -0.17 12.98
C LEU C 117 0.61 0.14 13.49
N THR C 118 0.84 -0.25 14.74
CA THR C 118 2.14 -0.15 15.39
C THR C 118 2.83 -1.50 15.18
N ASP C 119 2.15 -2.55 15.65
CA ASP C 119 2.71 -3.87 15.81
C ASP C 119 1.66 -4.95 15.60
N THR C 120 2.02 -6.18 15.97
CA THR C 120 1.15 -7.33 15.85
C THR C 120 -0.19 -7.07 16.52
N THR C 121 -0.17 -6.66 17.79
CA THR C 121 -1.41 -6.46 18.53
C THR C 121 -2.44 -5.64 17.78
N SER C 122 -2.10 -4.43 17.37
CA SER C 122 -3.08 -3.53 16.76
C SER C 122 -3.56 -4.00 15.38
N MET C 123 -2.68 -4.71 14.66
CA MET C 123 -3.03 -5.35 13.39
C MET C 123 -4.17 -6.35 13.58
N ARG C 124 -3.95 -7.35 14.44
CA ARG C 124 -4.95 -8.38 14.75
C ARG C 124 -6.29 -7.79 15.13
N ASN C 125 -6.25 -6.78 16.00
CA ASN C 125 -7.44 -6.05 16.44
C ASN C 125 -8.20 -5.41 15.29
N LEU C 126 -7.46 -4.82 14.37
CA LEU C 126 -8.03 -4.30 13.15
C LEU C 126 -8.69 -5.43 12.36
N LEU C 127 -7.95 -6.52 12.14
CA LEU C 127 -8.53 -7.68 11.48
C LEU C 127 -9.73 -8.16 12.28
N GLY C 128 -9.59 -8.19 13.60
CA GLY C 128 -10.68 -8.57 14.46
C GLY C 128 -11.97 -7.80 14.20
N PHE C 129 -11.82 -6.58 13.69
CA PHE C 129 -12.94 -5.70 13.40
C PHE C 129 -13.42 -5.97 11.99
N THR C 130 -12.49 -5.85 11.03
CA THR C 130 -12.80 -5.96 9.61
C THR C 130 -13.38 -7.32 9.19
N SER C 131 -13.20 -8.35 10.02
CA SER C 131 -13.80 -9.63 9.67
C SER C 131 -15.20 -9.75 10.22
N LYS C 132 -15.74 -8.63 10.68
CA LYS C 132 -17.17 -8.53 10.95
C LYS C 132 -17.85 -7.58 9.98
N LEU C 133 -17.09 -7.01 9.04
CA LEU C 133 -17.68 -6.10 8.08
C LEU C 133 -17.89 -6.86 6.74
N SER C 134 -18.61 -6.23 5.79
CA SER C 134 -18.89 -6.87 4.52
C SER C 134 -17.68 -6.95 3.62
N THR C 135 -17.74 -7.84 2.63
CA THR C 135 -16.70 -8.00 1.63
C THR C 135 -17.38 -8.16 0.27
N THR C 136 -16.57 -8.14 -0.79
CA THR C 136 -17.04 -8.20 -2.17
C THR C 136 -16.50 -9.46 -2.84
N LEU C 137 -17.41 -10.34 -3.31
CA LEU C 137 -17.01 -11.58 -4.01
C LEU C 137 -16.16 -11.30 -5.24
N ILE C 138 -15.06 -12.04 -5.35
CA ILE C 138 -14.12 -11.91 -6.45
C ILE C 138 -14.12 -13.24 -7.16
N PRO C 139 -14.37 -13.26 -8.47
CA PRO C 139 -14.30 -14.54 -9.15
C PRO C 139 -12.85 -14.95 -9.47
N HIS C 140 -12.67 -16.21 -9.81
CA HIS C 140 -11.36 -16.78 -10.11
C HIS C 140 -11.44 -17.46 -11.46
N ASN C 141 -10.31 -17.56 -12.15
CA ASN C 141 -10.20 -18.46 -13.31
C ASN C 141 -9.29 -19.64 -12.97
N ALA C 142 -9.00 -20.50 -13.94
CA ALA C 142 -8.21 -21.72 -13.66
C ALA C 142 -6.81 -21.46 -13.11
N GLN C 143 -6.29 -20.26 -13.33
CA GLN C 143 -4.96 -19.88 -12.89
C GLN C 143 -5.02 -19.35 -11.46
N THR C 144 -6.09 -18.69 -11.10
CA THR C 144 -6.19 -18.11 -9.78
C THR C 144 -7.04 -18.94 -8.81
N ASP C 145 -7.63 -20.02 -9.33
CA ASP C 145 -8.48 -20.95 -8.57
C ASP C 145 -7.64 -21.77 -7.58
N PRO C 146 -7.76 -21.47 -6.28
CA PRO C 146 -6.89 -22.10 -5.31
C PRO C 146 -7.00 -23.60 -5.32
N LEU C 147 -8.17 -24.10 -5.73
CA LEU C 147 -8.45 -25.53 -5.70
C LEU C 147 -8.10 -26.24 -7.01
N SER C 148 -7.42 -25.54 -7.89
CA SER C 148 -7.01 -26.11 -9.14
C SER C 148 -5.50 -26.29 -9.18
N GLY C 149 -4.94 -26.57 -10.35
CA GLY C 149 -3.52 -26.77 -10.49
C GLY C 149 -3.11 -28.20 -10.14
N PRO C 150 -1.81 -28.50 -10.25
CA PRO C 150 -1.30 -29.84 -10.06
C PRO C 150 -1.45 -30.34 -8.65
N THR C 151 -1.36 -29.45 -7.67
CA THR C 151 -1.20 -29.89 -6.30
C THR C 151 -2.00 -29.03 -5.32
N PRO C 152 -3.32 -28.97 -5.49
CA PRO C 152 -4.13 -28.15 -4.60
C PRO C 152 -4.20 -28.70 -3.16
N PHE C 153 -4.34 -27.78 -2.21
CA PHE C 153 -4.43 -28.08 -0.78
C PHE C 153 -3.16 -28.75 -0.18
N SER C 154 -2.06 -28.75 -0.92
CA SER C 154 -0.84 -29.48 -0.53
C SER C 154 -0.24 -28.98 0.77
N SER C 155 -0.46 -27.72 1.09
CA SER C 155 0.22 -27.08 2.19
C SER C 155 -0.66 -26.89 3.41
N ILE C 156 -1.83 -27.52 3.43
CA ILE C 156 -2.76 -27.33 4.56
C ILE C 156 -2.25 -27.81 5.89
N PHE C 157 -1.52 -28.92 5.92
CA PHE C 157 -1.08 -29.48 7.19
C PHE C 157 0.01 -28.61 7.77
N MET C 158 0.98 -28.26 6.92
CA MET C 158 1.97 -27.25 7.26
C MET C 158 1.25 -25.98 7.65
N ASP C 159 0.23 -25.60 6.86
CA ASP C 159 -0.46 -24.33 7.06
C ASP C 159 -1.10 -24.22 8.43
N THR C 160 -1.78 -25.29 8.85
CA THR C 160 -2.50 -25.32 10.11
C THR C 160 -1.53 -25.46 11.28
N CYS C 161 -0.41 -26.13 11.04
CA CYS C 161 0.63 -26.28 12.03
C CYS C 161 1.20 -24.95 12.45
N ARG C 162 1.42 -24.07 11.48
CA ARG C 162 1.93 -22.74 11.80
C ARG C 162 0.82 -21.81 12.25
N GLY C 163 -0.42 -22.14 11.86
CA GLY C 163 -1.56 -21.27 12.13
C GLY C 163 -1.98 -21.22 13.59
N LEU C 164 -2.25 -22.38 14.16
CA LEU C 164 -2.77 -22.46 15.52
C LEU C 164 -1.72 -21.94 16.51
N GLY C 165 -2.21 -21.32 17.58
CA GLY C 165 -1.37 -20.60 18.54
C GLY C 165 -1.07 -19.17 18.10
N ASN C 166 -1.30 -18.89 16.81
CA ASN C 166 -1.05 -17.58 16.22
C ASN C 166 -2.22 -17.12 15.40
N ALA C 167 -3.40 -17.58 15.76
CA ALA C 167 -4.62 -17.26 15.02
C ALA C 167 -5.76 -16.88 15.96
N LYS C 168 -6.77 -16.21 15.41
CA LYS C 168 -7.98 -15.89 16.15
C LYS C 168 -9.07 -16.91 15.75
N LEU C 169 -9.11 -18.02 16.50
CA LEU C 169 -10.06 -19.11 16.20
C LEU C 169 -11.38 -18.95 16.94
N SER C 170 -12.47 -19.41 16.33
CA SER C 170 -13.79 -19.33 16.96
C SER C 170 -14.79 -20.41 16.51
N LEU C 171 -14.96 -21.44 17.34
CA LEU C 171 -15.93 -22.49 17.07
C LEU C 171 -17.27 -22.20 17.76
N ASN C 172 -18.35 -22.33 16.99
CA ASN C 172 -19.70 -22.06 17.50
C ASN C 172 -19.81 -20.89 18.48
N GLY C 173 -19.06 -19.83 18.25
CA GLY C 173 -19.22 -18.60 19.01
C GLY C 173 -18.32 -18.54 20.21
N VAL C 174 -17.57 -19.61 20.43
CA VAL C 174 -16.68 -19.76 21.58
C VAL C 174 -15.25 -19.42 21.16
N ASP C 175 -14.62 -18.46 21.82
CA ASP C 175 -13.26 -18.08 21.47
C ASP C 175 -12.25 -19.15 21.91
N ILE C 176 -11.38 -19.54 20.99
CA ILE C 176 -10.36 -20.53 21.25
C ILE C 176 -9.02 -19.79 21.36
N PRO C 177 -8.46 -19.70 22.58
CA PRO C 177 -7.23 -18.95 22.73
C PRO C 177 -5.99 -19.79 22.41
N ALA C 178 -4.85 -19.12 22.32
CA ALA C 178 -3.58 -19.70 21.89
C ALA C 178 -3.34 -21.10 22.47
N ASN C 179 -3.20 -21.16 23.79
CA ASN C 179 -3.08 -22.40 24.55
C ASN C 179 -3.99 -23.54 24.09
N ALA C 180 -5.30 -23.26 24.00
CA ALA C 180 -6.26 -24.23 23.50
C ALA C 180 -6.03 -24.63 22.02
N GLN C 181 -5.61 -23.68 21.18
CA GLN C 181 -5.25 -24.00 19.81
C GLN C 181 -4.05 -24.93 19.75
N MET C 182 -3.14 -24.78 20.71
CA MET C 182 -1.93 -25.60 20.81
C MET C 182 -2.26 -27.03 21.20
N LEU C 183 -3.27 -27.20 22.04
CA LEU C 183 -3.70 -28.54 22.41
C LEU C 183 -4.45 -29.16 21.25
N LEU C 184 -5.10 -28.29 20.48
CA LEU C 184 -5.81 -28.68 19.26
C LEU C 184 -4.84 -29.17 18.17
N ARG C 185 -3.80 -28.40 17.89
CA ARG C 185 -2.70 -28.85 17.04
C ARG C 185 -2.25 -30.28 17.37
N ASP C 186 -2.07 -30.57 18.66
CA ASP C 186 -1.63 -31.88 19.12
C ASP C 186 -2.73 -32.94 18.95
N ALA C 187 -3.96 -32.57 19.31
CA ALA C 187 -5.13 -33.43 19.15
C ALA C 187 -5.32 -33.94 17.72
N LEU C 188 -4.91 -33.11 16.76
CA LEU C 188 -5.00 -33.45 15.33
C LEU C 188 -3.86 -34.38 14.91
N GLY C 189 -2.89 -34.56 15.81
CA GLY C 189 -1.68 -35.32 15.54
C GLY C 189 -0.83 -34.60 14.52
N LEU C 190 -0.82 -33.27 14.61
CA LEU C 190 -0.09 -32.43 13.67
C LEU C 190 1.15 -31.86 14.33
N LYS C 191 1.98 -32.78 14.81
CA LYS C 191 3.30 -32.48 15.41
C LYS C 191 4.32 -31.62 14.65
N ASP C 192 4.72 -32.03 13.46
CA ASP C 192 5.70 -31.25 12.69
C ASP C 192 5.17 -31.05 11.27
N THR C 193 5.69 -30.03 10.60
CA THR C 193 5.29 -29.63 9.26
C THR C 193 5.13 -30.75 8.20
N HIS C 194 5.70 -31.92 8.45
CA HIS C 194 5.66 -33.03 7.49
C HIS C 194 4.60 -34.08 7.82
N SER C 195 3.92 -33.90 8.95
CA SER C 195 3.02 -34.93 9.46
C SER C 195 1.56 -34.65 9.11
N SER C 196 0.95 -35.58 8.40
CA SER C 196 -0.49 -35.54 8.17
C SER C 196 -1.22 -36.13 9.38
N PRO C 197 -2.55 -35.90 9.50
CA PRO C 197 -3.25 -36.26 10.72
C PRO C 197 -3.36 -37.75 10.92
N THR C 198 -3.75 -38.13 12.14
CA THR C 198 -3.86 -39.53 12.53
C THR C 198 -5.04 -40.19 11.82
N ARG C 199 -4.79 -41.35 11.23
CA ARG C 199 -5.81 -42.09 10.47
C ARG C 199 -7.13 -42.24 11.23
N ASN C 200 -7.04 -42.38 12.55
CA ASN C 200 -8.21 -42.43 13.42
C ASN C 200 -8.95 -41.10 13.52
N VAL C 201 -8.19 -40.00 13.56
CA VAL C 201 -8.80 -38.67 13.55
C VAL C 201 -9.42 -38.41 12.19
N ILE C 202 -8.77 -38.92 11.15
CA ILE C 202 -9.29 -38.86 9.79
C ILE C 202 -10.63 -39.59 9.68
N ASP C 203 -10.73 -40.75 10.33
CA ASP C 203 -11.93 -41.57 10.25
C ASP C 203 -13.00 -41.30 11.32
N HIS C 204 -12.65 -40.58 12.39
CA HIS C 204 -13.57 -40.41 13.54
C HIS C 204 -13.57 -39.03 14.20
N GLY C 205 -12.58 -38.20 13.88
CA GLY C 205 -12.47 -36.87 14.48
C GLY C 205 -11.72 -36.90 15.79
N ILE C 206 -12.03 -35.93 16.65
CA ILE C 206 -11.32 -35.77 17.91
C ILE C 206 -11.87 -36.68 19.01
N SER C 207 -11.00 -37.07 19.93
CA SER C 207 -11.40 -37.85 21.09
C SER C 207 -12.22 -36.99 22.05
N ARG C 208 -13.27 -37.61 22.61
CA ARG C 208 -14.11 -36.97 23.61
C ARG C 208 -13.24 -36.38 24.71
N HIS C 209 -12.14 -37.09 24.99
CA HIS C 209 -11.12 -36.64 25.94
C HIS C 209 -10.56 -35.25 25.59
N ASP C 210 -9.89 -35.15 24.45
CA ASP C 210 -9.25 -33.91 23.99
C ASP C 210 -10.23 -32.74 23.79
N ALA C 211 -11.43 -33.06 23.30
CA ALA C 211 -12.46 -32.06 23.03
C ALA C 211 -12.79 -31.21 24.26
N GLU C 212 -13.09 -31.90 25.37
CA GLU C 212 -13.45 -31.25 26.63
C GLU C 212 -12.30 -30.41 27.15
N GLN C 213 -11.10 -30.96 27.10
CA GLN C 213 -9.89 -30.25 27.51
C GLN C 213 -9.79 -28.92 26.78
N ILE C 214 -10.06 -28.93 25.48
CA ILE C 214 -10.07 -27.72 24.68
C ILE C 214 -11.22 -26.79 25.11
N ALA C 215 -12.42 -27.36 25.27
CA ALA C 215 -13.61 -26.56 25.63
C ALA C 215 -13.48 -25.85 26.98
N ARG C 216 -12.76 -26.48 27.90
CA ARG C 216 -12.59 -25.97 29.26
C ARG C 216 -11.64 -24.76 29.27
N GLU C 217 -10.54 -24.88 28.52
CA GLU C 217 -9.53 -23.82 28.45
C GLU C 217 -10.01 -22.64 27.62
N SER C 218 -11.22 -22.77 27.07
CA SER C 218 -11.76 -21.81 26.13
C SER C 218 -12.72 -20.80 26.73
N SER C 219 -12.92 -19.71 25.99
CA SER C 219 -13.70 -18.55 26.42
C SER C 219 -15.11 -18.56 25.82
N GLY C 220 -16.10 -18.76 26.69
CA GLY C 220 -17.51 -18.76 26.30
C GLY C 220 -18.44 -19.26 27.40
N SER C 221 -19.74 -19.17 27.15
CA SER C 221 -20.74 -19.72 28.08
C SER C 221 -20.79 -21.25 27.96
N ASP C 222 -21.09 -21.90 29.09
CA ASP C 222 -21.08 -23.37 29.17
C ASP C 222 -22.13 -24.04 28.29
N LYS C 223 -23.26 -23.36 28.09
CA LYS C 223 -24.33 -23.85 27.22
C LYS C 223 -23.85 -24.07 25.75
N GLN C 224 -22.84 -23.30 25.34
CA GLN C 224 -22.17 -23.47 24.04
C GLN C 224 -20.88 -24.30 24.13
N LYS C 225 -20.19 -24.23 25.28
CA LYS C 225 -18.94 -24.99 25.50
C LYS C 225 -19.10 -26.48 25.21
N ALA C 226 -20.32 -26.98 25.42
CA ALA C 226 -20.68 -28.36 25.05
C ALA C 226 -20.62 -28.62 23.53
N GLU C 227 -21.34 -27.78 22.76
CA GLU C 227 -21.37 -27.92 21.30
C GLU C 227 -19.98 -28.08 20.68
N VAL C 228 -19.01 -27.33 21.19
CA VAL C 228 -17.60 -27.42 20.74
C VAL C 228 -17.09 -28.86 20.85
N VAL C 229 -17.28 -29.46 22.03
CA VAL C 229 -16.95 -30.87 22.27
C VAL C 229 -17.66 -31.77 21.25
N GLU C 230 -18.99 -31.63 21.16
CA GLU C 230 -19.78 -32.42 20.23
C GLU C 230 -19.37 -32.24 18.79
N PHE C 231 -18.97 -31.01 18.45
CA PHE C 231 -18.58 -30.66 17.10
C PHE C 231 -17.23 -31.28 16.76
N LEU C 232 -16.28 -31.16 17.69
CA LEU C 232 -14.95 -31.69 17.48
C LEU C 232 -14.96 -33.20 17.29
N CYS C 233 -16.02 -33.85 17.74
CA CYS C 233 -16.09 -35.29 17.71
C CYS C 233 -16.52 -35.89 16.38
N HIS C 234 -16.70 -35.03 15.38
CA HIS C 234 -17.01 -35.44 14.00
C HIS C 234 -15.76 -35.41 13.14
N PRO C 235 -15.61 -36.38 12.22
CA PRO C 235 -14.47 -36.40 11.30
C PRO C 235 -14.40 -35.13 10.47
N GLU C 236 -15.58 -34.54 10.25
CA GLU C 236 -15.76 -33.38 9.40
C GLU C 236 -15.28 -32.11 10.09
N ALA C 237 -15.08 -32.19 11.41
CA ALA C 237 -14.56 -31.07 12.19
C ALA C 237 -13.11 -30.76 11.86
N ALA C 238 -12.28 -31.80 11.75
CA ALA C 238 -10.86 -31.64 11.42
C ALA C 238 -10.68 -31.02 10.05
N THR C 239 -11.35 -31.60 9.07
CA THR C 239 -11.42 -31.10 7.71
C THR C 239 -11.69 -29.60 7.73
N ALA C 240 -12.76 -29.21 8.42
CA ALA C 240 -13.12 -27.82 8.56
C ALA C 240 -11.97 -27.02 9.17
N ILE C 241 -11.32 -27.56 10.20
CA ILE C 241 -10.28 -26.82 10.89
C ILE C 241 -9.04 -26.68 10.02
N CYS C 242 -8.65 -27.75 9.34
CA CYS C 242 -7.40 -27.73 8.61
C CYS C 242 -7.48 -26.80 7.43
N SER C 243 -8.49 -27.05 6.59
CA SER C 243 -8.63 -26.37 5.32
C SER C 243 -8.75 -24.87 5.50
N ALA C 244 -9.28 -24.44 6.64
CA ALA C 244 -9.45 -23.02 6.91
C ALA C 244 -8.12 -22.29 6.91
N PHE C 245 -7.03 -23.05 7.01
CA PHE C 245 -5.70 -22.46 7.07
C PHE C 245 -4.99 -22.37 5.72
N TYR C 246 -5.57 -23.01 4.71
CA TYR C 246 -4.98 -23.04 3.37
C TYR C 246 -4.47 -21.66 2.97
N GLN C 247 -3.20 -21.60 2.54
CA GLN C 247 -2.51 -20.33 2.27
C GLN C 247 -2.99 -19.61 1.01
N SER C 248 -3.37 -20.39 0.00
CA SER C 248 -3.62 -19.91 -1.36
C SER C 248 -5.08 -19.56 -1.56
N PHE C 249 -5.85 -19.52 -0.47
CA PHE C 249 -7.16 -18.89 -0.50
C PHE C 249 -7.03 -17.41 -0.91
N ASN C 250 -5.85 -16.85 -0.66
CA ASN C 250 -5.55 -15.44 -0.88
C ASN C 250 -5.03 -15.12 -2.29
N VAL C 251 -5.03 -16.12 -3.18
CA VAL C 251 -4.48 -15.88 -4.51
C VAL C 251 -5.42 -14.98 -5.32
N PRO C 252 -6.75 -15.31 -5.36
CA PRO C 252 -7.59 -14.44 -6.19
C PRO C 252 -7.48 -12.97 -5.78
N ALA C 253 -7.51 -12.72 -4.48
CA ALA C 253 -7.38 -11.36 -3.95
C ALA C 253 -6.01 -10.79 -4.25
N LEU C 254 -4.96 -11.42 -3.76
CA LEU C 254 -3.58 -10.97 -4.06
C LEU C 254 -3.34 -10.72 -5.55
N THR C 255 -3.95 -11.53 -6.44
CA THR C 255 -3.86 -11.32 -7.88
C THR C 255 -4.32 -9.95 -8.32
N LEU C 256 -5.10 -9.29 -7.45
CA LEU C 256 -5.64 -7.96 -7.70
C LEU C 256 -4.89 -6.86 -6.96
N THR C 257 -4.05 -7.25 -6.02
CA THR C 257 -3.56 -6.29 -5.04
C THR C 257 -2.09 -6.41 -4.69
N HIS C 258 -1.46 -7.54 -5.04
CA HIS C 258 -0.18 -7.93 -4.43
C HIS C 258 0.89 -6.85 -4.41
N GLU C 259 0.97 -6.07 -5.47
CA GLU C 259 1.93 -5.00 -5.59
C GLU C 259 1.71 -3.92 -4.57
N ARG C 260 0.46 -3.66 -4.24
CA ARG C 260 0.14 -2.66 -3.22
C ARG C 260 0.40 -3.23 -1.80
N ILE C 261 0.40 -4.55 -1.68
CA ILE C 261 0.75 -5.21 -0.43
C ILE C 261 2.26 -5.15 -0.23
N SER C 262 3.00 -5.30 -1.31
CA SER C 262 4.45 -5.26 -1.25
C SER C 262 5.00 -3.87 -0.95
N LYS C 263 4.32 -2.82 -1.41
CA LYS C 263 4.75 -1.46 -1.09
C LYS C 263 4.61 -1.23 0.41
N ALA C 264 3.58 -1.82 1.01
CA ALA C 264 3.39 -1.70 2.44
C ALA C 264 4.45 -2.49 3.19
N SER C 265 4.83 -3.64 2.64
CA SER C 265 5.90 -4.44 3.22
C SER C 265 7.26 -3.75 3.16
N GLU C 266 7.46 -2.93 2.12
CA GLU C 266 8.68 -2.16 1.96
C GLU C 266 8.71 -0.95 2.89
N TYR C 267 7.67 -0.11 2.76
CA TYR C 267 7.42 1.03 3.64
C TYR C 267 7.62 0.65 5.11
N ASN C 268 7.06 -0.50 5.50
CA ASN C 268 7.17 -1.00 6.86
C ASN C 268 8.52 -1.53 7.30
N ALA C 269 9.32 -2.02 6.36
CA ALA C 269 10.65 -2.51 6.72
C ALA C 269 11.69 -1.37 6.66
N GLU C 270 11.51 -0.46 5.70
CA GLU C 270 12.32 0.74 5.52
C GLU C 270 12.13 1.70 6.69
N ARG C 271 11.40 1.23 7.70
CA ARG C 271 10.92 2.07 8.78
C ARG C 271 10.77 1.21 10.04
N SER C 272 11.41 0.05 10.02
CA SER C 272 11.55 -0.88 11.17
C SER C 272 10.31 -1.14 12.03
N LEU C 273 9.39 -1.95 11.51
CA LEU C 273 8.12 -2.20 12.19
C LEU C 273 7.82 -3.60 12.79
N ASP C 274 8.52 -4.66 12.35
CA ASP C 274 8.35 -6.02 12.94
C ASP C 274 6.89 -6.52 12.80
N THR C 275 6.10 -5.80 12.01
CA THR C 275 4.71 -6.14 11.84
C THR C 275 4.61 -7.43 11.02
N PRO C 276 3.81 -8.40 11.50
CA PRO C 276 3.68 -9.71 10.84
C PRO C 276 3.19 -9.58 9.42
N ASN C 277 3.49 -10.58 8.61
CA ASN C 277 3.13 -10.60 7.20
C ASN C 277 1.62 -10.68 6.98
N ALA C 278 0.94 -11.47 7.80
CA ALA C 278 -0.48 -11.73 7.67
C ALA C 278 -1.08 -12.18 9.02
N CYS C 279 -2.36 -11.92 9.23
CA CYS C 279 -3.11 -12.50 10.35
C CYS C 279 -4.33 -13.30 9.88
N ILE C 280 -4.58 -14.44 10.54
CA ILE C 280 -5.78 -15.21 10.25
C ILE C 280 -6.82 -14.97 11.31
N ASN C 281 -8.10 -15.04 10.91
CA ASN C 281 -9.21 -14.93 11.83
C ASN C 281 -10.36 -15.77 11.35
N ILE C 282 -10.44 -16.98 11.89
CA ILE C 282 -11.34 -18.00 11.45
C ILE C 282 -12.57 -18.12 12.35
N SER C 283 -13.73 -18.26 11.70
CA SER C 283 -15.02 -18.54 12.37
C SER C 283 -15.69 -19.78 11.80
N ILE C 284 -15.73 -20.84 12.59
CA ILE C 284 -16.43 -22.04 12.19
C ILE C 284 -17.68 -22.19 13.05
N SER C 285 -18.77 -22.66 12.44
CA SER C 285 -19.99 -22.98 13.17
C SER C 285 -20.72 -24.21 12.65
N GLN C 286 -21.28 -25.00 13.57
CA GLN C 286 -22.17 -26.09 13.20
C GLN C 286 -23.57 -25.77 13.69
N SER C 287 -24.52 -25.68 12.75
CA SER C 287 -25.91 -25.36 13.07
C SER C 287 -26.63 -26.50 13.82
N SER C 288 -27.85 -26.25 14.29
CA SER C 288 -28.58 -27.30 14.99
C SER C 288 -29.29 -28.28 14.04
N ASP C 289 -28.71 -28.50 12.87
CA ASP C 289 -29.08 -29.60 11.98
C ASP C 289 -27.80 -30.21 11.41
N GLY C 290 -26.70 -29.98 12.11
CA GLY C 290 -25.39 -30.55 11.78
C GLY C 290 -24.68 -30.01 10.55
N ASN C 291 -25.08 -28.81 10.11
CA ASN C 291 -24.42 -28.10 8.99
C ASN C 291 -23.12 -27.41 9.42
N ILE C 292 -21.99 -27.77 8.80
CA ILE C 292 -20.69 -27.12 9.13
C ILE C 292 -20.32 -26.03 8.13
N TYR C 293 -20.09 -24.81 8.62
CA TYR C 293 -19.67 -23.68 7.78
C TYR C 293 -18.36 -23.07 8.33
N VAL C 294 -17.42 -22.85 7.40
CA VAL C 294 -16.13 -22.24 7.67
C VAL C 294 -16.09 -20.90 7.00
N THR C 295 -15.47 -19.91 7.65
CA THR C 295 -15.40 -18.57 7.12
C THR C 295 -14.07 -17.99 7.51
N SER C 296 -13.06 -18.19 6.66
CA SER C 296 -11.67 -17.91 7.00
C SER C 296 -11.21 -16.55 6.49
N HIS C 297 -10.55 -15.80 7.37
CA HIS C 297 -10.07 -14.46 7.03
C HIS C 297 -8.57 -14.35 7.16
N THR C 298 -7.89 -13.99 6.07
CA THR C 298 -6.53 -13.47 6.17
C THR C 298 -6.59 -11.95 6.07
N GLY C 299 -5.83 -11.27 6.88
CA GLY C 299 -5.71 -9.83 6.78
C GLY C 299 -4.28 -9.51 6.42
N VAL C 300 -4.06 -8.37 5.80
CA VAL C 300 -2.79 -8.12 5.19
C VAL C 300 -2.70 -6.60 4.97
N LEU C 301 -1.52 -6.04 5.13
CA LEU C 301 -1.40 -4.60 5.08
C LEU C 301 -1.22 -4.16 3.65
N ILE C 302 -2.00 -3.18 3.23
CA ILE C 302 -1.92 -2.75 1.85
C ILE C 302 -1.87 -1.22 1.80
N MET C 303 -1.29 -0.66 0.73
CA MET C 303 -1.19 0.80 0.58
C MET C 303 -2.43 1.32 -0.11
N ALA C 304 -2.80 2.56 0.19
CA ALA C 304 -3.92 3.20 -0.48
C ALA C 304 -3.61 3.36 -1.97
N PRO C 305 -4.63 3.71 -2.78
CA PRO C 305 -4.46 4.05 -4.18
C PRO C 305 -3.63 5.33 -4.38
N GLU C 306 -2.91 5.37 -5.50
CA GLU C 306 -1.82 6.36 -5.80
C GLU C 306 -1.95 7.78 -5.23
N ASP C 307 -3.19 8.29 -5.18
CA ASP C 307 -3.47 9.68 -4.81
C ASP C 307 -3.12 10.05 -3.36
N ARG C 308 -3.27 9.08 -2.46
CA ARG C 308 -3.04 9.29 -1.03
C ARG C 308 -1.77 8.55 -0.60
N PRO C 309 -0.59 9.19 -0.78
CA PRO C 309 0.71 8.56 -0.45
C PRO C 309 0.90 8.35 1.05
N ASN C 310 1.63 7.29 1.42
CA ASN C 310 1.90 6.96 2.84
C ASN C 310 0.66 6.47 3.60
N GLU C 311 -0.51 6.57 2.98
CA GLU C 311 -1.76 6.02 3.53
C GLU C 311 -1.72 4.49 3.45
N MET C 312 -1.89 3.84 4.60
CA MET C 312 -1.80 2.38 4.67
C MET C 312 -2.96 1.79 5.47
N GLY C 313 -3.47 0.65 5.01
CA GLY C 313 -4.59 -0.02 5.65
C GLY C 313 -4.55 -1.53 5.49
N MET C 314 -5.71 -2.17 5.44
CA MET C 314 -5.79 -3.61 5.48
C MET C 314 -6.73 -4.17 4.44
N LEU C 315 -6.20 -5.15 3.71
CA LEU C 315 -6.97 -5.98 2.84
C LEU C 315 -7.34 -7.20 3.64
N THR C 316 -8.64 -7.48 3.68
CA THR C 316 -9.16 -8.64 4.34
C THR C 316 -9.70 -9.60 3.28
N ASN C 317 -9.09 -10.77 3.13
CA ASN C 317 -9.65 -11.73 2.20
C ASN C 317 -10.57 -12.71 2.92
N ARG C 318 -11.83 -12.81 2.49
CA ARG C 318 -12.78 -13.72 3.15
C ARG C 318 -13.03 -14.98 2.38
N THR C 319 -12.89 -16.12 3.02
CA THR C 319 -13.24 -17.37 2.35
C THR C 319 -14.36 -18.06 3.11
N SER C 320 -15.44 -18.41 2.42
CA SER C 320 -16.54 -19.10 3.07
C SER C 320 -16.78 -20.35 2.30
N TYR C 321 -17.21 -21.41 2.97
CA TYR C 321 -17.59 -22.67 2.33
C TYR C 321 -18.21 -23.62 3.38
N GLU C 322 -19.01 -24.56 2.92
CA GLU C 322 -19.60 -25.52 3.84
C GLU C 322 -18.76 -26.78 3.78
N VAL C 323 -18.64 -27.46 4.91
CA VAL C 323 -18.04 -28.78 4.91
C VAL C 323 -19.19 -29.78 4.96
N PRO C 324 -19.56 -30.36 3.81
CA PRO C 324 -20.66 -31.32 3.73
C PRO C 324 -20.39 -32.53 4.60
N GLN C 325 -21.43 -33.28 4.91
CA GLN C 325 -21.26 -34.51 5.66
C GLN C 325 -20.37 -35.52 4.94
N GLY C 326 -19.62 -36.29 5.72
CA GLY C 326 -18.92 -37.45 5.22
C GLY C 326 -17.59 -37.15 4.58
N VAL C 327 -17.30 -35.86 4.40
CA VAL C 327 -16.03 -35.43 3.80
C VAL C 327 -14.94 -35.44 4.85
N LYS C 328 -13.87 -36.15 4.55
CA LYS C 328 -12.79 -36.37 5.51
C LYS C 328 -11.57 -35.50 5.26
N CYS C 329 -10.69 -35.46 6.25
CA CYS C 329 -9.51 -34.61 6.25
C CYS C 329 -8.38 -35.24 5.41
N ILE C 330 -8.69 -35.50 4.15
CA ILE C 330 -7.74 -36.03 3.18
C ILE C 330 -7.68 -35.03 2.05
N ILE C 331 -6.46 -34.67 1.64
CA ILE C 331 -6.27 -33.75 0.51
C ILE C 331 -7.25 -34.07 -0.63
N ASP C 332 -7.15 -35.28 -1.19
CA ASP C 332 -7.93 -35.70 -2.37
C ASP C 332 -9.43 -35.53 -2.23
N GLU C 333 -9.93 -35.81 -1.02
CA GLU C 333 -11.35 -35.75 -0.69
C GLU C 333 -11.81 -34.30 -0.59
N MET C 334 -10.97 -33.47 0.03
CA MET C 334 -11.25 -32.04 0.15
C MET C 334 -11.33 -31.38 -1.21
N VAL C 335 -10.29 -31.56 -2.01
CA VAL C 335 -10.22 -31.02 -3.36
C VAL C 335 -11.57 -31.12 -4.07
N ARG C 336 -12.05 -32.34 -4.24
CA ARG C 336 -13.18 -32.53 -5.12
C ARG C 336 -14.54 -32.40 -4.44
N ALA C 337 -14.55 -32.20 -3.13
CA ALA C 337 -15.80 -31.94 -2.39
C ALA C 337 -16.04 -30.47 -1.95
N LEU C 338 -14.99 -29.79 -1.48
CA LEU C 338 -15.13 -28.40 -1.05
C LEU C 338 -15.32 -27.43 -2.21
N GLN C 339 -16.14 -26.40 -1.98
CA GLN C 339 -16.37 -25.39 -3.00
C GLN C 339 -16.33 -23.98 -2.42
N PRO C 340 -15.14 -23.43 -2.25
CA PRO C 340 -15.08 -22.17 -1.54
C PRO C 340 -15.56 -20.99 -2.36
N ARG C 341 -16.00 -19.92 -1.68
CA ARG C 341 -16.14 -18.59 -2.29
C ARG C 341 -15.07 -17.68 -1.73
N TYR C 342 -14.70 -16.67 -2.52
CA TYR C 342 -13.66 -15.71 -2.20
C TYR C 342 -14.17 -14.26 -2.30
N ALA C 343 -13.83 -13.46 -1.31
CA ALA C 343 -14.20 -12.07 -1.37
C ALA C 343 -13.16 -11.31 -0.61
N ALA C 344 -13.17 -9.99 -0.77
CA ALA C 344 -12.19 -9.13 -0.09
C ALA C 344 -12.81 -7.81 0.27
N SER C 345 -12.23 -7.14 1.28
CA SER C 345 -12.49 -5.74 1.52
C SER C 345 -11.19 -4.96 1.74
N GLU C 346 -11.27 -3.64 1.64
CA GLU C 346 -10.17 -2.79 2.08
C GLU C 346 -10.59 -1.86 3.20
N THR C 347 -9.74 -1.75 4.22
CA THR C 347 -10.05 -0.92 5.38
C THR C 347 -8.92 0.06 5.67
N TYR C 348 -9.25 1.35 5.72
CA TYR C 348 -8.27 2.39 6.03
C TYR C 348 -8.59 3.13 7.32
N LEU C 349 -7.55 3.54 8.05
CA LEU C 349 -7.67 4.16 9.37
C LEU C 349 -8.37 5.51 9.31
N GLN C 350 -8.98 5.90 10.42
CA GLN C 350 -9.70 7.18 10.56
C GLN C 350 -8.86 8.41 10.17
N ASN C 351 -9.52 9.57 10.00
CA ASN C 351 -8.87 10.82 9.55
C ASN C 351 -8.51 10.83 8.05
N PRO D 1 23.79 6.91 -1.66
CA PRO D 1 23.04 7.65 -0.63
C PRO D 1 23.55 7.38 0.79
N GLU D 2 23.02 6.31 1.41
CA GLU D 2 23.51 5.80 2.70
C GLU D 2 24.01 4.35 2.58
N TYR D 3 24.57 4.02 1.40
CA TYR D 3 25.19 2.70 1.11
C TYR D 3 26.01 2.75 -0.18
N ASP D 4 26.97 1.84 -0.30
CA ASP D 4 27.82 1.75 -1.48
C ASP D 4 27.10 0.99 -2.61
N TYR D 5 26.60 -0.21 -2.31
CA TYR D 5 25.85 -1.00 -3.30
C TYR D 5 24.45 -1.35 -2.79
N LEU D 6 23.49 -1.54 -3.69
CA LEU D 6 22.16 -2.03 -3.31
C LEU D 6 21.76 -3.27 -4.11
N PHE D 7 21.75 -4.44 -3.45
CA PHE D 7 21.40 -5.69 -4.11
C PHE D 7 20.03 -6.16 -3.70
N LYS D 8 19.32 -6.75 -4.67
CA LYS D 8 17.99 -7.31 -4.45
C LYS D 8 18.08 -8.82 -4.46
N LEU D 9 17.57 -9.42 -3.40
CA LEU D 9 17.65 -10.85 -3.25
C LEU D 9 16.27 -11.47 -3.17
N LEU D 10 16.15 -12.65 -3.76
CA LEU D 10 14.92 -13.41 -3.73
C LEU D 10 15.15 -14.80 -3.16
N LEU D 11 14.33 -15.15 -2.17
CA LEU D 11 14.28 -16.48 -1.58
C LEU D 11 13.14 -17.26 -2.25
N ILE D 12 13.45 -18.40 -2.88
CA ILE D 12 12.40 -19.25 -3.45
C ILE D 12 12.62 -20.72 -3.13
N GLY D 13 11.54 -21.49 -3.25
CA GLY D 13 11.55 -22.93 -2.94
C GLY D 13 10.18 -23.40 -2.49
N ASP D 14 9.99 -24.71 -2.49
CA ASP D 14 8.78 -25.37 -1.99
C ASP D 14 8.33 -24.83 -0.63
N SER D 15 7.03 -24.84 -0.41
CA SER D 15 6.46 -24.34 0.83
C SER D 15 6.87 -25.25 1.96
N GLY D 16 7.29 -24.65 3.07
CA GLY D 16 7.60 -25.40 4.27
C GLY D 16 9.07 -25.68 4.53
N VAL D 17 9.92 -25.39 3.55
CA VAL D 17 11.36 -25.67 3.64
C VAL D 17 12.13 -24.77 4.62
N GLY D 18 11.49 -23.68 5.05
CA GLY D 18 12.02 -22.80 6.08
C GLY D 18 12.60 -21.49 5.57
N LYS D 19 12.01 -20.91 4.52
CA LYS D 19 12.62 -19.76 3.86
C LYS D 19 12.46 -18.51 4.70
N SER D 20 11.26 -18.33 5.26
CA SER D 20 10.98 -17.21 6.14
C SER D 20 11.81 -17.39 7.40
N CYS D 21 12.06 -18.64 7.78
CA CYS D 21 12.89 -18.94 8.93
C CYS D 21 14.35 -18.53 8.71
N LEU D 22 14.87 -18.78 7.52
CA LEU D 22 16.21 -18.31 7.16
C LEU D 22 16.26 -16.79 7.20
N LEU D 23 15.38 -16.17 6.42
CA LEU D 23 15.36 -14.70 6.28
C LEU D 23 15.34 -14.00 7.62
N LEU D 24 14.50 -14.49 8.53
CA LEU D 24 14.37 -13.91 9.86
C LEU D 24 15.68 -14.04 10.60
N ARG D 25 16.23 -15.24 10.59
CA ARG D 25 17.54 -15.49 11.19
C ARG D 25 18.60 -14.52 10.64
N PHE D 26 18.63 -14.32 9.33
CA PHE D 26 19.56 -13.34 8.75
C PHE D 26 19.22 -11.91 9.17
N ALA D 27 17.95 -11.52 9.00
CA ALA D 27 17.48 -10.17 9.34
C ALA D 27 17.70 -9.79 10.80
N ASP D 28 17.28 -10.67 11.72
CA ASP D 28 17.28 -10.34 13.13
C ASP D 28 18.03 -11.34 14.01
N ASP D 29 18.49 -12.43 13.41
CA ASP D 29 19.20 -13.48 14.14
C ASP D 29 18.34 -14.10 15.24
N THR D 30 17.04 -14.23 14.95
CA THR D 30 16.10 -14.83 15.89
C THR D 30 15.32 -15.97 15.25
N TYR D 31 14.61 -16.72 16.10
CA TYR D 31 13.85 -17.88 15.70
C TYR D 31 12.62 -18.08 16.58
N THR D 32 11.44 -18.08 15.97
CA THR D 32 10.23 -18.55 16.64
C THR D 32 9.44 -19.46 15.73
N GLU D 33 8.38 -20.04 16.30
CA GLU D 33 7.31 -20.65 15.54
C GLU D 33 6.03 -19.93 15.93
N SER D 34 6.09 -18.58 15.92
CA SER D 34 4.93 -17.71 16.21
C SER D 34 4.27 -17.13 14.94
N TYR D 35 4.98 -17.20 13.82
CA TYR D 35 4.54 -16.55 12.61
C TYR D 35 3.79 -17.56 11.77
N ILE D 36 2.67 -17.10 11.20
CA ILE D 36 1.85 -17.93 10.35
C ILE D 36 2.52 -18.12 9.00
N SER D 37 2.00 -19.02 8.18
CA SER D 37 2.53 -19.26 6.85
C SER D 37 2.62 -17.97 6.03
N THR D 38 3.63 -17.87 5.15
CA THR D 38 3.84 -16.67 4.34
C THR D 38 2.74 -16.54 3.29
N ILE D 39 2.21 -15.31 3.19
CA ILE D 39 1.14 -15.00 2.27
C ILE D 39 1.61 -13.98 1.24
N GLY D 40 1.72 -14.40 0.00
CA GLY D 40 2.16 -13.52 -1.05
C GLY D 40 3.67 -13.44 -1.01
N VAL D 41 4.16 -12.27 -0.63
CA VAL D 41 5.62 -12.08 -0.44
C VAL D 41 5.89 -11.33 0.85
N ASP D 42 6.87 -11.79 1.59
CA ASP D 42 7.39 -11.03 2.71
C ASP D 42 8.66 -10.28 2.32
N PHE D 43 8.97 -9.24 3.10
CA PHE D 43 10.08 -8.37 2.80
C PHE D 43 10.85 -7.99 4.06
N LYS D 44 12.17 -7.96 3.92
CA LYS D 44 13.05 -7.59 5.02
C LYS D 44 14.30 -6.91 4.49
N ILE D 45 14.94 -6.13 5.35
CA ILE D 45 16.14 -5.40 4.98
C ILE D 45 17.28 -5.72 5.95
N ARG D 46 18.46 -6.02 5.42
CA ARG D 46 19.68 -6.04 6.23
C ARG D 46 20.88 -5.50 5.46
N THR D 47 21.65 -4.65 6.14
CA THR D 47 22.87 -4.08 5.57
C THR D 47 24.09 -4.77 6.18
N ILE D 48 25.01 -5.18 5.32
CA ILE D 48 26.22 -5.86 5.74
C ILE D 48 27.47 -5.11 5.27
N GLU D 49 28.59 -5.41 5.92
CA GLU D 49 29.91 -4.93 5.52
C GLU D 49 30.62 -5.98 4.69
N LEU D 50 31.15 -5.57 3.54
CA LEU D 50 31.89 -6.49 2.67
C LEU D 50 33.06 -5.82 1.96
N ASP D 51 34.27 -6.09 2.47
CA ASP D 51 35.53 -5.47 1.98
C ASP D 51 35.47 -3.94 2.04
N GLY D 52 35.12 -3.41 3.20
CA GLY D 52 35.00 -1.97 3.40
C GLY D 52 33.87 -1.30 2.63
N LYS D 53 33.13 -2.08 1.85
CA LYS D 53 32.03 -1.57 1.02
C LYS D 53 30.69 -1.85 1.70
N THR D 54 29.87 -0.82 1.84
CA THR D 54 28.57 -0.92 2.52
C THR D 54 27.47 -1.33 1.55
N ILE D 55 26.77 -2.43 1.86
CA ILE D 55 25.79 -2.99 0.91
C ILE D 55 24.43 -3.30 1.55
N LYS D 56 23.39 -2.64 1.01
CA LYS D 56 21.99 -2.80 1.45
C LYS D 56 21.32 -3.94 0.72
N LEU D 57 20.73 -4.85 1.48
CA LEU D 57 20.05 -5.99 0.89
C LEU D 57 18.56 -5.90 1.06
N GLN D 58 17.88 -5.63 -0.04
CA GLN D 58 16.43 -5.71 -0.11
C GLN D 58 16.12 -7.17 -0.37
N ILE D 59 15.62 -7.88 0.64
CA ILE D 59 15.34 -9.30 0.44
C ILE D 59 13.86 -9.64 0.41
N TRP D 60 13.48 -10.37 -0.64
CA TRP D 60 12.10 -10.77 -0.86
C TRP D 60 11.92 -12.26 -0.52
N ASP D 61 10.80 -12.58 0.12
CA ASP D 61 10.55 -13.92 0.66
C ASP D 61 9.22 -14.46 0.11
N THR D 62 9.29 -15.52 -0.69
CA THR D 62 8.11 -15.98 -1.42
C THR D 62 7.28 -17.04 -0.74
N ALA D 63 5.99 -17.03 -1.10
CA ALA D 63 5.06 -18.09 -0.78
C ALA D 63 5.32 -19.19 -1.80
N GLY D 64 5.55 -20.39 -1.31
CA GLY D 64 6.02 -21.45 -2.20
C GLY D 64 5.00 -22.46 -2.66
N GLN D 65 3.76 -22.38 -2.18
CA GLN D 65 2.70 -23.26 -2.69
C GLN D 65 2.39 -22.89 -4.14
N GLU D 66 2.23 -23.92 -4.98
CA GLU D 66 2.07 -23.73 -6.43
C GLU D 66 1.21 -22.52 -6.89
N ARG D 67 0.03 -22.33 -6.29
CA ARG D 67 -0.92 -21.32 -6.81
C ARG D 67 -0.38 -19.89 -6.66
N PHE D 68 0.71 -19.76 -5.94
CA PHE D 68 1.39 -18.48 -5.81
C PHE D 68 2.49 -18.30 -6.84
N ARG D 69 2.70 -19.28 -7.71
CA ARG D 69 3.79 -19.20 -8.66
C ARG D 69 3.64 -17.99 -9.58
N THR D 70 2.45 -17.83 -10.15
CA THR D 70 2.26 -16.78 -11.13
C THR D 70 2.57 -15.41 -10.53
N ILE D 71 2.13 -15.20 -9.32
CA ILE D 71 2.18 -13.89 -8.76
C ILE D 71 3.59 -13.74 -8.20
N THR D 72 4.12 -14.86 -7.75
CA THR D 72 5.46 -14.96 -7.22
C THR D 72 6.54 -14.81 -8.32
N SER D 73 6.24 -15.25 -9.55
CA SER D 73 7.18 -15.07 -10.68
C SER D 73 7.53 -13.62 -10.99
N SER D 74 6.57 -12.72 -10.85
CA SER D 74 6.80 -11.29 -11.13
C SER D 74 7.87 -10.61 -10.26
N TYR D 75 8.24 -11.22 -9.14
CA TYR D 75 9.32 -10.64 -8.32
C TYR D 75 10.74 -11.04 -8.77
N TYR D 76 10.83 -11.99 -9.71
CA TYR D 76 12.11 -12.53 -10.15
C TYR D 76 12.91 -11.53 -10.95
N ARG D 77 12.29 -10.90 -11.95
CA ARG D 77 13.05 -10.15 -12.93
C ARG D 77 13.92 -9.07 -12.33
N GLY D 78 13.62 -8.61 -11.13
CA GLY D 78 14.46 -7.57 -10.53
C GLY D 78 15.67 -8.05 -9.74
N ALA D 79 15.76 -9.36 -9.48
CA ALA D 79 16.72 -9.87 -8.50
C ALA D 79 18.15 -9.95 -9.03
N HIS D 80 19.12 -9.61 -8.17
CA HIS D 80 20.54 -9.74 -8.46
C HIS D 80 21.01 -11.12 -8.07
N GLY D 81 20.33 -11.70 -7.08
CA GLY D 81 20.61 -13.04 -6.61
C GLY D 81 19.32 -13.73 -6.21
N ILE D 82 19.26 -15.05 -6.40
CA ILE D 82 18.12 -15.87 -5.99
C ILE D 82 18.61 -17.10 -5.22
N ILE D 83 18.13 -17.26 -3.99
CA ILE D 83 18.50 -18.44 -3.23
C ILE D 83 17.36 -19.46 -3.37
N VAL D 84 17.72 -20.68 -3.77
CA VAL D 84 16.75 -21.78 -3.89
C VAL D 84 16.90 -22.71 -2.70
N VAL D 85 15.84 -22.80 -1.90
CA VAL D 85 15.88 -23.54 -0.65
C VAL D 85 15.06 -24.81 -0.78
N TYR D 86 15.64 -25.91 -0.33
CA TYR D 86 14.88 -27.14 -0.15
C TYR D 86 15.19 -27.70 1.23
N ASP D 87 14.36 -28.68 1.62
CA ASP D 87 14.44 -29.33 2.92
C ASP D 87 15.18 -30.65 2.76
N VAL D 88 16.19 -30.88 3.58
CA VAL D 88 17.00 -32.10 3.45
C VAL D 88 16.27 -33.36 3.87
N THR D 89 15.12 -33.19 4.50
CA THR D 89 14.35 -34.30 5.08
C THR D 89 13.12 -34.64 4.23
N ASP D 90 12.85 -33.80 3.24
CA ASP D 90 11.73 -34.03 2.33
C ASP D 90 12.27 -34.21 0.93
N GLN D 91 12.47 -35.47 0.56
CA GLN D 91 12.93 -35.86 -0.76
C GLN D 91 12.25 -35.09 -1.90
N GLU D 92 10.95 -34.80 -1.74
CA GLU D 92 10.18 -34.19 -2.81
C GLU D 92 10.66 -32.78 -3.12
N SER D 93 11.09 -32.06 -2.08
CA SER D 93 11.55 -30.66 -2.16
C SER D 93 12.82 -30.49 -3.01
N PHE D 94 13.73 -31.46 -2.91
CA PHE D 94 14.94 -31.46 -3.69
C PHE D 94 14.72 -31.83 -5.16
N ASN D 95 13.76 -32.71 -5.39
CA ASN D 95 13.35 -33.07 -6.75
C ASN D 95 12.75 -31.89 -7.51
N ASN D 96 12.13 -30.96 -6.78
CA ASN D 96 11.53 -29.77 -7.39
C ASN D 96 12.51 -28.68 -7.75
N VAL D 97 13.72 -28.76 -7.18
CA VAL D 97 14.77 -27.79 -7.43
C VAL D 97 14.95 -27.59 -8.94
N LYS D 98 14.80 -28.68 -9.70
CA LYS D 98 14.80 -28.60 -11.15
C LYS D 98 13.76 -27.60 -11.67
N GLN D 99 12.52 -27.72 -11.21
CA GLN D 99 11.45 -26.85 -11.69
C GLN D 99 11.69 -25.42 -11.28
N TRP D 100 12.20 -25.23 -10.06
CA TRP D 100 12.51 -23.88 -9.56
C TRP D 100 13.54 -23.15 -10.44
N LEU D 101 14.57 -23.87 -10.88
CA LEU D 101 15.59 -23.33 -11.76
C LEU D 101 15.05 -23.10 -13.15
N GLN D 102 14.04 -23.86 -13.55
CA GLN D 102 13.32 -23.57 -14.80
C GLN D 102 12.49 -22.29 -14.66
N GLU D 103 12.01 -22.02 -13.44
CA GLU D 103 11.34 -20.76 -13.15
C GLU D 103 12.36 -19.65 -13.17
N ILE D 104 13.54 -19.89 -12.60
CA ILE D 104 14.64 -18.93 -12.63
C ILE D 104 15.13 -18.64 -14.07
N ASP D 105 15.21 -19.68 -14.90
CA ASP D 105 15.54 -19.50 -16.32
C ASP D 105 14.52 -18.61 -17.04
N ARG D 106 13.26 -18.83 -16.69
CA ARG D 106 12.10 -18.30 -17.39
C ARG D 106 11.77 -16.86 -17.00
N TYR D 107 12.20 -16.44 -15.82
CA TYR D 107 11.72 -15.17 -15.30
C TYR D 107 12.82 -14.22 -14.87
N ALA D 108 13.91 -14.74 -14.32
CA ALA D 108 15.03 -13.93 -13.78
C ALA D 108 15.92 -13.33 -14.87
N SER D 109 16.85 -12.45 -14.47
CA SER D 109 17.81 -11.90 -15.43
C SER D 109 18.72 -12.99 -16.04
N GLU D 110 19.02 -12.82 -17.32
CA GLU D 110 19.89 -13.75 -18.04
C GLU D 110 21.11 -14.18 -17.19
N ASN D 111 21.62 -13.28 -16.36
CA ASN D 111 22.89 -13.51 -15.64
C ASN D 111 22.83 -13.27 -14.13
N VAL D 112 21.63 -13.46 -13.58
CA VAL D 112 21.39 -13.40 -12.14
C VAL D 112 22.28 -14.41 -11.43
N ASN D 113 22.54 -14.17 -10.15
CA ASN D 113 23.29 -15.10 -9.30
C ASN D 113 22.38 -16.13 -8.66
N LYS D 114 22.92 -17.30 -8.36
CA LYS D 114 22.13 -18.41 -7.80
C LYS D 114 22.81 -19.04 -6.58
N LEU D 115 22.02 -19.49 -5.63
CA LEU D 115 22.51 -20.26 -4.50
C LEU D 115 21.52 -21.38 -4.18
N LEU D 116 22.08 -22.58 -3.99
CA LEU D 116 21.27 -23.70 -3.60
C LEU D 116 21.46 -23.86 -2.10
N VAL D 117 20.37 -23.73 -1.34
CA VAL D 117 20.43 -23.97 0.10
C VAL D 117 19.52 -25.11 0.54
N GLY D 118 20.12 -26.12 1.16
CA GLY D 118 19.37 -27.20 1.78
C GLY D 118 19.26 -26.92 3.27
N ASN D 119 18.03 -26.73 3.73
CA ASN D 119 17.79 -26.26 5.08
C ASN D 119 17.46 -27.37 6.06
N LYS D 120 17.43 -27.00 7.33
CA LYS D 120 17.07 -27.88 8.46
C LYS D 120 18.02 -29.06 8.56
N CYS D 121 19.31 -28.80 8.38
CA CYS D 121 20.32 -29.84 8.44
C CYS D 121 20.61 -30.32 9.88
N ASP D 122 19.86 -29.78 10.84
CA ASP D 122 20.00 -30.15 12.24
C ASP D 122 19.27 -31.45 12.59
N LEU D 123 18.38 -31.88 11.70
CA LEU D 123 17.55 -33.06 11.92
C LEU D 123 18.25 -34.33 11.42
N THR D 124 19.49 -34.52 11.85
CA THR D 124 20.34 -35.66 11.51
C THR D 124 19.63 -37.00 11.35
N THR D 125 18.62 -37.25 12.18
CA THR D 125 17.95 -38.55 12.22
C THR D 125 16.76 -38.61 11.26
N LYS D 126 16.54 -37.52 10.55
CA LYS D 126 15.48 -37.41 9.56
C LYS D 126 15.99 -37.03 8.17
N LYS D 127 17.28 -36.77 8.07
CA LYS D 127 17.92 -36.34 6.83
C LYS D 127 17.88 -37.44 5.75
N VAL D 128 17.29 -37.11 4.60
CA VAL D 128 17.09 -38.09 3.50
C VAL D 128 17.82 -37.79 2.18
N VAL D 129 18.12 -36.53 1.89
CA VAL D 129 18.89 -36.18 0.70
C VAL D 129 20.33 -35.89 1.08
N ASP D 130 21.25 -36.73 0.60
CA ASP D 130 22.67 -36.64 0.97
C ASP D 130 23.39 -35.39 0.49
N TYR D 131 24.43 -35.01 1.23
CA TYR D 131 25.34 -33.96 0.83
C TYR D 131 25.81 -34.23 -0.59
N THR D 132 26.58 -35.32 -0.74
CA THR D 132 27.11 -35.75 -2.03
C THR D 132 26.07 -35.83 -3.16
N THR D 133 24.80 -35.97 -2.80
CA THR D 133 23.71 -35.95 -3.79
C THR D 133 23.50 -34.54 -4.35
N ALA D 134 23.30 -33.58 -3.45
CA ALA D 134 22.99 -32.21 -3.83
C ALA D 134 24.20 -31.49 -4.37
N LYS D 135 25.32 -31.67 -3.67
CA LYS D 135 26.59 -31.06 -4.03
C LYS D 135 27.01 -31.42 -5.46
N GLU D 136 26.71 -32.65 -5.87
CA GLU D 136 27.05 -33.16 -7.20
C GLU D 136 26.21 -32.44 -8.24
N PHE D 137 24.90 -32.39 -7.98
CA PHE D 137 23.97 -31.74 -8.86
C PHE D 137 24.21 -30.23 -8.99
N ALA D 138 24.64 -29.61 -7.90
CA ALA D 138 24.94 -28.18 -7.89
C ALA D 138 26.21 -27.89 -8.70
N ASP D 139 27.25 -28.68 -8.44
CA ASP D 139 28.52 -28.60 -9.17
C ASP D 139 28.29 -28.72 -10.66
N SER D 140 27.33 -29.56 -11.04
CA SER D 140 27.02 -29.81 -12.45
C SER D 140 26.49 -28.55 -13.14
N LEU D 141 25.68 -27.77 -12.43
CA LEU D 141 25.24 -26.48 -12.95
C LEU D 141 26.17 -25.34 -12.52
N GLY D 142 27.18 -25.68 -11.72
CA GLY D 142 28.15 -24.69 -11.25
C GLY D 142 27.50 -23.69 -10.35
N ILE D 143 26.64 -24.18 -9.46
CA ILE D 143 25.93 -23.33 -8.53
C ILE D 143 26.41 -23.59 -7.10
N PRO D 144 26.89 -22.52 -6.42
CA PRO D 144 27.30 -22.62 -5.02
C PRO D 144 26.28 -23.36 -4.17
N PHE D 145 26.75 -24.10 -3.17
CA PHE D 145 25.87 -24.94 -2.36
C PHE D 145 26.21 -24.95 -0.87
N LEU D 146 25.21 -24.66 -0.05
CA LEU D 146 25.34 -24.70 1.39
C LEU D 146 24.19 -25.46 2.02
N GLU D 147 24.50 -26.17 3.10
CA GLU D 147 23.48 -26.74 3.98
C GLU D 147 23.32 -25.80 5.16
N THR D 148 22.08 -25.60 5.62
CA THR D 148 21.83 -24.64 6.69
C THR D 148 20.94 -25.15 7.80
N SER D 149 20.87 -24.37 8.86
CA SER D 149 19.89 -24.55 9.92
C SER D 149 19.45 -23.19 10.45
N ALA D 150 18.27 -22.74 10.01
CA ALA D 150 17.67 -21.53 10.57
C ALA D 150 17.45 -21.70 12.07
N LYS D 151 17.34 -22.95 12.51
CA LYS D 151 17.18 -23.25 13.93
C LYS D 151 18.49 -23.18 14.72
N ASN D 152 19.62 -23.57 14.12
CA ASN D 152 20.94 -23.50 14.80
C ASN D 152 21.68 -22.18 14.58
N ALA D 153 21.34 -21.51 13.48
CA ALA D 153 22.11 -20.40 12.92
C ALA D 153 23.30 -20.89 12.09
N THR D 154 23.36 -22.22 11.87
CA THR D 154 24.38 -22.87 11.05
C THR D 154 24.34 -22.42 9.59
N ASN D 155 25.45 -21.84 9.13
CA ASN D 155 25.61 -21.45 7.73
C ASN D 155 24.62 -20.42 7.19
N VAL D 156 23.78 -19.84 8.05
CA VAL D 156 22.77 -18.89 7.59
C VAL D 156 23.41 -17.63 7.04
N GLU D 157 24.20 -16.95 7.88
CA GLU D 157 24.89 -15.73 7.48
C GLU D 157 25.85 -16.00 6.34
N GLN D 158 26.55 -17.13 6.42
CA GLN D 158 27.43 -17.58 5.34
C GLN D 158 26.72 -17.57 3.98
N SER D 159 25.48 -18.07 3.96
CA SER D 159 24.66 -18.15 2.75
C SER D 159 24.61 -16.83 2.00
N PHE D 160 24.10 -15.82 2.68
CA PHE D 160 23.85 -14.53 2.09
C PHE D 160 25.12 -13.80 1.73
N MET D 161 26.16 -13.98 2.54
CA MET D 161 27.41 -13.30 2.34
C MET D 161 28.15 -13.86 1.14
N THR D 162 27.91 -15.13 0.84
CA THR D 162 28.48 -15.77 -0.34
C THR D 162 27.76 -15.28 -1.59
N MET D 163 26.44 -15.22 -1.48
CA MET D 163 25.60 -14.58 -2.49
C MET D 163 26.06 -13.14 -2.78
N ALA D 164 26.20 -12.34 -1.73
CA ALA D 164 26.56 -10.93 -1.82
C ALA D 164 27.93 -10.70 -2.44
N ALA D 165 28.89 -11.53 -2.04
CA ALA D 165 30.25 -11.44 -2.57
C ALA D 165 30.29 -11.82 -4.05
N GLU D 166 29.40 -12.72 -4.45
CA GLU D 166 29.29 -13.16 -5.84
C GLU D 166 28.74 -12.09 -6.78
N ILE D 167 27.69 -11.39 -6.33
CA ILE D 167 27.07 -10.26 -7.05
C ILE D 167 28.05 -9.09 -7.14
N LYS D 168 28.68 -8.77 -6.02
CA LYS D 168 29.66 -7.70 -5.95
C LYS D 168 30.71 -7.99 -7.01
N LYS D 169 31.21 -9.22 -7.02
CA LYS D 169 32.19 -9.70 -8.00
C LYS D 169 31.73 -9.47 -9.45
N ARG D 170 30.43 -9.54 -9.68
CA ARG D 170 29.86 -9.27 -10.99
C ARG D 170 29.73 -7.77 -11.29
N MET D 171 29.71 -6.93 -10.26
CA MET D 171 29.60 -5.48 -10.46
C MET D 171 30.62 -4.65 -9.69
N GLU E 1 36.66 -8.56 28.18
CA GLU E 1 36.07 -7.22 28.45
C GLU E 1 36.41 -6.23 27.34
N MET E 2 35.63 -5.14 27.29
CA MET E 2 35.91 -3.97 26.44
C MET E 2 35.13 -2.78 26.98
N SER E 3 35.85 -1.70 27.28
CA SER E 3 35.31 -0.52 27.97
C SER E 3 34.04 0.10 27.37
N CYS E 4 33.31 0.83 28.20
CA CYS E 4 32.13 1.60 27.76
C CYS E 4 32.54 2.72 26.81
N ALA E 5 33.56 3.48 27.22
CA ALA E 5 34.11 4.56 26.42
C ALA E 5 34.52 4.05 25.04
N GLU E 6 35.25 2.93 25.02
CA GLU E 6 35.74 2.29 23.80
C GLU E 6 34.61 1.90 22.82
N LYS E 7 33.47 1.51 23.38
CA LYS E 7 32.34 1.05 22.60
C LYS E 7 31.71 2.20 21.82
N LEU E 8 31.48 3.32 22.49
CA LEU E 8 30.92 4.52 21.86
C LEU E 8 31.86 5.13 20.82
N LEU E 9 33.15 5.21 21.12
CA LEU E 9 34.16 5.62 20.15
C LEU E 9 33.91 4.89 18.85
N LYS E 10 33.83 3.56 18.95
CA LYS E 10 33.58 2.72 17.79
C LYS E 10 32.25 3.05 17.13
N VAL E 11 31.19 3.20 17.93
CA VAL E 11 29.87 3.53 17.40
C VAL E 11 29.90 4.84 16.62
N LEU E 12 30.47 5.87 17.24
CA LEU E 12 30.60 7.21 16.63
C LEU E 12 31.47 7.17 15.38
N SER E 13 32.56 6.43 15.47
CA SER E 13 33.53 6.30 14.40
C SER E 13 32.92 5.56 13.21
N PHE E 14 32.21 4.47 13.49
CA PHE E 14 31.55 3.70 12.44
C PHE E 14 30.30 4.42 11.95
N GLY E 15 29.70 5.21 12.84
CA GLY E 15 28.56 6.03 12.48
C GLY E 15 27.34 5.70 13.30
N LEU E 16 26.72 6.73 13.85
CA LEU E 16 25.56 6.55 14.73
C LEU E 16 24.27 6.26 13.95
N TRP E 17 24.26 6.61 12.67
CA TRP E 17 23.14 6.28 11.79
C TRP E 17 23.53 5.17 10.84
N ASN E 18 24.51 4.36 11.22
CA ASN E 18 24.98 3.30 10.34
C ASN E 18 23.93 2.22 10.12
N PRO E 19 23.51 2.03 8.85
CA PRO E 19 22.40 1.14 8.52
C PRO E 19 22.57 -0.26 9.09
N THR E 20 23.78 -0.84 8.94
CA THR E 20 24.09 -2.22 9.32
C THR E 20 23.59 -2.65 10.71
N TYR E 21 23.55 -1.69 11.64
CA TYR E 21 23.09 -1.92 13.00
C TYR E 21 21.67 -2.50 13.04
N SER E 22 21.49 -3.50 13.90
CA SER E 22 20.29 -4.34 13.89
C SER E 22 19.13 -3.93 14.80
N ARG E 23 18.93 -2.62 14.94
CA ARG E 23 17.73 -2.07 15.59
C ARG E 23 17.81 -2.33 17.11
N SER E 24 17.97 -3.60 17.49
CA SER E 24 18.12 -4.01 18.88
C SER E 24 19.37 -3.41 19.53
N GLU E 25 20.43 -3.31 18.74
CA GLU E 25 21.69 -2.71 19.18
C GLU E 25 21.56 -1.21 19.45
N ARG E 26 20.64 -0.56 18.74
CA ARG E 26 20.46 0.89 18.80
C ARG E 26 20.09 1.40 20.21
N GLN E 27 19.43 0.56 20.99
CA GLN E 27 19.11 0.87 22.39
C GLN E 27 20.36 0.99 23.25
N SER E 28 21.41 0.24 22.90
CA SER E 28 22.71 0.37 23.54
C SER E 28 23.30 1.77 23.34
N PHE E 29 23.38 2.21 22.09
CA PHE E 29 23.97 3.51 21.76
C PHE E 29 23.31 4.62 22.57
N GLN E 30 21.98 4.65 22.52
CA GLN E 30 21.19 5.62 23.28
C GLN E 30 21.70 5.78 24.71
N GLU E 31 21.75 4.66 25.44
CA GLU E 31 22.31 4.63 26.79
C GLU E 31 23.73 5.23 26.83
N LEU E 32 24.53 4.90 25.82
CA LEU E 32 25.91 5.39 25.74
C LEU E 32 25.96 6.86 25.32
N LEU E 33 25.09 7.22 24.38
CA LEU E 33 25.11 8.55 23.77
C LEU E 33 24.77 9.64 24.79
N THR E 34 23.69 9.46 25.54
CA THR E 34 23.24 10.47 26.48
C THR E 34 24.31 10.84 27.52
N VAL E 35 25.47 10.19 27.44
CA VAL E 35 26.58 10.49 28.36
C VAL E 35 27.40 11.68 27.85
N LEU E 36 27.46 11.80 26.52
CA LEU E 36 28.12 12.91 25.83
C LEU E 36 27.61 14.25 26.30
N GLU E 37 28.51 15.00 26.94
CA GLU E 37 28.23 16.32 27.48
C GLU E 37 29.20 17.31 26.88
N PRO E 38 28.70 18.43 26.31
CA PRO E 38 29.62 19.45 25.85
C PRO E 38 30.23 20.17 27.05
N VAL E 39 31.53 20.45 27.00
CA VAL E 39 32.27 21.16 28.06
C VAL E 39 33.05 22.33 27.46
N TYR E 40 33.72 23.11 28.31
CA TYR E 40 34.47 24.31 27.88
C TYR E 40 35.54 23.93 26.87
N PRO E 41 35.46 24.48 25.64
CA PRO E 41 36.53 24.31 24.65
C PRO E 41 37.73 25.22 24.94
N LEU E 42 38.90 24.85 24.42
CA LEU E 42 40.10 25.65 24.60
C LEU E 42 40.04 26.87 23.66
N PRO E 43 41.11 27.69 23.65
CA PRO E 43 41.23 28.82 22.71
C PRO E 43 40.91 28.47 21.26
N ASN E 44 41.40 27.33 20.78
CA ASN E 44 41.36 26.99 19.35
C ASN E 44 40.38 25.87 19.03
N GLU E 45 39.50 25.58 19.97
CA GLU E 45 38.56 24.48 19.82
C GLU E 45 37.16 24.97 19.43
N LEU E 46 36.63 24.43 18.33
CA LEU E 46 35.25 24.68 17.91
C LEU E 46 34.35 24.19 19.04
N GLY E 47 34.63 22.97 19.50
CA GLY E 47 33.95 22.40 20.66
C GLY E 47 34.73 21.28 21.36
N ARG E 48 34.52 21.17 22.66
CA ARG E 48 35.07 20.11 23.45
C ARG E 48 33.94 19.31 24.12
N VAL E 49 33.97 18.00 23.94
CA VAL E 49 32.90 17.11 24.41
C VAL E 49 33.49 15.96 25.26
N SER E 50 32.78 15.55 26.31
CA SER E 50 33.32 14.60 27.28
C SER E 50 32.27 13.65 27.83
N ALA E 51 32.65 12.40 28.00
CA ALA E 51 31.74 11.37 28.44
C ALA E 51 32.42 10.45 29.44
N ARG E 52 31.92 10.46 30.67
CA ARG E 52 32.44 9.58 31.72
C ARG E 52 31.45 8.46 32.03
N PHE E 53 31.93 7.26 32.25
CA PHE E 53 31.03 6.12 32.39
C PHE E 53 31.11 5.49 33.76
N SER E 54 29.97 4.94 34.19
CA SER E 54 29.87 4.24 35.46
C SER E 54 30.93 3.14 35.59
N ASP E 55 31.25 2.47 34.47
CA ASP E 55 32.26 1.41 34.48
C ASP E 55 33.68 1.93 34.76
N GLY E 56 33.85 3.24 34.92
CA GLY E 56 35.14 3.85 35.29
C GLY E 56 35.96 4.53 34.18
N SER E 57 35.69 4.15 32.93
CA SER E 57 36.35 4.77 31.80
C SER E 57 35.84 6.19 31.54
N SER E 58 36.58 6.93 30.72
CA SER E 58 36.11 8.21 30.23
C SER E 58 36.53 8.43 28.78
N LEU E 59 35.79 9.28 28.09
CA LEU E 59 36.06 9.66 26.72
C LEU E 59 36.08 11.18 26.64
N ARG E 60 37.05 11.73 25.92
CA ARG E 60 37.11 13.18 25.72
C ARG E 60 37.38 13.50 24.25
N ILE E 61 36.68 14.48 23.71
CA ILE E 61 36.72 14.78 22.29
C ILE E 61 36.84 16.27 22.03
N SER E 62 37.81 16.65 21.18
CA SER E 62 38.00 18.03 20.75
C SER E 62 37.84 18.17 19.24
N VAL E 63 37.05 19.16 18.83
CA VAL E 63 36.97 19.54 17.43
C VAL E 63 37.54 20.95 17.30
N THR E 64 38.60 21.06 16.50
CA THR E 64 39.26 22.34 16.19
C THR E 64 38.39 23.20 15.27
N ASN E 65 38.66 24.50 15.25
CA ASN E 65 37.92 25.39 14.33
C ASN E 65 38.07 24.97 12.85
N SER E 66 39.20 24.33 12.52
CA SER E 66 39.47 23.77 11.18
C SER E 66 38.86 22.37 10.93
N GLU E 67 37.91 21.98 11.80
CA GLU E 67 37.11 20.74 11.68
C GLU E 67 37.93 19.46 11.84
N SER E 68 38.95 19.52 12.70
CA SER E 68 39.82 18.38 12.95
C SER E 68 39.48 17.72 14.29
N ILE E 69 39.37 16.38 14.30
CA ILE E 69 38.79 15.62 15.44
C ILE E 69 39.77 14.70 16.17
N GLU E 70 39.95 14.91 17.48
CA GLU E 70 40.84 14.06 18.27
C GLU E 70 40.17 13.52 19.54
N ALA E 71 40.19 12.19 19.68
CA ALA E 71 39.56 11.47 20.79
C ALA E 71 40.60 10.96 21.78
N GLU E 72 40.31 11.12 23.07
CA GLU E 72 41.20 10.64 24.11
C GLU E 72 40.44 9.73 25.08
N ILE E 73 40.69 8.43 24.95
CA ILE E 73 40.06 7.43 25.81
C ILE E 73 40.84 7.27 27.12
N ARG E 74 40.15 6.87 28.18
CA ARG E 74 40.76 6.56 29.47
C ARG E 74 40.16 5.31 30.09
N THR E 75 40.83 4.17 29.89
CA THR E 75 40.40 2.89 30.47
C THR E 75 40.28 2.96 32.00
N PRO E 76 39.40 2.12 32.61
CA PRO E 76 39.17 2.08 34.06
C PRO E 76 40.42 2.30 34.91
N ASN E 77 41.47 1.54 34.63
CA ASN E 77 42.72 1.65 35.39
C ASN E 77 43.57 2.90 35.13
N ASN E 78 43.35 3.59 34.01
CA ASN E 78 44.20 4.74 33.68
C ASN E 78 45.49 4.51 32.86
N GLU E 79 45.32 4.05 31.62
CA GLU E 79 46.33 4.07 30.56
C GLU E 79 45.61 4.80 29.41
N LYS E 80 46.05 6.01 29.10
CA LYS E 80 45.32 6.86 28.16
C LYS E 80 45.80 6.74 26.72
N ILE E 81 44.88 6.74 25.76
CA ILE E 81 45.24 6.83 24.34
C ILE E 81 44.51 7.97 23.63
N THR E 82 45.15 8.54 22.61
CA THR E 82 44.56 9.61 21.83
C THR E 82 44.42 9.16 20.38
N VAL E 83 43.19 8.91 19.97
CA VAL E 83 42.91 8.46 18.62
C VAL E 83 42.68 9.67 17.73
N LEU E 84 42.79 9.46 16.42
CA LEU E 84 42.32 10.41 15.43
C LEU E 84 41.17 9.78 14.66
N LEU E 85 40.21 10.61 14.25
CA LEU E 85 39.01 10.12 13.56
C LEU E 85 38.59 11.08 12.47
N GLU E 86 37.69 10.63 11.60
CA GLU E 86 37.23 11.43 10.47
C GLU E 86 35.72 11.41 10.33
N SER E 87 35.18 12.50 9.77
CA SER E 87 33.75 12.58 9.46
C SER E 87 33.54 12.58 7.96
N ASN E 88 32.46 11.92 7.53
CA ASN E 88 32.09 11.84 6.11
C ASN E 88 30.59 11.55 5.96
N GLU E 89 30.17 11.21 4.75
CA GLU E 89 28.75 11.01 4.45
C GLU E 89 28.20 9.71 4.99
N GLN E 90 29.04 8.68 5.08
CA GLN E 90 28.62 7.43 5.68
C GLN E 90 28.45 7.28 7.19
N ASN E 91 29.32 7.94 7.97
CA ASN E 91 29.39 7.75 9.42
C ASN E 91 28.74 9.00 10.05
N ARG E 92 28.90 10.14 9.37
CA ARG E 92 28.26 11.39 9.75
C ARG E 92 28.71 11.91 11.12
N LEU E 93 29.98 11.65 11.45
CA LEU E 93 30.54 11.99 12.75
C LEU E 93 30.21 13.42 13.19
N LEU E 94 30.53 14.42 12.39
CA LEU E 94 30.27 15.79 12.82
C LEU E 94 28.82 16.00 13.23
N GLN E 95 27.90 15.56 12.38
CA GLN E 95 26.48 15.71 12.62
C GLN E 95 26.03 15.01 13.91
N SER E 96 26.90 14.19 14.48
CA SER E 96 26.50 13.36 15.60
C SER E 96 27.22 13.72 16.89
N LEU E 97 27.36 15.02 17.13
CA LEU E 97 27.97 15.53 18.36
C LEU E 97 27.22 16.77 18.81
N PRO E 98 27.24 17.10 20.11
CA PRO E 98 26.65 18.40 20.41
C PRO E 98 27.69 19.49 20.18
N ILE E 99 27.87 19.88 18.93
CA ILE E 99 28.81 20.93 18.54
C ILE E 99 28.12 21.94 17.64
N ASP E 100 28.54 23.21 17.76
CA ASP E 100 27.98 24.28 16.95
C ASP E 100 28.87 24.52 15.74
N ARG E 101 28.30 24.33 14.56
CA ARG E 101 29.06 24.44 13.30
C ARG E 101 28.71 25.67 12.48
N HIS E 102 29.70 26.21 11.78
CA HIS E 102 29.50 27.35 10.88
C HIS E 102 29.07 26.89 9.50
N MET E 103 27.81 26.49 9.34
CA MET E 103 27.31 25.97 8.06
C MET E 103 26.56 27.06 7.29
N PRO E 104 26.39 26.89 5.97
CA PRO E 104 25.59 27.84 5.21
C PRO E 104 24.09 27.54 5.29
N TYR E 105 23.75 26.41 5.90
CA TYR E 105 22.36 25.99 6.06
C TYR E 105 22.16 25.46 7.47
N ILE E 106 20.92 25.46 7.93
CA ILE E 106 20.61 24.86 9.21
C ILE E 106 20.63 23.33 9.07
N GLN E 107 21.39 22.66 9.93
CA GLN E 107 21.55 21.19 9.94
C GLN E 107 20.25 20.42 10.08
N VAL E 108 20.12 19.32 9.34
CA VAL E 108 18.90 18.53 9.43
C VAL E 108 19.23 17.11 9.85
N HIS E 109 18.56 16.65 10.89
CA HIS E 109 18.70 15.27 11.33
C HIS E 109 17.37 14.51 11.21
N ARG E 110 17.45 13.18 11.26
CA ARG E 110 16.25 12.36 11.44
C ARG E 110 16.34 11.52 12.71
N ALA E 111 15.18 11.30 13.33
CA ALA E 111 15.09 10.52 14.57
C ALA E 111 15.16 9.03 14.28
N LEU E 112 15.92 8.31 15.10
CA LEU E 112 16.20 6.89 14.90
C LEU E 112 15.00 6.00 15.28
N SER E 113 15.06 4.75 14.83
CA SER E 113 14.21 3.66 15.35
C SER E 113 12.73 4.03 15.52
N GLU E 114 12.25 3.90 16.77
CA GLU E 114 10.88 4.24 17.14
C GLU E 114 10.82 5.48 18.02
N MET E 115 10.88 6.64 17.37
CA MET E 115 10.68 7.92 18.03
C MET E 115 9.51 8.64 17.37
N ASP E 116 8.39 8.72 18.10
CA ASP E 116 7.22 9.44 17.63
C ASP E 116 7.06 10.72 18.43
N LEU E 117 5.93 11.42 18.23
CA LEU E 117 5.58 12.59 19.02
C LEU E 117 4.11 12.53 19.37
N THR E 118 3.76 11.61 20.27
CA THR E 118 2.38 11.47 20.71
C THR E 118 2.14 12.39 21.90
N ASP E 119 3.02 12.28 22.90
CA ASP E 119 2.87 12.99 24.16
C ASP E 119 4.19 13.60 24.60
N THR E 120 4.20 14.14 25.81
CA THR E 120 5.37 14.76 26.40
C THR E 120 6.55 13.81 26.47
N THR E 121 6.31 12.57 26.90
CA THR E 121 7.38 11.59 26.98
C THR E 121 8.10 11.42 25.64
N SER E 122 7.37 11.00 24.62
CA SER E 122 7.92 10.81 23.27
C SER E 122 8.72 12.03 22.79
N MET E 123 8.20 13.23 23.08
CA MET E 123 8.82 14.52 22.74
C MET E 123 10.13 14.76 23.48
N ARG E 124 10.08 14.70 24.81
CA ARG E 124 11.25 14.95 25.64
C ARG E 124 12.38 14.03 25.27
N ASN E 125 12.06 12.79 24.91
CA ASN E 125 13.09 11.85 24.53
C ASN E 125 13.78 12.30 23.24
N LEU E 126 13.01 12.95 22.36
CA LEU E 126 13.53 13.45 21.11
C LEU E 126 14.55 14.56 21.34
N LEU E 127 14.18 15.53 22.17
CA LEU E 127 15.17 16.53 22.60
C LEU E 127 16.39 15.84 23.21
N GLY E 128 16.11 14.84 24.07
CA GLY E 128 17.15 14.04 24.70
C GLY E 128 18.13 13.56 23.65
N PHE E 129 17.59 13.14 22.51
CA PHE E 129 18.40 12.74 21.37
C PHE E 129 19.04 13.95 20.67
N THR E 130 18.23 14.84 20.08
CA THR E 130 18.76 15.97 19.29
C THR E 130 19.81 16.86 19.98
N SER E 131 19.76 16.95 21.30
CA SER E 131 20.62 17.86 22.05
C SER E 131 22.03 17.32 22.14
N LYS E 132 22.26 16.19 21.46
CA LYS E 132 23.60 15.60 21.31
C LYS E 132 24.05 15.68 19.85
N LEU E 133 23.20 16.26 19.01
CA LEU E 133 23.43 16.38 17.59
C LEU E 133 23.80 17.78 17.18
N SER E 134 24.72 17.88 16.22
CA SER E 134 25.22 19.15 15.76
C SER E 134 24.12 20.13 15.44
N THR E 135 24.51 21.41 15.41
CA THR E 135 23.61 22.52 15.15
C THR E 135 24.27 23.48 14.13
N THR E 136 23.64 24.62 13.88
CA THR E 136 24.22 25.56 12.93
C THR E 136 24.06 26.95 13.47
N LEU E 137 25.17 27.65 13.68
CA LEU E 137 25.14 28.97 14.33
C LEU E 137 24.37 30.02 13.55
N ILE E 138 23.56 30.80 14.26
CA ILE E 138 22.79 31.89 13.67
C ILE E 138 23.28 33.21 14.21
N PRO E 139 23.65 34.15 13.32
CA PRO E 139 23.94 35.49 13.79
C PRO E 139 22.70 36.21 14.32
N HIS E 140 22.90 37.24 15.12
CA HIS E 140 21.82 38.11 15.50
C HIS E 140 22.21 39.54 15.20
N ASN E 141 21.22 40.40 15.01
CA ASN E 141 21.44 41.83 14.93
C ASN E 141 20.96 42.40 16.26
N ALA E 142 20.93 43.72 16.39
CA ALA E 142 20.38 44.34 17.60
C ALA E 142 18.91 44.08 17.94
N GLN E 143 18.14 43.71 16.93
CA GLN E 143 16.73 43.41 17.08
C GLN E 143 16.55 41.97 17.57
N THR E 144 17.56 41.15 17.35
CA THR E 144 17.44 39.76 17.77
C THR E 144 18.34 39.37 18.94
N ASP E 145 19.45 40.09 19.16
CA ASP E 145 20.34 39.85 20.31
C ASP E 145 19.51 39.70 21.58
N PRO E 146 19.48 38.48 22.15
CA PRO E 146 18.82 38.28 23.44
C PRO E 146 19.33 39.17 24.59
N LEU E 147 20.59 39.60 24.54
CA LEU E 147 21.12 40.49 25.60
C LEU E 147 20.79 41.96 25.35
N SER E 148 20.31 42.25 24.14
CA SER E 148 19.95 43.58 23.72
C SER E 148 18.53 43.90 24.20
N GLY E 149 18.04 45.09 23.86
CA GLY E 149 16.72 45.55 24.32
C GLY E 149 16.69 45.95 25.79
N PRO E 150 15.73 46.80 26.17
CA PRO E 150 15.68 47.57 27.41
C PRO E 150 15.79 46.73 28.66
N THR E 151 15.20 45.54 28.62
CA THR E 151 15.05 44.72 29.82
C THR E 151 15.59 43.28 29.65
N PRO E 152 16.91 43.13 29.40
CA PRO E 152 17.47 41.78 29.22
C PRO E 152 17.38 40.94 30.49
N PHE E 153 17.25 39.63 30.30
CA PHE E 153 17.24 38.65 31.39
C PHE E 153 16.14 38.88 32.44
N SER E 154 15.23 39.81 32.18
CA SER E 154 14.17 40.20 33.12
C SER E 154 13.45 39.02 33.76
N SER E 155 13.40 37.90 33.05
CA SER E 155 12.51 36.82 33.40
C SER E 155 13.17 35.54 33.84
N ILE E 156 14.49 35.52 34.03
CA ILE E 156 15.17 34.25 34.37
C ILE E 156 14.67 33.58 35.65
N PHE E 157 14.52 34.35 36.72
CA PHE E 157 14.07 33.78 37.99
C PHE E 157 12.67 33.22 37.82
N MET E 158 11.84 33.96 37.10
CA MET E 158 10.56 33.47 36.66
C MET E 158 10.72 32.25 35.72
N ASP E 159 11.72 32.29 34.83
CA ASP E 159 12.00 31.22 33.86
C ASP E 159 12.55 29.96 34.53
N THR E 160 13.52 30.14 35.42
CA THR E 160 14.09 29.05 36.17
C THR E 160 12.98 28.35 36.94
N CYS E 161 12.30 29.12 37.81
CA CYS E 161 11.16 28.64 38.59
C CYS E 161 10.27 27.63 37.89
N ARG E 162 9.73 28.02 36.73
CA ARG E 162 8.83 27.15 35.96
C ARG E 162 9.60 25.97 35.39
N GLY E 163 10.85 26.21 34.98
CA GLY E 163 11.64 25.21 34.31
C GLY E 163 12.08 24.08 35.20
N LEU E 164 12.61 24.42 36.37
CA LEU E 164 13.11 23.42 37.32
C LEU E 164 12.05 22.41 37.77
N GLY E 165 12.36 21.13 37.57
CA GLY E 165 11.43 20.05 37.84
C GLY E 165 10.86 19.52 36.54
N ASN E 166 11.06 20.29 35.49
CA ASN E 166 10.55 19.96 34.16
C ASN E 166 11.67 19.88 33.13
N ALA E 167 12.83 20.39 33.48
CA ALA E 167 13.94 20.33 32.55
C ALA E 167 14.58 18.95 32.63
N LYS E 168 15.32 18.57 31.58
CA LYS E 168 16.37 17.56 31.73
C LYS E 168 17.59 18.33 32.18
N LEU E 169 18.20 17.92 33.27
CA LEU E 169 19.34 18.68 33.77
C LEU E 169 20.50 17.79 34.05
N SER E 170 21.68 18.32 33.77
CA SER E 170 22.88 17.57 33.99
C SER E 170 23.96 18.50 34.48
N LEU E 171 24.57 18.18 35.62
CA LEU E 171 25.73 18.91 36.15
C LEU E 171 26.89 17.97 36.13
N ASN E 172 28.02 18.38 35.57
CA ASN E 172 29.19 17.50 35.47
C ASN E 172 28.84 16.06 35.08
N GLY E 173 27.91 15.90 34.14
CA GLY E 173 27.56 14.59 33.61
C GLY E 173 26.63 13.82 34.49
N VAL E 174 26.29 14.41 35.64
CA VAL E 174 25.36 13.79 36.55
C VAL E 174 23.96 14.31 36.25
N ASP E 175 23.04 13.40 35.94
CA ASP E 175 21.66 13.76 35.73
C ASP E 175 21.06 14.16 37.05
N ILE E 176 20.40 15.30 37.07
CA ILE E 176 19.72 15.81 38.25
C ILE E 176 18.22 15.69 37.97
N PRO E 177 17.56 14.66 38.53
CA PRO E 177 16.15 14.37 38.23
C PRO E 177 15.14 15.38 38.83
N ALA E 178 13.87 15.20 38.49
CA ALA E 178 12.78 16.07 38.95
C ALA E 178 12.83 16.48 40.42
N ASN E 179 12.85 15.52 41.35
CA ASN E 179 12.91 15.83 42.80
C ASN E 179 14.15 16.59 43.20
N ALA E 180 15.28 16.15 42.65
CA ALA E 180 16.55 16.82 42.88
C ALA E 180 16.49 18.26 42.35
N GLN E 181 15.69 18.49 41.30
CA GLN E 181 15.56 19.82 40.72
C GLN E 181 14.70 20.75 41.57
N MET E 182 13.65 20.20 42.17
CA MET E 182 12.76 20.96 43.05
C MET E 182 13.45 21.35 44.36
N LEU E 183 14.40 20.52 44.78
CA LEU E 183 15.26 20.82 45.91
C LEU E 183 16.20 21.96 45.57
N LEU E 184 16.87 21.83 44.44
CA LEU E 184 17.71 22.90 43.90
C LEU E 184 16.94 24.22 43.80
N ARG E 185 15.74 24.16 43.22
CA ARG E 185 14.85 25.31 43.12
C ARG E 185 14.74 26.01 44.47
N ASP E 186 14.37 25.24 45.49
CA ASP E 186 14.25 25.74 46.85
C ASP E 186 15.57 26.24 47.43
N ALA E 187 16.62 25.40 47.35
CA ALA E 187 17.96 25.75 47.82
C ALA E 187 18.35 27.16 47.37
N LEU E 188 17.95 27.50 46.14
CA LEU E 188 18.23 28.79 45.52
C LEU E 188 17.48 29.97 46.15
N GLY E 189 16.48 29.66 46.97
CA GLY E 189 15.60 30.67 47.52
C GLY E 189 14.62 31.20 46.49
N LEU E 190 14.30 30.37 45.50
CA LEU E 190 13.33 30.72 44.48
C LEU E 190 11.92 30.32 44.91
N LYS E 191 11.54 30.80 46.10
CA LYS E 191 10.26 30.50 46.75
C LYS E 191 9.06 30.56 45.83
N ASP E 192 8.98 31.61 45.02
CA ASP E 192 7.86 31.79 44.10
C ASP E 192 8.26 32.66 42.93
N THR E 193 7.35 32.77 41.96
CA THR E 193 7.42 33.78 40.91
C THR E 193 7.54 35.16 41.60
N HIS E 194 8.34 36.05 41.00
CA HIS E 194 8.56 37.42 41.53
C HIS E 194 9.48 37.46 42.76
N SER E 195 10.12 36.32 43.06
CA SER E 195 11.06 36.23 44.15
C SER E 195 12.47 35.86 43.66
N SER E 196 13.30 36.88 43.53
CA SER E 196 14.74 36.73 43.24
C SER E 196 15.39 35.81 44.30
N PRO E 197 16.57 35.23 43.99
CA PRO E 197 17.22 34.34 44.95
C PRO E 197 17.54 35.07 46.24
N THR E 198 17.65 34.34 47.34
CA THR E 198 18.00 34.94 48.62
C THR E 198 19.37 35.58 48.53
N ARG E 199 19.53 36.68 49.26
CA ARG E 199 20.73 37.52 49.25
C ARG E 199 22.01 36.73 49.55
N ASN E 200 21.92 35.80 50.50
CA ASN E 200 23.06 34.95 50.83
C ASN E 200 23.36 33.87 49.77
N VAL E 201 22.31 33.40 49.08
CA VAL E 201 22.48 32.48 47.96
C VAL E 201 23.25 33.16 46.84
N ILE E 202 22.80 34.35 46.46
CA ILE E 202 23.49 35.12 45.43
C ILE E 202 25.00 35.18 45.73
N ASP E 203 25.34 35.54 46.96
CA ASP E 203 26.74 35.81 47.35
C ASP E 203 27.59 34.56 47.68
N HIS E 204 27.01 33.60 48.39
CA HIS E 204 27.80 32.46 48.87
C HIS E 204 27.61 31.17 48.08
N GLY E 205 26.62 31.17 47.19
CA GLY E 205 26.19 29.96 46.50
C GLY E 205 25.13 29.23 47.29
N ILE E 206 25.02 27.93 47.06
CA ILE E 206 24.10 27.05 47.80
C ILE E 206 24.85 26.51 49.03
N SER E 207 24.14 26.24 50.12
CA SER E 207 24.77 25.72 51.35
C SER E 207 25.06 24.23 51.24
N ARG E 208 26.20 23.80 51.78
CA ARG E 208 26.66 22.42 51.61
C ARG E 208 25.59 21.44 52.04
N HIS E 209 24.88 21.79 53.10
CA HIS E 209 23.68 21.06 53.51
C HIS E 209 22.77 20.85 52.30
N ASP E 210 22.36 21.96 51.66
CA ASP E 210 21.49 21.90 50.50
C ASP E 210 22.09 21.08 49.36
N ALA E 211 23.36 21.35 49.04
CA ALA E 211 24.08 20.64 47.96
C ALA E 211 24.27 19.14 48.23
N GLU E 212 24.60 18.79 49.46
CA GLU E 212 24.71 17.39 49.89
C GLU E 212 23.40 16.65 49.66
N GLN E 213 22.32 17.27 50.11
CA GLN E 213 20.97 16.72 49.96
C GLN E 213 20.57 16.60 48.48
N ILE E 214 20.82 17.64 47.70
CA ILE E 214 20.54 17.65 46.26
C ILE E 214 21.33 16.56 45.53
N ALA E 215 22.63 16.46 45.82
CA ALA E 215 23.49 15.46 45.18
C ALA E 215 23.17 14.03 45.61
N ARG E 216 22.39 13.87 46.68
CA ARG E 216 21.94 12.56 47.14
C ARG E 216 20.81 12.01 46.27
N GLU E 217 19.83 12.84 45.96
CA GLU E 217 18.69 12.45 45.12
C GLU E 217 19.06 12.15 43.66
N SER E 218 20.24 12.59 43.26
CA SER E 218 20.67 12.52 41.87
C SER E 218 21.19 11.16 41.41
N SER E 219 21.17 10.96 40.08
CA SER E 219 21.66 9.76 39.39
C SER E 219 23.15 9.87 39.07
N GLY E 220 24.01 9.33 39.95
CA GLY E 220 25.47 9.40 39.75
C GLY E 220 26.36 8.61 40.70
N SER E 221 27.57 8.36 40.23
CA SER E 221 28.59 7.67 41.03
C SER E 221 29.09 8.58 42.15
N ASP E 222 29.41 7.97 43.29
CA ASP E 222 29.83 8.71 44.50
C ASP E 222 30.94 9.72 44.21
N LYS E 223 31.94 9.29 43.43
CA LYS E 223 33.04 10.17 43.04
C LYS E 223 32.51 11.40 42.30
N GLN E 224 31.40 11.22 41.59
CA GLN E 224 30.83 12.27 40.75
C GLN E 224 29.82 13.14 41.50
N LYS E 225 29.05 12.53 42.39
CA LYS E 225 28.14 13.27 43.26
C LYS E 225 28.91 14.32 44.07
N ALA E 226 30.21 14.09 44.25
CA ALA E 226 31.08 15.00 44.98
C ALA E 226 31.24 16.36 44.30
N GLU E 227 31.67 16.35 43.04
CA GLU E 227 31.94 17.60 42.31
C GLU E 227 30.69 18.47 42.25
N VAL E 228 29.55 17.82 41.99
CA VAL E 228 28.23 18.39 42.13
C VAL E 228 28.14 19.21 43.44
N VAL E 229 28.41 18.59 44.58
CA VAL E 229 28.40 19.30 45.87
C VAL E 229 29.37 20.48 45.82
N GLU E 230 30.59 20.25 45.35
CA GLU E 230 31.60 21.31 45.24
C GLU E 230 31.18 22.41 44.27
N PHE E 231 30.63 22.01 43.12
CA PHE E 231 30.13 22.93 42.10
C PHE E 231 29.04 23.86 42.67
N LEU E 232 28.05 23.28 43.34
CA LEU E 232 26.87 24.05 43.76
C LEU E 232 27.10 25.03 44.91
N CYS E 233 28.21 24.89 45.64
CA CYS E 233 28.52 25.77 46.77
C CYS E 233 29.19 27.07 46.36
N HIS E 234 29.44 27.19 45.05
CA HIS E 234 29.95 28.42 44.44
C HIS E 234 28.77 29.30 44.03
N PRO E 235 28.87 30.61 44.30
CA PRO E 235 27.84 31.56 43.89
C PRO E 235 27.53 31.44 42.38
N GLU E 236 28.56 31.26 41.57
CA GLU E 236 28.46 31.28 40.11
C GLU E 236 27.56 30.15 39.58
N ALA E 237 27.49 29.05 40.32
CA ALA E 237 26.68 27.90 39.94
C ALA E 237 25.20 28.27 39.85
N ALA E 238 24.75 29.18 40.71
CA ALA E 238 23.38 29.66 40.66
C ALA E 238 23.17 30.50 39.40
N THR E 239 24.15 31.35 39.08
CA THR E 239 24.11 32.12 37.86
C THR E 239 23.85 31.17 36.70
N ALA E 240 24.75 30.19 36.57
CA ALA E 240 24.72 29.18 35.52
C ALA E 240 23.34 28.56 35.38
N ILE E 241 22.88 27.95 36.45
CA ILE E 241 21.59 27.30 36.48
C ILE E 241 20.46 28.26 36.08
N CYS E 242 20.49 29.47 36.60
CA CYS E 242 19.39 30.40 36.37
C CYS E 242 19.45 31.05 35.02
N SER E 243 20.62 31.51 34.62
CA SER E 243 20.75 32.12 33.31
C SER E 243 20.33 31.10 32.26
N ALA E 244 20.68 29.84 32.50
CA ALA E 244 20.37 28.77 31.57
C ALA E 244 18.93 28.75 31.09
N PHE E 245 17.99 29.17 31.96
CA PHE E 245 16.54 29.06 31.68
C PHE E 245 15.86 30.20 30.90
N TYR E 246 16.66 31.15 30.46
CA TYR E 246 16.17 32.37 29.82
C TYR E 246 15.26 32.08 28.62
N GLN E 247 14.03 32.58 28.70
CA GLN E 247 13.06 32.37 27.63
C GLN E 247 13.55 32.83 26.23
N SER E 248 14.14 34.01 26.18
CA SER E 248 14.46 34.69 24.92
C SER E 248 15.70 34.16 24.20
N PHE E 249 16.47 33.33 24.88
CA PHE E 249 17.59 32.72 24.18
C PHE E 249 17.16 32.30 22.79
N ASN E 250 15.85 32.13 22.61
CA ASN E 250 15.30 31.53 21.41
C ASN E 250 14.93 32.47 20.26
N VAL E 251 15.07 33.78 20.49
CA VAL E 251 14.57 34.74 19.53
C VAL E 251 15.26 34.63 18.17
N PRO E 252 16.60 34.65 18.17
CA PRO E 252 17.36 34.38 16.93
C PRO E 252 16.79 33.23 16.13
N ALA E 253 16.66 32.06 16.74
CA ALA E 253 16.24 30.87 16.00
C ALA E 253 14.76 30.89 15.61
N LEU E 254 13.95 31.57 16.41
CA LEU E 254 12.53 31.67 16.12
C LEU E 254 12.25 32.66 14.99
N THR E 255 12.91 33.81 15.03
CA THR E 255 12.77 34.86 14.00
C THR E 255 12.82 34.25 12.59
N LEU E 256 13.54 33.14 12.49
CA LEU E 256 13.76 32.42 11.25
C LEU E 256 12.68 31.35 10.95
N THR E 257 11.94 30.93 11.98
CA THR E 257 11.05 29.77 11.83
C THR E 257 9.66 29.69 12.49
N HIS E 258 9.39 30.61 13.42
CA HIS E 258 8.15 30.64 14.23
C HIS E 258 6.85 30.31 13.47
N GLU E 259 6.56 30.99 12.35
CA GLU E 259 5.33 30.72 11.62
C GLU E 259 5.06 29.23 11.49
N ARG E 260 6.11 28.46 11.23
CA ARG E 260 6.02 27.02 11.03
C ARG E 260 5.85 26.26 12.35
N ILE E 261 6.11 26.96 13.45
CA ILE E 261 5.90 26.41 14.79
C ILE E 261 4.44 26.57 15.23
N SER E 262 3.83 27.72 14.93
CA SER E 262 2.38 27.94 15.12
C SER E 262 1.60 26.90 14.33
N LYS E 263 1.96 26.75 13.06
CA LYS E 263 1.41 25.73 12.15
C LYS E 263 1.32 24.37 12.84
N ALA E 264 2.43 23.95 13.44
CA ALA E 264 2.47 22.67 14.13
C ALA E 264 1.83 22.72 15.52
N SER E 265 1.55 23.92 16.03
CA SER E 265 0.88 24.05 17.33
C SER E 265 -0.63 23.99 17.17
N GLU E 266 -1.13 24.54 16.06
CA GLU E 266 -2.53 24.41 15.68
C GLU E 266 -2.85 22.98 15.29
N TYR E 267 -1.97 22.40 14.48
CA TYR E 267 -2.09 21.01 14.00
C TYR E 267 -2.08 20.00 15.15
N ASN E 268 -1.67 20.43 16.34
CA ASN E 268 -1.78 19.59 17.53
C ASN E 268 -2.98 19.93 18.40
N ALA E 269 -3.30 21.21 18.49
CA ALA E 269 -4.41 21.71 19.28
C ALA E 269 -5.75 21.23 18.75
N GLU E 270 -5.92 21.32 17.43
CA GLU E 270 -7.17 20.97 16.77
C GLU E 270 -7.48 19.49 16.78
N ARG E 271 -6.52 18.69 17.22
CA ARG E 271 -6.74 17.27 17.46
C ARG E 271 -6.19 16.83 18.83
N SER E 272 -6.15 17.80 19.75
CA SER E 272 -5.80 17.58 21.16
C SER E 272 -4.58 16.69 21.38
N LEU E 273 -3.39 17.24 21.16
CA LEU E 273 -2.18 16.47 21.36
C LEU E 273 -1.34 17.10 22.45
N THR E 275 0.88 17.43 24.62
CA THR E 275 2.12 18.02 24.14
C THR E 275 2.33 19.46 24.61
N PRO E 276 3.43 19.69 25.33
CA PRO E 276 3.80 21.02 25.82
C PRO E 276 4.28 21.98 24.73
N ASN E 277 4.40 23.24 25.11
CA ASN E 277 4.84 24.32 24.23
C ASN E 277 6.30 24.14 23.84
N ALA E 278 7.17 24.03 24.86
CA ALA E 278 8.64 23.87 24.69
C ALA E 278 9.20 22.96 25.76
N CYS E 279 10.35 22.35 25.46
CA CYS E 279 11.04 21.51 26.43
C CYS E 279 12.49 21.94 26.60
N ILE E 280 12.96 21.95 27.85
CA ILE E 280 14.33 22.36 28.15
C ILE E 280 15.22 21.17 28.49
N ASN E 281 16.43 21.15 27.93
CA ASN E 281 17.43 20.14 28.26
C ASN E 281 18.82 20.80 28.40
N ILE E 282 19.37 20.79 29.64
CA ILE E 282 20.55 21.58 29.99
C ILE E 282 21.77 20.78 30.48
N SER E 283 22.95 21.19 30.04
CA SER E 283 24.22 20.61 30.51
C SER E 283 25.18 21.67 30.97
N ILE E 284 25.49 21.66 32.27
CA ILE E 284 26.46 22.55 32.87
C ILE E 284 27.63 21.71 33.33
N SER E 285 28.85 22.22 33.14
CA SER E 285 30.08 21.45 33.40
C SER E 285 31.22 22.32 33.87
N GLN E 286 31.67 22.13 35.11
CA GLN E 286 32.83 22.86 35.65
C GLN E 286 34.12 22.03 35.55
N SER E 287 35.05 22.50 34.72
CA SER E 287 36.35 21.86 34.50
C SER E 287 37.19 21.85 35.80
N SER E 288 38.26 21.06 35.80
CA SER E 288 39.14 21.00 36.96
C SER E 288 40.08 22.23 37.07
N ASP E 289 39.66 23.35 36.50
CA ASP E 289 40.36 24.63 36.65
C ASP E 289 39.39 25.71 37.11
N GLY E 290 38.12 25.33 37.27
CA GLY E 290 37.04 26.26 37.61
C GLY E 290 36.59 27.05 36.39
N ASN E 291 36.20 26.33 35.35
CA ASN E 291 35.58 26.91 34.17
C ASN E 291 34.15 26.41 34.01
N ILE E 292 33.18 27.31 34.22
CA ILE E 292 31.79 26.92 34.11
C ILE E 292 31.30 27.19 32.70
N TYR E 293 30.78 26.12 32.09
CA TYR E 293 30.26 26.16 30.72
C TYR E 293 28.87 25.59 30.70
N VAL E 294 27.96 26.37 30.13
CA VAL E 294 26.56 26.02 30.08
C VAL E 294 26.23 25.76 28.63
N THR E 295 25.49 24.68 28.39
CA THR E 295 24.88 24.40 27.09
C THR E 295 23.41 24.13 27.34
N SER E 296 22.58 25.04 26.87
CA SER E 296 21.17 24.95 27.11
C SER E 296 20.42 24.66 25.85
N HIS E 297 19.47 23.74 25.91
CA HIS E 297 18.69 23.41 24.76
C HIS E 297 17.22 23.66 24.98
N THR E 298 16.61 24.28 23.99
CA THR E 298 15.17 24.28 23.85
C THR E 298 14.80 23.48 22.59
N GLY E 299 13.79 22.62 22.77
CA GLY E 299 13.23 21.82 21.69
C GLY E 299 11.77 22.18 21.50
N VAL E 300 11.42 22.53 20.27
CA VAL E 300 10.07 22.94 19.93
C VAL E 300 9.63 22.22 18.65
N LEU E 301 8.38 21.78 18.65
CA LEU E 301 7.82 21.10 17.49
C LEU E 301 7.67 22.09 16.35
N ILE E 302 8.19 21.73 15.17
CA ILE E 302 8.08 22.58 13.99
C ILE E 302 7.51 21.85 12.78
N MET E 303 6.69 22.54 11.98
CA MET E 303 6.22 22.02 10.68
C MET E 303 7.35 21.84 9.68
N ALA E 304 7.17 20.88 8.78
CA ALA E 304 8.20 20.61 7.79
C ALA E 304 8.19 21.72 6.74
N PRO E 305 9.23 21.76 5.89
CA PRO E 305 9.20 22.54 4.66
C PRO E 305 7.94 22.26 3.81
N GLU E 306 7.44 23.29 3.13
CA GLU E 306 6.18 23.24 2.37
C GLU E 306 5.87 21.94 1.60
N ASP E 307 6.89 21.41 0.91
CA ASP E 307 6.75 20.27 0.00
C ASP E 307 6.16 18.98 0.61
N ARG E 308 6.52 18.69 1.86
CA ARG E 308 5.97 17.56 2.58
C ARG E 308 4.93 18.07 3.55
N PRO E 309 3.64 17.95 3.19
CA PRO E 309 2.59 18.36 4.10
C PRO E 309 2.39 17.35 5.24
N ASN E 310 1.89 17.82 6.38
CA ASN E 310 1.59 16.96 7.54
C ASN E 310 2.84 16.46 8.30
N GLU E 311 4.00 16.60 7.68
CA GLU E 311 5.28 16.15 8.24
C GLU E 311 5.70 17.09 9.37
N MET E 312 6.12 16.51 10.49
CA MET E 312 6.41 17.28 11.68
C MET E 312 7.69 16.81 12.38
N GLY E 313 8.34 17.75 13.05
CA GLY E 313 9.64 17.53 13.70
C GLY E 313 10.03 18.61 14.70
N MET E 314 11.29 18.57 15.14
CA MET E 314 11.72 19.43 16.23
C MET E 314 12.86 20.38 15.86
N LEU E 315 12.55 21.67 15.94
CA LEU E 315 13.58 22.69 15.95
C LEU E 315 14.28 22.68 17.32
N THR E 316 15.59 22.44 17.30
CA THR E 316 16.38 22.44 18.51
C THR E 316 17.29 23.65 18.52
N ASN E 317 17.01 24.60 19.40
CA ASN E 317 17.88 25.76 19.60
C ASN E 317 18.90 25.54 20.73
N ARG E 318 20.19 25.64 20.39
CA ARG E 318 21.31 25.50 21.34
C ARG E 318 21.97 26.82 21.70
N THR E 319 22.11 27.10 22.98
CA THR E 319 22.81 28.30 23.45
C THR E 319 23.99 27.89 24.27
N SER E 320 25.19 28.32 23.89
CA SER E 320 26.39 28.02 24.67
C SER E 320 27.04 29.27 25.24
N TYR E 321 27.57 29.14 26.45
CA TYR E 321 28.34 30.21 27.08
C TYR E 321 29.12 29.75 28.30
N GLU E 322 30.35 30.28 28.41
CA GLU E 322 31.16 30.20 29.60
C GLU E 322 30.68 31.23 30.63
N VAL E 323 30.46 30.80 31.87
CA VAL E 323 30.27 31.72 33.00
C VAL E 323 31.60 31.91 33.77
N PRO E 324 32.26 33.08 33.60
CA PRO E 324 33.55 33.36 34.27
C PRO E 324 33.38 33.56 35.77
N GLN E 325 34.49 33.66 36.49
CA GLN E 325 34.44 33.81 37.94
C GLN E 325 34.05 35.23 38.36
N GLY E 326 33.42 35.31 39.52
CA GLY E 326 33.02 36.58 40.10
C GLY E 326 31.62 37.02 39.69
N VAL E 327 31.04 36.33 38.72
CA VAL E 327 29.68 36.66 38.25
C VAL E 327 28.64 36.04 39.15
N LYS E 328 27.81 36.88 39.76
CA LYS E 328 26.76 36.43 40.66
C LYS E 328 25.43 36.44 39.92
N CYS E 329 24.39 35.94 40.56
CA CYS E 329 23.08 35.75 39.94
C CYS E 329 22.36 37.05 39.68
N ILE E 331 20.64 39.57 37.62
CA ILE E 331 20.20 40.10 36.32
C ILE E 331 21.17 41.13 35.72
N ASP E 332 21.49 42.19 36.46
CA ASP E 332 22.42 43.22 35.95
C ASP E 332 23.81 42.64 35.64
N GLU E 333 24.27 41.83 36.59
CA GLU E 333 25.60 41.22 36.58
C GLU E 333 25.76 40.26 35.43
N MET E 334 24.71 39.48 35.18
CA MET E 334 24.68 38.58 34.05
C MET E 334 24.77 39.33 32.72
N VAL E 335 24.13 40.50 32.64
CA VAL E 335 23.88 41.18 31.36
C VAL E 335 25.14 41.58 30.59
N ARG E 336 26.04 42.32 31.21
CA ARG E 336 27.29 42.75 30.55
C ARG E 336 28.53 41.85 30.75
N ALA E 337 28.31 40.63 31.19
CA ALA E 337 29.32 39.60 31.38
C ALA E 337 29.26 38.31 30.54
N LEU E 338 28.05 37.82 30.27
CA LEU E 338 27.85 36.55 29.56
C LEU E 338 27.83 36.73 28.04
N GLN E 339 28.50 35.83 27.31
CA GLN E 339 28.65 35.98 25.85
C GLN E 339 28.20 34.73 25.04
N PRO E 340 26.89 34.49 24.99
CA PRO E 340 26.38 33.27 24.44
C PRO E 340 26.45 33.21 22.91
N ARG E 341 26.62 32.00 22.39
CA ARG E 341 26.47 31.74 20.97
C ARG E 341 25.10 31.04 20.79
N TYR E 342 24.54 31.15 19.58
CA TYR E 342 23.24 30.56 19.31
C TYR E 342 23.26 29.68 18.06
N ALA E 343 22.62 28.53 18.13
CA ALA E 343 22.57 27.66 16.98
C ALA E 343 21.34 26.81 17.03
N ALA E 344 20.93 26.31 15.87
CA ALA E 344 19.75 25.47 15.77
C ALA E 344 19.99 24.35 14.81
N SER E 345 19.35 23.20 15.05
CA SER E 345 19.19 22.17 14.03
C SER E 345 17.70 21.91 13.88
N GLU E 346 17.33 21.24 12.79
CA GLU E 346 15.95 20.80 12.58
C GLU E 346 15.93 19.31 12.40
N THR E 347 15.04 18.65 13.14
CA THR E 347 15.02 17.21 13.22
C THR E 347 13.61 16.67 13.09
N TYR E 348 13.43 15.81 12.08
CA TYR E 348 12.16 15.15 11.76
C TYR E 348 12.32 13.64 11.94
N LEU E 349 11.20 12.91 12.04
CA LEU E 349 11.23 11.48 12.39
C LEU E 349 10.84 10.65 11.15
N GLN E 350 10.35 9.43 11.37
CA GLN E 350 9.91 8.50 10.32
C GLN E 350 10.98 7.43 10.16
N LEU F 1 -9.20 37.21 19.43
CA LEU F 1 -9.25 35.75 19.73
C LEU F 1 -7.86 35.21 20.06
N LEU F 2 -7.12 35.99 20.86
CA LEU F 2 -5.73 35.71 21.21
C LEU F 2 -5.38 36.33 22.57
N LEU F 3 -4.32 35.82 23.21
CA LEU F 3 -3.92 36.26 24.57
C LEU F 3 -2.74 37.24 24.61
N ILE F 4 -2.79 38.16 25.58
CA ILE F 4 -1.93 39.33 25.68
C ILE F 4 -1.45 39.53 27.11
N GLY F 5 -0.42 40.35 27.32
CA GLY F 5 -0.01 40.72 28.68
C GLY F 5 1.47 41.01 28.92
N ASP F 6 1.99 40.43 30.01
CA ASP F 6 3.41 40.51 30.38
C ASP F 6 4.01 39.14 30.71
N SER F 7 5.29 39.13 31.09
CA SER F 7 6.03 37.89 31.34
C SER F 7 5.74 37.30 32.73
N GLY F 8 5.31 36.04 32.76
CA GLY F 8 5.14 35.30 34.00
C GLY F 8 3.98 35.72 34.88
N VAL F 9 2.79 35.88 34.28
CA VAL F 9 1.63 36.45 34.99
C VAL F 9 0.34 35.58 35.06
N GLY F 10 0.45 34.29 34.72
CA GLY F 10 -0.68 33.35 34.82
C GLY F 10 -1.57 33.23 33.60
N LYS F 11 -0.97 33.21 32.41
CA LYS F 11 -1.73 33.21 31.15
C LYS F 11 -1.83 31.83 30.49
N SER F 12 -0.76 31.03 30.61
CA SER F 12 -0.75 29.65 30.11
C SER F 12 -1.65 28.76 30.95
N CYS F 13 -1.54 28.89 32.28
CA CYS F 13 -2.38 28.16 33.22
C CYS F 13 -3.77 28.80 33.35
N LEU F 14 -4.01 29.87 32.59
CA LEU F 14 -5.34 30.50 32.47
C LEU F 14 -6.11 29.92 31.28
N LEU F 15 -5.46 29.91 30.12
CA LEU F 15 -6.00 29.26 28.92
C LEU F 15 -6.29 27.79 29.22
N LEU F 16 -5.35 27.13 29.89
CA LEU F 16 -5.48 25.73 30.31
C LEU F 16 -6.59 25.51 31.34
N ARG F 17 -6.90 26.55 32.12
CA ARG F 17 -8.00 26.47 33.09
C ARG F 17 -9.33 26.59 32.37
N PHE F 18 -9.48 27.65 31.57
CA PHE F 18 -10.69 27.88 30.77
C PHE F 18 -10.84 26.86 29.63
N ALA F 19 -9.81 26.05 29.40
CA ALA F 19 -9.86 24.97 28.42
C ALA F 19 -9.74 23.57 29.03
N ASP F 20 -9.59 23.50 30.37
CA ASP F 20 -9.60 22.23 31.11
C ASP F 20 -10.31 22.38 32.46
N TYR F 23 -5.35 24.22 36.11
CA TYR F 23 -4.30 24.96 36.80
C TYR F 23 -3.14 24.05 37.26
N THR F 24 -1.93 24.62 37.23
CA THR F 24 -0.72 23.99 37.74
C THR F 24 0.32 25.07 38.09
N TYR F 27 5.39 23.86 34.15
CA TYR F 27 5.69 23.90 32.73
C TYR F 27 6.68 25.01 32.41
N ILE F 28 7.57 24.75 31.46
CA ILE F 28 8.57 25.73 31.05
C ILE F 28 7.92 27.01 30.53
N SER F 29 8.53 28.14 30.84
CA SER F 29 8.01 29.45 30.39
C SER F 29 7.63 29.38 28.92
N THR F 30 6.59 30.12 28.55
CA THR F 30 6.10 30.16 27.18
C THR F 30 7.17 30.77 26.30
N ILE F 31 7.71 29.94 25.42
CA ILE F 31 8.71 30.33 24.44
C ILE F 31 7.96 30.68 23.16
N GLY F 32 7.76 31.97 22.93
CA GLY F 32 7.08 32.47 21.72
C GLY F 32 5.57 32.62 21.89
N VAL F 33 4.84 31.71 21.25
CA VAL F 33 3.37 31.71 21.28
C VAL F 33 2.81 30.31 21.58
N ASP F 34 1.92 30.20 22.58
CA ASP F 34 1.25 28.94 22.89
C ASP F 34 -0.21 28.97 22.44
N PHE F 35 -0.59 28.03 21.59
CA PHE F 35 -1.95 27.98 21.03
C PHE F 35 -2.74 26.79 21.59
N GLN F 50 -10.40 29.00 20.11
CA GLN F 50 -9.04 29.24 19.66
C GLN F 50 -8.39 30.37 20.45
N ILE F 51 -7.39 30.02 21.27
CA ILE F 51 -6.72 30.96 22.18
C ILE F 51 -5.19 30.97 21.99
N TRP F 52 -4.63 32.12 21.60
CA TRP F 52 -3.18 32.29 21.35
C TRP F 52 -2.43 32.95 22.51
N ASP F 53 -1.80 32.14 23.35
CA ASP F 53 -0.99 32.60 24.50
C ASP F 53 0.38 33.09 24.03
N THR F 54 0.80 34.23 24.54
CA THR F 54 2.02 34.90 24.09
C THR F 54 3.09 35.02 25.18
N ALA F 55 4.36 35.13 24.75
CA ALA F 55 5.48 35.43 25.64
C ALA F 55 5.43 36.90 26.10
N GLY F 56 6.31 37.29 27.00
CA GLY F 56 6.20 38.59 27.66
C GLY F 56 7.46 39.40 27.88
N GLN F 57 8.62 38.74 27.79
CA GLN F 57 9.87 39.46 27.86
C GLN F 57 10.02 40.28 26.57
N GLU F 58 10.69 41.42 26.64
CA GLU F 58 10.72 42.39 25.54
C GLU F 58 11.20 41.81 24.19
N ARG F 59 12.29 41.06 24.23
CA ARG F 59 12.94 40.58 23.01
C ARG F 59 12.03 39.74 22.11
N PHE F 60 10.87 39.36 22.64
CA PHE F 60 9.88 38.58 21.89
C PHE F 60 8.59 39.29 21.44
N ARG F 61 8.36 40.52 21.92
CA ARG F 61 7.16 41.32 21.59
C ARG F 61 6.81 41.26 20.11
N THR F 62 7.84 41.49 19.29
CA THR F 62 7.74 41.50 17.84
C THR F 62 7.09 40.31 17.16
N ILE F 63 7.67 39.15 17.44
CA ILE F 63 7.33 37.91 16.79
C ILE F 63 6.25 37.23 17.65
N SER F 65 4.77 43.01 16.40
CA SER F 65 3.38 43.31 16.05
C SER F 65 2.57 42.02 15.99
N SER F 66 3.16 40.99 15.40
CA SER F 66 2.50 39.72 15.21
C SER F 66 2.24 39.02 16.54
N ASP F 79 -1.34 43.02 35.95
CA ASP F 79 -1.41 41.71 36.60
C ASP F 79 -1.43 41.84 38.12
N VAL F 80 -2.51 41.37 38.72
CA VAL F 80 -2.78 41.56 40.15
C VAL F 80 -1.60 41.23 41.06
N THR F 81 -1.23 42.20 41.89
CA THR F 81 -0.12 42.09 42.85
C THR F 81 1.28 42.09 42.23
N ASP F 82 1.43 42.79 41.10
CA ASP F 82 2.73 42.93 40.45
C ASP F 82 2.94 44.33 39.89
N GLU F 84 4.05 47.53 38.35
CA GLU F 84 4.84 47.31 37.13
C GLU F 84 4.06 46.52 36.11
N SER F 85 3.22 45.61 36.61
CA SER F 85 2.38 44.75 35.78
C SER F 85 1.20 45.51 35.20
N PHE F 86 0.64 46.44 35.99
CA PHE F 86 -0.40 47.35 35.51
C PHE F 86 0.17 48.43 34.59
N ASN F 87 1.41 48.83 34.85
CA ASN F 87 2.12 49.86 34.07
C ASN F 87 2.28 49.52 32.59
N ASN F 88 2.58 48.26 32.31
CA ASN F 88 2.96 47.84 30.95
C ASN F 88 1.84 47.37 30.02
N VAL F 89 0.60 47.36 30.53
CA VAL F 89 -0.59 47.05 29.70
C VAL F 89 -0.96 48.26 28.84
N LYS F 90 -0.51 49.44 29.26
CA LYS F 90 -0.66 50.67 28.47
C LYS F 90 0.39 50.76 27.38
N GLN F 91 1.58 50.21 27.65
CA GLN F 91 2.62 50.07 26.65
C GLN F 91 2.21 49.02 25.61
N TRP F 92 1.34 48.10 26.01
CA TRP F 92 0.88 47.02 25.13
C TRP F 92 -0.52 47.25 24.52
N LEU F 93 -1.18 48.34 24.90
CA LEU F 93 -2.49 48.70 24.34
C LEU F 93 -2.37 49.29 22.92
N GLN F 94 -1.13 49.44 22.47
CA GLN F 94 -0.81 49.94 21.14
C GLN F 94 -0.34 48.84 20.18
N GLU F 95 0.12 47.71 20.73
CA GLU F 95 0.43 46.51 19.91
C GLU F 95 -0.86 45.80 19.53
N ILE F 96 -1.89 46.00 20.36
CA ILE F 96 -3.25 45.57 20.07
C ILE F 96 -3.91 46.49 19.03
N ASP F 97 -3.47 47.75 19.00
CA ASP F 97 -3.90 48.70 17.98
C ASP F 97 -2.83 48.82 16.88
N ARG F 98 -1.94 47.83 16.81
CA ARG F 98 -0.97 47.74 15.72
C ARG F 98 -1.19 46.49 14.88
N TYR F 99 -1.52 45.38 15.54
CA TYR F 99 -1.70 44.09 14.88
C TYR F 99 -2.88 43.67 14.00
N ALA F 100 -4.10 43.85 14.51
CA ALA F 100 -5.33 43.38 13.85
C ALA F 100 -6.03 44.63 13.28
N SER F 101 -7.25 44.46 12.75
CA SER F 101 -7.98 45.56 12.11
C SER F 101 -8.84 46.57 12.88
N GLU F 102 -9.86 46.07 13.59
CA GLU F 102 -10.74 46.92 14.38
C GLU F 102 -11.72 46.03 15.14
N LEU F 115 -3.45 38.17 45.93
CA LEU F 115 -3.02 37.51 47.17
C LEU F 115 -2.50 38.52 48.19
N THR F 116 -3.16 39.68 48.22
CA THR F 116 -2.82 40.81 49.10
C THR F 116 -2.48 40.44 50.55
N THR F 117 -1.30 40.88 50.99
CA THR F 117 -0.87 40.69 52.38
C THR F 117 -0.51 42.03 53.01
C1 PGE G . -1.49 -5.43 -10.48
O1 PGE G . -1.17 -6.18 -9.26
C2 PGE G . -1.28 -6.30 -11.71
O2 PGE G . -0.44 -7.50 -11.32
C3 PGE G . -0.30 -8.48 -12.40
C4 PGE G . 0.12 -9.75 -11.71
O4 PGE G . -1.27 -11.25 -14.29
C6 PGE G . -1.34 -12.38 -13.36
C5 PGE G . -1.01 -12.03 -11.89
O3 PGE G . -1.08 -10.59 -11.41
AL AF3 H . -2.70 3.96 -27.39
F1 AF3 H . -1.43 4.38 -26.28
F2 AF3 H . -2.48 2.66 -28.48
F3 AF3 H . -4.16 4.87 -27.18
PB GDP I . -0.91 5.07 -29.72
O1B GDP I . -1.98 5.28 -28.69
O2B GDP I . 0.48 5.57 -29.11
O3B GDP I . -0.78 3.54 -30.20
O3A GDP I . -1.13 6.10 -30.97
PA GDP I . -1.51 5.38 -32.36
O1A GDP I . -2.82 4.47 -32.25
O2A GDP I . -0.40 4.59 -32.93
O5' GDP I . -1.79 6.57 -33.40
C5' GDP I . -2.94 7.35 -33.10
C4' GDP I . -3.36 8.10 -34.38
O4' GDP I . -2.53 9.24 -34.67
C3' GDP I . -3.29 7.19 -35.60
O3' GDP I . -4.59 6.71 -35.98
C2' GDP I . -2.77 8.08 -36.71
O2' GDP I . -3.87 8.47 -37.54
C1' GDP I . -2.21 9.32 -36.06
N9 GDP I . -0.73 9.31 -36.33
C8 GDP I . 0.15 8.48 -35.78
N7 GDP I . 1.39 8.75 -36.25
C5 GDP I . 1.28 9.76 -37.12
C6 GDP I . 2.25 10.49 -37.95
O6 GDP I . 3.57 10.17 -37.93
N1 GDP I . 1.82 11.50 -38.74
C2 GDP I . 0.50 11.84 -38.75
N2 GDP I . 0.11 12.85 -39.57
N3 GDP I . -0.41 11.15 -37.99
C4 GDP I . -0.06 10.12 -37.18
MG MG J . -0.75 1.50 -29.36
AL AF3 K . 5.74 -20.92 2.98
F1 AF3 K . 6.61 -20.97 1.50
F2 AF3 K . 6.08 -19.59 4.04
F3 AF3 K . 4.54 -22.10 3.25
PB GDP L . 8.47 -21.43 4.38
O1B GDP L . 8.41 -19.88 4.80
O2B GDP L . 9.47 -21.68 3.15
O3B GDP L . 7.16 -21.94 3.92
O3A GDP L . 9.08 -22.37 5.56
PA GDP L . 8.88 -21.76 7.03
O1A GDP L . 9.88 -20.70 7.32
O2A GDP L . 7.37 -21.19 7.09
O5' GDP L . 9.10 -22.99 8.06
C5' GDP L . 7.94 -23.15 8.88
C4' GDP L . 8.28 -24.11 10.02
O4' GDP L . 9.28 -25.06 9.61
C3' GDP L . 8.89 -23.35 11.20
O3' GDP L . 7.91 -22.89 12.15
C2' GDP L . 9.83 -24.37 11.82
O2' GDP L . 9.14 -25.11 12.80
C1' GDP L . 10.26 -25.25 10.65
N9 GDP L . 11.65 -24.86 10.25
C8 GDP L . 12.03 -23.96 9.32
N7 GDP L . 13.39 -23.89 9.27
C5 GDP L . 13.87 -24.75 10.19
C6 GDP L . 15.22 -25.14 10.64
O6 GDP L . 16.35 -24.59 10.09
N1 GDP L . 15.32 -26.07 11.63
C2 GDP L . 14.20 -26.61 12.19
N2 GDP L . 14.29 -27.53 13.17
N3 GDP L . 12.97 -26.25 11.78
C4 GDP L . 12.78 -25.33 10.79
MG MG M . 7.70 -18.31 3.68
AL AF3 N . 5.10 34.31 30.02
F2 AF3 N . 4.95 32.84 29.15
F3 AF3 N . 6.56 34.65 30.85
PB GDP O . 2.85 33.60 31.90
O1B GDP O . 2.56 35.15 31.59
O2B GDP O . 4.30 33.40 31.58
O3B GDP O . 1.95 32.70 30.90
O3A GDP O . 2.47 33.41 33.48
PA GDP O . 2.50 31.95 34.19
O1A GDP O . 4.00 31.37 34.23
O2A GDP O . 1.63 31.02 33.43
O5' GDP O . 1.97 32.08 35.75
C5' GDP O . 1.53 30.87 36.38
MG MG P . 2.29 32.03 28.99
#